data_2W51
# 
_entry.id   2W51 
# 
_audit_conform.dict_name       mmcif_pdbx.dic 
_audit_conform.dict_version    5.398 
_audit_conform.dict_location   http://mmcif.pdb.org/dictionaries/ascii/mmcif_pdbx.dic 
# 
loop_
_database_2.database_id 
_database_2.database_code 
_database_2.pdbx_database_accession 
_database_2.pdbx_DOI 
PDB   2W51         pdb_00002w51 10.2210/pdb2w51/pdb 
PDBE  EBI-38247    ?            ?                   
WWPDB D_1290038247 ?            ?                   
# 
loop_
_pdbx_audit_revision_history.ordinal 
_pdbx_audit_revision_history.data_content_type 
_pdbx_audit_revision_history.major_revision 
_pdbx_audit_revision_history.minor_revision 
_pdbx_audit_revision_history.revision_date 
1 'Structure model' 1 0 2009-03-17 
2 'Structure model' 1 1 2011-05-08 
3 'Structure model' 1 2 2011-07-13 
4 'Structure model' 1 3 2019-02-27 
5 'Structure model' 1 4 2019-04-10 
6 'Structure model' 1 5 2024-05-01 
7 'Structure model' 1 6 2024-11-13 
# 
_pdbx_audit_revision_details.ordinal             1 
_pdbx_audit_revision_details.revision_ordinal    1 
_pdbx_audit_revision_details.data_content_type   'Structure model' 
_pdbx_audit_revision_details.provider            repository 
_pdbx_audit_revision_details.type                'Initial release' 
_pdbx_audit_revision_details.description         ? 
_pdbx_audit_revision_details.details             ? 
# 
loop_
_pdbx_audit_revision_group.ordinal 
_pdbx_audit_revision_group.revision_ordinal 
_pdbx_audit_revision_group.data_content_type 
_pdbx_audit_revision_group.group 
1  2 'Structure model' 'Version format compliance' 
2  3 'Structure model' 'Version format compliance' 
3  4 'Structure model' 'Data collection'           
4  4 'Structure model' 'Database references'       
5  4 'Structure model' 'Experimental preparation'  
6  4 'Structure model' Other                       
7  5 'Structure model' 'Data collection'           
8  5 'Structure model' 'Source and taxonomy'       
9  6 'Structure model' 'Data collection'           
10 6 'Structure model' 'Database references'       
11 6 'Structure model' Other                       
12 6 'Structure model' 'Refinement description'    
13 7 'Structure model' 'Structure summary'         
# 
loop_
_pdbx_audit_revision_category.ordinal 
_pdbx_audit_revision_category.revision_ordinal 
_pdbx_audit_revision_category.data_content_type 
_pdbx_audit_revision_category.category 
1  4 'Structure model' citation                      
2  4 'Structure model' exptl_crystal_grow            
3  4 'Structure model' pdbx_database_proc            
4  4 'Structure model' pdbx_database_status          
5  4 'Structure model' struct_biol                   
6  5 'Structure model' database_PDB_rev              
7  5 'Structure model' database_PDB_rev_record       
8  5 'Structure model' entity_src_gen                
9  6 'Structure model' chem_comp_atom                
10 6 'Structure model' chem_comp_bond                
11 6 'Structure model' database_2                    
12 6 'Structure model' pdbx_database_status          
13 6 'Structure model' pdbx_initial_refinement_model 
14 7 'Structure model' pdbx_entry_details            
15 7 'Structure model' pdbx_modification_feature     
# 
loop_
_pdbx_audit_revision_item.ordinal 
_pdbx_audit_revision_item.revision_ordinal 
_pdbx_audit_revision_item.data_content_type 
_pdbx_audit_revision_item.item 
1 4 'Structure model' '_citation.page_last'                         
2 4 'Structure model' '_exptl_crystal_grow.method'                  
3 4 'Structure model' '_exptl_crystal_grow.temp'                    
4 4 'Structure model' '_pdbx_database_status.recvd_author_approval' 
5 5 'Structure model' '_entity_src_gen.pdbx_host_org_cell_line'     
6 5 'Structure model' '_entity_src_gen.pdbx_host_org_variant'       
7 6 'Structure model' '_database_2.pdbx_DOI'                        
8 6 'Structure model' '_database_2.pdbx_database_accession'         
9 6 'Structure model' '_pdbx_database_status.status_code_sf'        
# 
_pdbx_database_status.status_code                     REL 
_pdbx_database_status.entry_id                        2W51 
_pdbx_database_status.deposit_site                    PDBE 
_pdbx_database_status.process_site                    PDBE 
_pdbx_database_status.SG_entry                        . 
_pdbx_database_status.recvd_initial_deposition_date   2008-12-03 
_pdbx_database_status.pdb_format_compatible           Y 
_pdbx_database_status.status_code_sf                  REL 
_pdbx_database_status.status_code_mr                  ? 
_pdbx_database_status.status_code_cs                  ? 
_pdbx_database_status.methods_development_category    ? 
_pdbx_database_status.status_code_nmr_data            ? 
# 
_pdbx_database_related.db_name        PDB 
_pdbx_database_related.db_id          2W50 
_pdbx_database_related.content_type   unspecified 
_pdbx_database_related.details        'N-TERMINAL DOMAIN OF HUMAN CONSERVED DOPAMINE NEUROTROPHIC FACTOR (CDNF)' 
# 
loop_
_audit_author.name 
_audit_author.pdbx_ordinal 
_audit_author.identifier_ORCID 
'Parkash, V.'    1 ? 
'Lindholm, P.'   2 ? 
'Peranen, J.'    3 ? 
'Kalkkinen, N.'  4 ? 
'Oksanen, E.'    5 ? 
'Saarma, M.'     6 ? 
'Leppanen, V.M.' 7 ? 
'Goldman, A.'    8 ? 
# 
_citation.id                        primary 
_citation.title                     
'The Structure of the Conserved Neurotrophic Factors Manf and Cdnf Explains Why They are Bifunctional.' 
_citation.journal_abbrev            'Protein Eng.Des.Sel.' 
_citation.journal_volume            22 
_citation.page_first                233 
_citation.page_last                 241 
_citation.year                      2009 
_citation.journal_id_ASTM           ? 
_citation.country                   UK 
_citation.journal_id_ISSN           1741-0126 
_citation.journal_id_CSD            ? 
_citation.book_publisher            ? 
_citation.pdbx_database_id_PubMed   19258449 
_citation.pdbx_database_id_DOI      10.1093/PROTEIN/GZN080 
# 
loop_
_citation_author.citation_id 
_citation_author.name 
_citation_author.ordinal 
_citation_author.identifier_ORCID 
primary 'Parkash, V.'    1 ? 
primary 'Lindholm, P.'   2 ? 
primary 'Peranen, J.'    3 ? 
primary 'Kalkkinen, N.'  4 ? 
primary 'Oksanen, E.'    5 ? 
primary 'Saarma, M.'     6 ? 
primary 'Leppanen, V.M.' 7 ? 
primary 'Goldman, A.'    8 ? 
# 
_entity.id                         1 
_entity.type                       polymer 
_entity.src_method                 man 
_entity.pdbx_description           'PROTEIN ARMET' 
_entity.formula_weight             18195.141 
_entity.pdbx_number_of_molecules   1 
_entity.pdbx_ec                    ? 
_entity.pdbx_mutation              ? 
_entity.pdbx_fragment              ? 
_entity.details                    ? 
# 
_entity_name_com.entity_id   1 
_entity_name_com.name        'MESENCEPHALIC ASTROCYTE-DERIVED NEUROTROPHIC FACTOR, ARGININE-RICH PROTEIN, MANF' 
# 
_entity_poly.entity_id                      1 
_entity_poly.type                           'polypeptide(L)' 
_entity_poly.nstd_linkage                   no 
_entity_poly.nstd_monomer                   no 
_entity_poly.pdbx_seq_one_letter_code       
;LRPGDCEVCISYLGRFYQDLKDRDVTFSPATIENELIKFCREARGKENRLCYYIGATDDAATKIINEVSKPLAHHIPVEK
ICEKLKKKDSQICELKYDKQIDLSTVDLKKLRVKELKKILDDWGETCKGCAEKSDYIRKINELMPKYAPKAASARTDL
;
_entity_poly.pdbx_seq_one_letter_code_can   
;LRPGDCEVCISYLGRFYQDLKDRDVTFSPATIENELIKFCREARGKENRLCYYIGATDDAATKIINEVSKPLAHHIPVEK
ICEKLKKKDSQICELKYDKQIDLSTVDLKKLRVKELKKILDDWGETCKGCAEKSDYIRKINELMPKYAPKAASARTDL
;
_entity_poly.pdbx_strand_id                 A 
_entity_poly.pdbx_target_identifier         ? 
# 
loop_
_entity_poly_seq.entity_id 
_entity_poly_seq.num 
_entity_poly_seq.mon_id 
_entity_poly_seq.hetero 
1 1   LEU n 
1 2   ARG n 
1 3   PRO n 
1 4   GLY n 
1 5   ASP n 
1 6   CYS n 
1 7   GLU n 
1 8   VAL n 
1 9   CYS n 
1 10  ILE n 
1 11  SER n 
1 12  TYR n 
1 13  LEU n 
1 14  GLY n 
1 15  ARG n 
1 16  PHE n 
1 17  TYR n 
1 18  GLN n 
1 19  ASP n 
1 20  LEU n 
1 21  LYS n 
1 22  ASP n 
1 23  ARG n 
1 24  ASP n 
1 25  VAL n 
1 26  THR n 
1 27  PHE n 
1 28  SER n 
1 29  PRO n 
1 30  ALA n 
1 31  THR n 
1 32  ILE n 
1 33  GLU n 
1 34  ASN n 
1 35  GLU n 
1 36  LEU n 
1 37  ILE n 
1 38  LYS n 
1 39  PHE n 
1 40  CYS n 
1 41  ARG n 
1 42  GLU n 
1 43  ALA n 
1 44  ARG n 
1 45  GLY n 
1 46  LYS n 
1 47  GLU n 
1 48  ASN n 
1 49  ARG n 
1 50  LEU n 
1 51  CYS n 
1 52  TYR n 
1 53  TYR n 
1 54  ILE n 
1 55  GLY n 
1 56  ALA n 
1 57  THR n 
1 58  ASP n 
1 59  ASP n 
1 60  ALA n 
1 61  ALA n 
1 62  THR n 
1 63  LYS n 
1 64  ILE n 
1 65  ILE n 
1 66  ASN n 
1 67  GLU n 
1 68  VAL n 
1 69  SER n 
1 70  LYS n 
1 71  PRO n 
1 72  LEU n 
1 73  ALA n 
1 74  HIS n 
1 75  HIS n 
1 76  ILE n 
1 77  PRO n 
1 78  VAL n 
1 79  GLU n 
1 80  LYS n 
1 81  ILE n 
1 82  CYS n 
1 83  GLU n 
1 84  LYS n 
1 85  LEU n 
1 86  LYS n 
1 87  LYS n 
1 88  LYS n 
1 89  ASP n 
1 90  SER n 
1 91  GLN n 
1 92  ILE n 
1 93  CYS n 
1 94  GLU n 
1 95  LEU n 
1 96  LYS n 
1 97  TYR n 
1 98  ASP n 
1 99  LYS n 
1 100 GLN n 
1 101 ILE n 
1 102 ASP n 
1 103 LEU n 
1 104 SER n 
1 105 THR n 
1 106 VAL n 
1 107 ASP n 
1 108 LEU n 
1 109 LYS n 
1 110 LYS n 
1 111 LEU n 
1 112 ARG n 
1 113 VAL n 
1 114 LYS n 
1 115 GLU n 
1 116 LEU n 
1 117 LYS n 
1 118 LYS n 
1 119 ILE n 
1 120 LEU n 
1 121 ASP n 
1 122 ASP n 
1 123 TRP n 
1 124 GLY n 
1 125 GLU n 
1 126 THR n 
1 127 CYS n 
1 128 LYS n 
1 129 GLY n 
1 130 CYS n 
1 131 ALA n 
1 132 GLU n 
1 133 LYS n 
1 134 SER n 
1 135 ASP n 
1 136 TYR n 
1 137 ILE n 
1 138 ARG n 
1 139 LYS n 
1 140 ILE n 
1 141 ASN n 
1 142 GLU n 
1 143 LEU n 
1 144 MET n 
1 145 PRO n 
1 146 LYS n 
1 147 TYR n 
1 148 ALA n 
1 149 PRO n 
1 150 LYS n 
1 151 ALA n 
1 152 ALA n 
1 153 SER n 
1 154 ALA n 
1 155 ARG n 
1 156 THR n 
1 157 ASP n 
1 158 LEU n 
# 
_entity_src_gen.entity_id                          1 
_entity_src_gen.pdbx_src_id                        1 
_entity_src_gen.pdbx_alt_source_flag               sample 
_entity_src_gen.pdbx_seq_type                      ? 
_entity_src_gen.pdbx_beg_seq_num                   ? 
_entity_src_gen.pdbx_end_seq_num                   ? 
_entity_src_gen.gene_src_common_name               HUMAN 
_entity_src_gen.gene_src_genus                     ? 
_entity_src_gen.pdbx_gene_src_gene                 ? 
_entity_src_gen.gene_src_species                   ? 
_entity_src_gen.gene_src_strain                    ? 
_entity_src_gen.gene_src_tissue                    ? 
_entity_src_gen.gene_src_tissue_fraction           ? 
_entity_src_gen.gene_src_details                   ? 
_entity_src_gen.pdbx_gene_src_fragment             ? 
_entity_src_gen.pdbx_gene_src_scientific_name      'HOMO SAPIENS' 
_entity_src_gen.pdbx_gene_src_ncbi_taxonomy_id     9606 
_entity_src_gen.pdbx_gene_src_variant              ? 
_entity_src_gen.pdbx_gene_src_cell_line            ? 
_entity_src_gen.pdbx_gene_src_atcc                 ? 
_entity_src_gen.pdbx_gene_src_organ                ? 
_entity_src_gen.pdbx_gene_src_organelle            ? 
_entity_src_gen.pdbx_gene_src_cell                 ? 
_entity_src_gen.pdbx_gene_src_cellular_location    ? 
_entity_src_gen.host_org_common_name               ? 
_entity_src_gen.pdbx_host_org_scientific_name      'ESCHERICHIA COLI' 
_entity_src_gen.pdbx_host_org_ncbi_taxonomy_id     562 
_entity_src_gen.host_org_genus                     ? 
_entity_src_gen.pdbx_host_org_gene                 ? 
_entity_src_gen.pdbx_host_org_organ                ? 
_entity_src_gen.host_org_species                   ? 
_entity_src_gen.pdbx_host_org_tissue               ? 
_entity_src_gen.pdbx_host_org_tissue_fraction      ? 
_entity_src_gen.pdbx_host_org_strain               ? 
_entity_src_gen.pdbx_host_org_variant              'Origami DE3' 
_entity_src_gen.pdbx_host_org_cell_line            ? 
_entity_src_gen.pdbx_host_org_atcc                 ? 
_entity_src_gen.pdbx_host_org_culture_collection   ? 
_entity_src_gen.pdbx_host_org_cell                 ? 
_entity_src_gen.pdbx_host_org_organelle            ? 
_entity_src_gen.pdbx_host_org_cellular_location    ? 
_entity_src_gen.pdbx_host_org_vector_type          ? 
_entity_src_gen.pdbx_host_org_vector               ? 
_entity_src_gen.host_org_details                   ? 
_entity_src_gen.expression_system_id               ? 
_entity_src_gen.plasmid_name                       ? 
_entity_src_gen.plasmid_details                    ? 
_entity_src_gen.pdbx_description                   ? 
# 
loop_
_chem_comp.id 
_chem_comp.type 
_chem_comp.mon_nstd_flag 
_chem_comp.name 
_chem_comp.pdbx_synonyms 
_chem_comp.formula 
_chem_comp.formula_weight 
ALA 'L-peptide linking' y ALANINE         ? 'C3 H7 N O2'     89.093  
ARG 'L-peptide linking' y ARGININE        ? 'C6 H15 N4 O2 1' 175.209 
ASN 'L-peptide linking' y ASPARAGINE      ? 'C4 H8 N2 O3'    132.118 
ASP 'L-peptide linking' y 'ASPARTIC ACID' ? 'C4 H7 N O4'     133.103 
CYS 'L-peptide linking' y CYSTEINE        ? 'C3 H7 N O2 S'   121.158 
GLN 'L-peptide linking' y GLUTAMINE       ? 'C5 H10 N2 O3'   146.144 
GLU 'L-peptide linking' y 'GLUTAMIC ACID' ? 'C5 H9 N O4'     147.129 
GLY 'peptide linking'   y GLYCINE         ? 'C2 H5 N O2'     75.067  
HIS 'L-peptide linking' y HISTIDINE       ? 'C6 H10 N3 O2 1' 156.162 
ILE 'L-peptide linking' y ISOLEUCINE      ? 'C6 H13 N O2'    131.173 
LEU 'L-peptide linking' y LEUCINE         ? 'C6 H13 N O2'    131.173 
LYS 'L-peptide linking' y LYSINE          ? 'C6 H15 N2 O2 1' 147.195 
MET 'L-peptide linking' y METHIONINE      ? 'C5 H11 N O2 S'  149.211 
PHE 'L-peptide linking' y PHENYLALANINE   ? 'C9 H11 N O2'    165.189 
PRO 'L-peptide linking' y PROLINE         ? 'C5 H9 N O2'     115.130 
SER 'L-peptide linking' y SERINE          ? 'C3 H7 N O3'     105.093 
THR 'L-peptide linking' y THREONINE       ? 'C4 H9 N O3'     119.119 
TRP 'L-peptide linking' y TRYPTOPHAN      ? 'C11 H12 N2 O2'  204.225 
TYR 'L-peptide linking' y TYROSINE        ? 'C9 H11 N O3'    181.189 
VAL 'L-peptide linking' y VALINE          ? 'C5 H11 N O2'    117.146 
# 
loop_
_pdbx_poly_seq_scheme.asym_id 
_pdbx_poly_seq_scheme.entity_id 
_pdbx_poly_seq_scheme.seq_id 
_pdbx_poly_seq_scheme.mon_id 
_pdbx_poly_seq_scheme.ndb_seq_num 
_pdbx_poly_seq_scheme.pdb_seq_num 
_pdbx_poly_seq_scheme.auth_seq_num 
_pdbx_poly_seq_scheme.pdb_mon_id 
_pdbx_poly_seq_scheme.auth_mon_id 
_pdbx_poly_seq_scheme.pdb_strand_id 
_pdbx_poly_seq_scheme.pdb_ins_code 
_pdbx_poly_seq_scheme.hetero 
A 1 1   LEU 1   1   1   LEU LEU A . n 
A 1 2   ARG 2   2   2   ARG ARG A . n 
A 1 3   PRO 3   3   3   PRO PRO A . n 
A 1 4   GLY 4   4   4   GLY GLY A . n 
A 1 5   ASP 5   5   5   ASP ASP A . n 
A 1 6   CYS 6   6   6   CYS CYS A . n 
A 1 7   GLU 7   7   7   GLU GLU A . n 
A 1 8   VAL 8   8   8   VAL VAL A . n 
A 1 9   CYS 9   9   9   CYS CYS A . n 
A 1 10  ILE 10  10  10  ILE ILE A . n 
A 1 11  SER 11  11  11  SER SER A . n 
A 1 12  TYR 12  12  12  TYR TYR A . n 
A 1 13  LEU 13  13  13  LEU LEU A . n 
A 1 14  GLY 14  14  14  GLY GLY A . n 
A 1 15  ARG 15  15  15  ARG ARG A . n 
A 1 16  PHE 16  16  16  PHE PHE A . n 
A 1 17  TYR 17  17  17  TYR TYR A . n 
A 1 18  GLN 18  18  18  GLN GLN A . n 
A 1 19  ASP 19  19  19  ASP ASP A . n 
A 1 20  LEU 20  20  20  LEU LEU A . n 
A 1 21  LYS 21  21  21  LYS LYS A . n 
A 1 22  ASP 22  22  22  ASP ASP A . n 
A 1 23  ARG 23  23  23  ARG ARG A . n 
A 1 24  ASP 24  24  24  ASP ASP A . n 
A 1 25  VAL 25  25  25  VAL VAL A . n 
A 1 26  THR 26  26  26  THR THR A . n 
A 1 27  PHE 27  27  27  PHE PHE A . n 
A 1 28  SER 28  28  28  SER SER A . n 
A 1 29  PRO 29  29  29  PRO PRO A . n 
A 1 30  ALA 30  30  30  ALA ALA A . n 
A 1 31  THR 31  31  31  THR THR A . n 
A 1 32  ILE 32  32  32  ILE ILE A . n 
A 1 33  GLU 33  33  33  GLU GLU A . n 
A 1 34  ASN 34  34  34  ASN ASN A . n 
A 1 35  GLU 35  35  35  GLU GLU A . n 
A 1 36  LEU 36  36  36  LEU LEU A . n 
A 1 37  ILE 37  37  37  ILE ILE A . n 
A 1 38  LYS 38  38  38  LYS LYS A . n 
A 1 39  PHE 39  39  39  PHE PHE A . n 
A 1 40  CYS 40  40  40  CYS CYS A . n 
A 1 41  ARG 41  41  41  ARG ARG A . n 
A 1 42  GLU 42  42  42  GLU GLU A . n 
A 1 43  ALA 43  43  43  ALA ALA A . n 
A 1 44  ARG 44  44  44  ARG ARG A . n 
A 1 45  GLY 45  45  45  GLY GLY A . n 
A 1 46  LYS 46  46  46  LYS LYS A . n 
A 1 47  GLU 47  47  47  GLU GLU A . n 
A 1 48  ASN 48  48  48  ASN ASN A . n 
A 1 49  ARG 49  49  49  ARG ARG A . n 
A 1 50  LEU 50  50  50  LEU LEU A . n 
A 1 51  CYS 51  51  51  CYS CYS A . n 
A 1 52  TYR 52  52  52  TYR TYR A . n 
A 1 53  TYR 53  53  53  TYR TYR A . n 
A 1 54  ILE 54  54  54  ILE ILE A . n 
A 1 55  GLY 55  55  55  GLY GLY A . n 
A 1 56  ALA 56  56  56  ALA ALA A . n 
A 1 57  THR 57  57  57  THR THR A . n 
A 1 58  ASP 58  58  58  ASP ASP A . n 
A 1 59  ASP 59  59  59  ASP ASP A . n 
A 1 60  ALA 60  60  60  ALA ALA A . n 
A 1 61  ALA 61  61  61  ALA ALA A . n 
A 1 62  THR 62  62  62  THR THR A . n 
A 1 63  LYS 63  63  63  LYS LYS A . n 
A 1 64  ILE 64  64  64  ILE ILE A . n 
A 1 65  ILE 65  65  65  ILE ILE A . n 
A 1 66  ASN 66  66  66  ASN ASN A . n 
A 1 67  GLU 67  67  67  GLU GLU A . n 
A 1 68  VAL 68  68  68  VAL VAL A . n 
A 1 69  SER 69  69  69  SER SER A . n 
A 1 70  LYS 70  70  70  LYS LYS A . n 
A 1 71  PRO 71  71  71  PRO PRO A . n 
A 1 72  LEU 72  72  72  LEU LEU A . n 
A 1 73  ALA 73  73  73  ALA ALA A . n 
A 1 74  HIS 74  74  74  HIS HIS A . n 
A 1 75  HIS 75  75  75  HIS HIS A . n 
A 1 76  ILE 76  76  76  ILE ILE A . n 
A 1 77  PRO 77  77  77  PRO PRO A . n 
A 1 78  VAL 78  78  78  VAL VAL A . n 
A 1 79  GLU 79  79  79  GLU GLU A . n 
A 1 80  LYS 80  80  80  LYS LYS A . n 
A 1 81  ILE 81  81  81  ILE ILE A . n 
A 1 82  CYS 82  82  82  CYS CYS A . n 
A 1 83  GLU 83  83  83  GLU GLU A . n 
A 1 84  LYS 84  84  84  LYS LYS A . n 
A 1 85  LEU 85  85  85  LEU LEU A . n 
A 1 86  LYS 86  86  86  LYS LYS A . n 
A 1 87  LYS 87  87  87  LYS LYS A . n 
A 1 88  LYS 88  88  88  LYS LYS A . n 
A 1 89  ASP 89  89  89  ASP ASP A . n 
A 1 90  SER 90  90  90  SER SER A . n 
A 1 91  GLN 91  91  91  GLN GLN A . n 
A 1 92  ILE 92  92  92  ILE ILE A . n 
A 1 93  CYS 93  93  93  CYS CYS A . n 
A 1 94  GLU 94  94  94  GLU GLU A . n 
A 1 95  LEU 95  95  95  LEU LEU A . n 
A 1 96  LYS 96  96  96  LYS LYS A . n 
A 1 97  TYR 97  97  97  TYR TYR A . n 
A 1 98  ASP 98  98  98  ASP ASP A . n 
A 1 99  LYS 99  99  99  LYS LYS A . n 
A 1 100 GLN 100 100 100 GLN GLN A . n 
A 1 101 ILE 101 101 101 ILE ILE A . n 
A 1 102 ASP 102 102 102 ASP ASP A . n 
A 1 103 LEU 103 103 103 LEU LEU A . n 
A 1 104 SER 104 104 104 SER SER A . n 
A 1 105 THR 105 105 105 THR THR A . n 
A 1 106 VAL 106 106 106 VAL VAL A . n 
A 1 107 ASP 107 107 107 ASP ASP A . n 
A 1 108 LEU 108 108 108 LEU LEU A . n 
A 1 109 LYS 109 109 109 LYS LYS A . n 
A 1 110 LYS 110 110 110 LYS LYS A . n 
A 1 111 LEU 111 111 111 LEU LEU A . n 
A 1 112 ARG 112 112 112 ARG ARG A . n 
A 1 113 VAL 113 113 113 VAL VAL A . n 
A 1 114 LYS 114 114 114 LYS LYS A . n 
A 1 115 GLU 115 115 115 GLU GLU A . n 
A 1 116 LEU 116 116 116 LEU LEU A . n 
A 1 117 LYS 117 117 117 LYS LYS A . n 
A 1 118 LYS 118 118 118 LYS LYS A . n 
A 1 119 ILE 119 119 119 ILE ILE A . n 
A 1 120 LEU 120 120 120 LEU LEU A . n 
A 1 121 ASP 121 121 121 ASP ASP A . n 
A 1 122 ASP 122 122 122 ASP ASP A . n 
A 1 123 TRP 123 123 123 TRP TRP A . n 
A 1 124 GLY 124 124 124 GLY GLY A . n 
A 1 125 GLU 125 125 125 GLU GLU A . n 
A 1 126 THR 126 126 126 THR THR A . n 
A 1 127 CYS 127 127 127 CYS CYS A . n 
A 1 128 LYS 128 128 128 LYS LYS A . n 
A 1 129 GLY 129 129 129 GLY GLY A . n 
A 1 130 CYS 130 130 130 CYS CYS A . n 
A 1 131 ALA 131 131 131 ALA ALA A . n 
A 1 132 GLU 132 132 132 GLU GLU A . n 
A 1 133 LYS 133 133 133 LYS LYS A . n 
A 1 134 SER 134 134 134 SER SER A . n 
A 1 135 ASP 135 135 135 ASP ASP A . n 
A 1 136 TYR 136 136 136 TYR TYR A . n 
A 1 137 ILE 137 137 137 ILE ILE A . n 
A 1 138 ARG 138 138 ?   ?   ?   A . n 
A 1 139 LYS 139 139 ?   ?   ?   A . n 
A 1 140 ILE 140 140 ?   ?   ?   A . n 
A 1 141 ASN 141 141 ?   ?   ?   A . n 
A 1 142 GLU 142 142 ?   ?   ?   A . n 
A 1 143 LEU 143 143 ?   ?   ?   A . n 
A 1 144 MET 144 144 ?   ?   ?   A . n 
A 1 145 PRO 145 145 ?   ?   ?   A . n 
A 1 146 LYS 146 146 ?   ?   ?   A . n 
A 1 147 TYR 147 147 ?   ?   ?   A . n 
A 1 148 ALA 148 148 ?   ?   ?   A . n 
A 1 149 PRO 149 149 ?   ?   ?   A . n 
A 1 150 LYS 150 150 ?   ?   ?   A . n 
A 1 151 ALA 151 151 ?   ?   ?   A . n 
A 1 152 ALA 152 152 ?   ?   ?   A . n 
A 1 153 SER 153 153 ?   ?   ?   A . n 
A 1 154 ALA 154 154 ?   ?   ?   A . n 
A 1 155 ARG 155 155 ?   ?   ?   A . n 
A 1 156 THR 156 156 ?   ?   ?   A . n 
A 1 157 ASP 157 157 ?   ?   ?   A . n 
A 1 158 LEU 158 158 ?   ?   ?   A . n 
# 
loop_
_pdbx_unobs_or_zero_occ_atoms.id 
_pdbx_unobs_or_zero_occ_atoms.PDB_model_num 
_pdbx_unobs_or_zero_occ_atoms.polymer_flag 
_pdbx_unobs_or_zero_occ_atoms.occupancy_flag 
_pdbx_unobs_or_zero_occ_atoms.auth_asym_id 
_pdbx_unobs_or_zero_occ_atoms.auth_comp_id 
_pdbx_unobs_or_zero_occ_atoms.auth_seq_id 
_pdbx_unobs_or_zero_occ_atoms.PDB_ins_code 
_pdbx_unobs_or_zero_occ_atoms.auth_atom_id 
_pdbx_unobs_or_zero_occ_atoms.label_alt_id 
_pdbx_unobs_or_zero_occ_atoms.label_asym_id 
_pdbx_unobs_or_zero_occ_atoms.label_comp_id 
_pdbx_unobs_or_zero_occ_atoms.label_seq_id 
_pdbx_unobs_or_zero_occ_atoms.label_atom_id 
1   1 Y 1 A ASP 59  ? CG  ? A ASP 59  CG  
2   1 Y 1 A ASP 59  ? OD1 ? A ASP 59  OD1 
3   1 Y 1 A ASP 59  ? OD2 ? A ASP 59  OD2 
4   1 Y 1 A LYS 80  ? CG  ? A LYS 80  CG  
5   1 Y 1 A LYS 80  ? CD  ? A LYS 80  CD  
6   1 Y 1 A LYS 80  ? CE  ? A LYS 80  CE  
7   1 Y 1 A LYS 80  ? NZ  ? A LYS 80  NZ  
8   1 Y 1 A LYS 84  ? CG  ? A LYS 84  CG  
9   1 Y 1 A LYS 84  ? CD  ? A LYS 84  CD  
10  1 Y 1 A LYS 84  ? CE  ? A LYS 84  CE  
11  1 Y 1 A LYS 84  ? NZ  ? A LYS 84  NZ  
12  1 Y 1 A LYS 99  ? CG  ? A LYS 99  CG  
13  1 Y 1 A LYS 99  ? CD  ? A LYS 99  CD  
14  1 Y 1 A LYS 99  ? CE  ? A LYS 99  CE  
15  1 Y 1 A LYS 99  ? NZ  ? A LYS 99  NZ  
16  1 Y 1 A GLN 100 ? CG  ? A GLN 100 CG  
17  1 Y 1 A GLN 100 ? CD  ? A GLN 100 CD  
18  1 Y 1 A GLN 100 ? OE1 ? A GLN 100 OE1 
19  1 Y 1 A GLN 100 ? NE2 ? A GLN 100 NE2 
20  1 Y 1 A ILE 101 ? CG1 ? A ILE 101 CG1 
21  1 Y 1 A ILE 101 ? CG2 ? A ILE 101 CG2 
22  1 Y 1 A ILE 101 ? CD1 ? A ILE 101 CD1 
23  1 Y 1 A ASP 102 ? CG  ? A ASP 102 CG  
24  1 Y 1 A ASP 102 ? OD1 ? A ASP 102 OD1 
25  1 Y 1 A ASP 102 ? OD2 ? A ASP 102 OD2 
26  1 Y 1 A LEU 103 ? CG  ? A LEU 103 CG  
27  1 Y 1 A LEU 103 ? CD1 ? A LEU 103 CD1 
28  1 Y 1 A LEU 103 ? CD2 ? A LEU 103 CD2 
29  1 Y 1 A SER 104 ? OG  ? A SER 104 OG  
30  1 Y 1 A THR 105 ? OG1 ? A THR 105 OG1 
31  1 Y 1 A THR 105 ? CG2 ? A THR 105 CG2 
32  1 Y 1 A VAL 106 ? CG1 ? A VAL 106 CG1 
33  1 Y 1 A VAL 106 ? CG2 ? A VAL 106 CG2 
34  1 Y 1 A ASP 107 ? CG  ? A ASP 107 CG  
35  1 Y 1 A ASP 107 ? OD1 ? A ASP 107 OD1 
36  1 Y 1 A ASP 107 ? OD2 ? A ASP 107 OD2 
37  1 Y 1 A LEU 108 ? CG  ? A LEU 108 CG  
38  1 Y 1 A LEU 108 ? CD1 ? A LEU 108 CD1 
39  1 Y 1 A LEU 108 ? CD2 ? A LEU 108 CD2 
40  1 Y 1 A LYS 109 ? CG  ? A LYS 109 CG  
41  1 Y 1 A LYS 109 ? CD  ? A LYS 109 CD  
42  1 Y 1 A LYS 109 ? CE  ? A LYS 109 CE  
43  1 Y 1 A LYS 109 ? NZ  ? A LYS 109 NZ  
44  1 Y 1 A LYS 110 ? CG  ? A LYS 110 CG  
45  1 Y 1 A LYS 110 ? CD  ? A LYS 110 CD  
46  1 Y 1 A LYS 110 ? CE  ? A LYS 110 CE  
47  1 Y 1 A LYS 110 ? NZ  ? A LYS 110 NZ  
48  1 Y 1 A LEU 111 ? CG  ? A LEU 111 CG  
49  1 Y 1 A LEU 111 ? CD1 ? A LEU 111 CD1 
50  1 Y 1 A LEU 111 ? CD2 ? A LEU 111 CD2 
51  1 Y 1 A ARG 112 ? CG  ? A ARG 112 CG  
52  1 Y 1 A ARG 112 ? CD  ? A ARG 112 CD  
53  1 Y 1 A ARG 112 ? NE  ? A ARG 112 NE  
54  1 Y 1 A ARG 112 ? CZ  ? A ARG 112 CZ  
55  1 Y 1 A ARG 112 ? NH1 ? A ARG 112 NH1 
56  1 Y 1 A ARG 112 ? NH2 ? A ARG 112 NH2 
57  1 Y 1 A VAL 113 ? CG1 ? A VAL 113 CG1 
58  1 Y 1 A VAL 113 ? CG2 ? A VAL 113 CG2 
59  1 Y 1 A LYS 114 ? CG  ? A LYS 114 CG  
60  1 Y 1 A LYS 114 ? CD  ? A LYS 114 CD  
61  1 Y 1 A LYS 114 ? CE  ? A LYS 114 CE  
62  1 Y 1 A LYS 114 ? NZ  ? A LYS 114 NZ  
63  1 Y 1 A GLU 115 ? CG  ? A GLU 115 CG  
64  1 Y 1 A GLU 115 ? CD  ? A GLU 115 CD  
65  1 Y 1 A GLU 115 ? OE1 ? A GLU 115 OE1 
66  1 Y 1 A GLU 115 ? OE2 ? A GLU 115 OE2 
67  1 Y 1 A LEU 116 ? CG  ? A LEU 116 CG  
68  1 Y 1 A LEU 116 ? CD1 ? A LEU 116 CD1 
69  1 Y 1 A LEU 116 ? CD2 ? A LEU 116 CD2 
70  1 Y 1 A LYS 117 ? CG  ? A LYS 117 CG  
71  1 Y 1 A LYS 117 ? CD  ? A LYS 117 CD  
72  1 Y 1 A LYS 117 ? CE  ? A LYS 117 CE  
73  1 Y 1 A LYS 117 ? NZ  ? A LYS 117 NZ  
74  1 Y 1 A LYS 118 ? CG  ? A LYS 118 CG  
75  1 Y 1 A LYS 118 ? CD  ? A LYS 118 CD  
76  1 Y 1 A LYS 118 ? CE  ? A LYS 118 CE  
77  1 Y 1 A LYS 118 ? NZ  ? A LYS 118 NZ  
78  1 Y 1 A ILE 119 ? CG1 ? A ILE 119 CG1 
79  1 Y 1 A ILE 119 ? CG2 ? A ILE 119 CG2 
80  1 Y 1 A ILE 119 ? CD1 ? A ILE 119 CD1 
81  1 Y 1 A LEU 120 ? CG  ? A LEU 120 CG  
82  1 Y 1 A LEU 120 ? CD1 ? A LEU 120 CD1 
83  1 Y 1 A LEU 120 ? CD2 ? A LEU 120 CD2 
84  1 Y 1 A ASP 121 ? CG  ? A ASP 121 CG  
85  1 Y 1 A ASP 121 ? OD1 ? A ASP 121 OD1 
86  1 Y 1 A ASP 121 ? OD2 ? A ASP 121 OD2 
87  1 Y 1 A ASP 122 ? CG  ? A ASP 122 CG  
88  1 Y 1 A ASP 122 ? OD1 ? A ASP 122 OD1 
89  1 Y 1 A ASP 122 ? OD2 ? A ASP 122 OD2 
90  1 Y 1 A TRP 123 ? CG  ? A TRP 123 CG  
91  1 Y 1 A TRP 123 ? CD1 ? A TRP 123 CD1 
92  1 Y 1 A TRP 123 ? CD2 ? A TRP 123 CD2 
93  1 Y 1 A TRP 123 ? NE1 ? A TRP 123 NE1 
94  1 Y 1 A TRP 123 ? CE2 ? A TRP 123 CE2 
95  1 Y 1 A TRP 123 ? CE3 ? A TRP 123 CE3 
96  1 Y 1 A TRP 123 ? CZ2 ? A TRP 123 CZ2 
97  1 Y 1 A TRP 123 ? CZ3 ? A TRP 123 CZ3 
98  1 Y 1 A TRP 123 ? CH2 ? A TRP 123 CH2 
99  1 Y 1 A GLU 125 ? CG  ? A GLU 125 CG  
100 1 Y 1 A GLU 125 ? CD  ? A GLU 125 CD  
101 1 Y 1 A GLU 125 ? OE1 ? A GLU 125 OE1 
102 1 Y 1 A GLU 125 ? OE2 ? A GLU 125 OE2 
103 1 Y 1 A THR 126 ? OG1 ? A THR 126 OG1 
104 1 Y 1 A THR 126 ? CG2 ? A THR 126 CG2 
105 1 Y 1 A LYS 128 ? CG  ? A LYS 128 CG  
106 1 Y 1 A LYS 128 ? CD  ? A LYS 128 CD  
107 1 Y 1 A LYS 128 ? CE  ? A LYS 128 CE  
108 1 Y 1 A LYS 128 ? NZ  ? A LYS 128 NZ  
109 1 Y 1 A GLU 132 ? CG  ? A GLU 132 CG  
110 1 Y 1 A GLU 132 ? CD  ? A GLU 132 CD  
111 1 Y 1 A GLU 132 ? OE1 ? A GLU 132 OE1 
112 1 Y 1 A GLU 132 ? OE2 ? A GLU 132 OE2 
113 1 Y 1 A LYS 133 ? CG  ? A LYS 133 CG  
114 1 Y 1 A LYS 133 ? CD  ? A LYS 133 CD  
115 1 Y 1 A LYS 133 ? CE  ? A LYS 133 CE  
116 1 Y 1 A LYS 133 ? NZ  ? A LYS 133 NZ  
117 1 Y 1 A SER 134 ? OG  ? A SER 134 OG  
118 1 Y 1 A ASP 135 ? CG  ? A ASP 135 CG  
119 1 Y 1 A ASP 135 ? OD1 ? A ASP 135 OD1 
120 1 Y 1 A ASP 135 ? OD2 ? A ASP 135 OD2 
121 1 Y 1 A TYR 136 ? CG  ? A TYR 136 CG  
122 1 Y 1 A TYR 136 ? CD1 ? A TYR 136 CD1 
123 1 Y 1 A TYR 136 ? CD2 ? A TYR 136 CD2 
124 1 Y 1 A TYR 136 ? CE1 ? A TYR 136 CE1 
125 1 Y 1 A TYR 136 ? CE2 ? A TYR 136 CE2 
126 1 Y 1 A TYR 136 ? CZ  ? A TYR 136 CZ  
127 1 Y 1 A TYR 136 ? OH  ? A TYR 136 OH  
128 1 Y 1 A ILE 137 ? CG1 ? A ILE 137 CG1 
129 1 Y 1 A ILE 137 ? CG2 ? A ILE 137 CG2 
130 1 Y 1 A ILE 137 ? CD1 ? A ILE 137 CD1 
# 
loop_
_software.name 
_software.classification 
_software.version 
_software.citation_id 
_software.pdbx_ordinal 
_software.date 
_software.type 
_software.location 
_software.language 
REFMAC refinement       5.2.0019 ? 1 ? ? ? ? 
XDS    'data reduction' .        ? 2 ? ? ? ? 
XDS    'data scaling'   .        ? 3 ? ? ? ? 
MOLREP phasing          .        ? 4 ? ? ? ? 
# 
_cell.entry_id           2W51 
_cell.length_a           96.500 
_cell.length_b           96.500 
_cell.length_c           35.050 
_cell.angle_alpha        90.00 
_cell.angle_beta         90.00 
_cell.angle_gamma        120.00 
_cell.Z_PDB              6 
_cell.pdbx_unique_axis   ? 
# 
_symmetry.entry_id                         2W51 
_symmetry.space_group_name_H-M             'P 61' 
_symmetry.pdbx_full_space_group_name_H-M   ? 
_symmetry.cell_setting                     ? 
_symmetry.Int_Tables_number                169 
# 
_exptl.entry_id          2W51 
_exptl.method            'X-RAY DIFFRACTION' 
_exptl.crystals_number   1 
# 
_exptl_crystal.id                    1 
_exptl_crystal.density_meas          ? 
_exptl_crystal.density_Matthews      3 
_exptl_crystal.density_percent_sol   53 
_exptl_crystal.description           NONE 
_exptl_crystal.preparation           ? 
# 
_exptl_crystal_grow.crystal_id      1 
_exptl_crystal_grow.method          'VAPOR DIFFUSION, HANGING DROP' 
_exptl_crystal_grow.temp            277 
_exptl_crystal_grow.temp_details    ? 
_exptl_crystal_grow.pH              6.5 
_exptl_crystal_grow.pdbx_pH_range   ? 
_exptl_crystal_grow.pdbx_details    
;NEEDLE CRYSTALS OF MANF WERE TYPICALLY OBTAINED WITHIN 1 TO 2 WEEKS AT 4 C OVER A RESERVOIR SOLUTION OF 100 MM SODIUM CACODYLATE BUFFER, PH 6.5, 0.2 M MGAC2 AND 12-18 % PEG 8000.
;
# 
_diffrn.id                               1 
_diffrn.ambient_temp                     93 
_diffrn.ambient_temp_details             ? 
_diffrn.crystal_id                       1 
_diffrn.pdbx_serial_crystal_experiment   ? 
# 
_diffrn_detector.diffrn_id              1 
_diffrn_detector.detector               CCD 
_diffrn_detector.type                   'ADSC CCD' 
_diffrn_detector.pdbx_collection_date   ? 
_diffrn_detector.details                ? 
# 
_diffrn_radiation.diffrn_id                        1 
_diffrn_radiation.wavelength_id                    1 
_diffrn_radiation.pdbx_monochromatic_or_laue_m_l   M 
_diffrn_radiation.monochromator                    ? 
_diffrn_radiation.pdbx_diffrn_protocol             'SINGLE WAVELENGTH' 
_diffrn_radiation.pdbx_scattering_type             x-ray 
# 
_diffrn_radiation_wavelength.id           1 
_diffrn_radiation_wavelength.wavelength   1.78 
_diffrn_radiation_wavelength.wt           1.0 
# 
_diffrn_source.diffrn_id                   1 
_diffrn_source.source                      SYNCHROTRON 
_diffrn_source.type                        'ESRF BEAMLINE ID23-1' 
_diffrn_source.pdbx_synchrotron_site       ESRF 
_diffrn_source.pdbx_synchrotron_beamline   ID23-1 
_diffrn_source.pdbx_wavelength             1.78 
_diffrn_source.pdbx_wavelength_list        ? 
# 
_reflns.pdbx_diffrn_id               1 
_reflns.pdbx_ordinal                 1 
_reflns.entry_id                     2W51 
_reflns.observed_criterion_sigma_I   -3.0 
_reflns.observed_criterion_sigma_F   ? 
_reflns.d_resolution_low             20.00 
_reflns.d_resolution_high            2.80 
_reflns.number_obs                   32978 
_reflns.number_all                   ? 
_reflns.percent_possible_obs         97.0 
_reflns.pdbx_Rmerge_I_obs            0.04 
_reflns.pdbx_Rsym_value              ? 
_reflns.pdbx_netI_over_sigmaI        20.10 
_reflns.B_iso_Wilson_estimate        ? 
_reflns.pdbx_redundancy              7 
# 
_reflns_shell.pdbx_diffrn_id         1 
_reflns_shell.pdbx_ordinal           1 
_reflns_shell.d_res_high             2.80 
_reflns_shell.d_res_low              2.90 
_reflns_shell.percent_possible_all   94.0 
_reflns_shell.Rmerge_I_obs           0.54 
_reflns_shell.pdbx_Rsym_value        ? 
_reflns_shell.meanI_over_sigI_obs    2.60 
_reflns_shell.pdbx_redundancy        ? 
# 
_refine.pdbx_refine_id                           'X-RAY DIFFRACTION' 
_refine.entry_id                                 2W51 
_refine.pdbx_diffrn_id                           1 
_refine.pdbx_TLS_residual_ADP_flag               ? 
_refine.ls_number_reflns_obs                     4457 
_refine.ls_number_reflns_all                     ? 
_refine.pdbx_ls_sigma_I                          ? 
_refine.pdbx_ls_sigma_F                          ? 
_refine.pdbx_data_cutoff_high_absF               ? 
_refine.pdbx_data_cutoff_low_absF                ? 
_refine.pdbx_data_cutoff_high_rms_absF           ? 
_refine.ls_d_res_low                             19.87 
_refine.ls_d_res_high                            2.80 
_refine.ls_percent_reflns_obs                    98.4 
_refine.ls_R_factor_obs                          0.281 
_refine.ls_R_factor_all                          ? 
_refine.ls_R_factor_R_work                       0.280 
_refine.ls_R_factor_R_free                       0.305 
_refine.ls_R_factor_R_free_error                 ? 
_refine.ls_R_factor_R_free_error_details         ? 
_refine.ls_percent_reflns_R_free                 4.600 
_refine.ls_number_reflns_R_free                  216 
_refine.ls_number_parameters                     ? 
_refine.ls_number_restraints                     ? 
_refine.occupancy_min                            ? 
_refine.occupancy_max                            ? 
_refine.correlation_coeff_Fo_to_Fc               0.914 
_refine.correlation_coeff_Fo_to_Fc_free          0.898 
_refine.B_iso_mean                               83.85 
_refine.aniso_B[1][1]                            -0.05000 
_refine.aniso_B[2][2]                            -0.05000 
_refine.aniso_B[3][3]                            0.08000 
_refine.aniso_B[1][2]                            -0.03000 
_refine.aniso_B[1][3]                            0.00000 
_refine.aniso_B[2][3]                            0.00000 
_refine.solvent_model_details                    MASK 
_refine.solvent_model_param_ksol                 ? 
_refine.solvent_model_param_bsol                 ? 
_refine.pdbx_solvent_vdw_probe_radii             1.20 
_refine.pdbx_solvent_ion_probe_radii             0.80 
_refine.pdbx_solvent_shrinkage_radii             0.80 
_refine.pdbx_ls_cross_valid_method               THROUGHOUT 
_refine.details                                  
;HYDROGENS HAVE BEEN ADDED IN THE RIDING POSITIONS. DUE TO POOR ELCTRON DENSITY, RESIDUES 99 TO 137 WERE MODELLED AS POLY-ALA, EXCEPT FOR THE CYSTEINES.
;
_refine.pdbx_starting_model                      'CDNF N-TERMINAL DOMAIN' 
_refine.pdbx_method_to_determine_struct          'MOLECULAR REPLACEMENT' 
_refine.pdbx_isotropic_thermal_model             ? 
_refine.pdbx_stereochemistry_target_values       'MAXIMUM LIKELIHOOD' 
_refine.pdbx_stereochem_target_val_spec_case     ? 
_refine.pdbx_R_Free_selection_details            RANDOM 
_refine.pdbx_overall_ESU_R                       1.060 
_refine.pdbx_overall_ESU_R_Free                  0.408 
_refine.overall_SU_ML                            0.369 
_refine.pdbx_overall_phase_error                 ? 
_refine.overall_SU_B                             19.364 
_refine.overall_SU_R_Cruickshank_DPI             ? 
_refine.pdbx_overall_SU_R_free_Cruickshank_DPI   ? 
_refine.pdbx_overall_SU_R_Blow_DPI               ? 
_refine.pdbx_overall_SU_R_free_Blow_DPI          ? 
# 
_refine_hist.pdbx_refine_id                   'X-RAY DIFFRACTION' 
_refine_hist.cycle_id                         LAST 
_refine_hist.pdbx_number_atoms_protein        975 
_refine_hist.pdbx_number_atoms_nucleic_acid   0 
_refine_hist.pdbx_number_atoms_ligand         0 
_refine_hist.number_atoms_solvent             0 
_refine_hist.number_atoms_total               975 
_refine_hist.d_res_high                       2.80 
_refine_hist.d_res_low                        19.87 
# 
loop_
_refine_ls_restr.type 
_refine_ls_restr.dev_ideal 
_refine_ls_restr.dev_ideal_target 
_refine_ls_restr.weight 
_refine_ls_restr.number 
_refine_ls_restr.pdbx_refine_id 
_refine_ls_restr.pdbx_restraint_function 
r_bond_refined_d             0.007  0.022  ? 992  'X-RAY DIFFRACTION' ? 
r_bond_other_d               ?      ?      ? ?    'X-RAY DIFFRACTION' ? 
r_angle_refined_deg          0.978  1.956  ? 1347 'X-RAY DIFFRACTION' ? 
r_angle_other_deg            ?      ?      ? ?    'X-RAY DIFFRACTION' ? 
r_dihedral_angle_1_deg       5.121  5.000  ? 136  'X-RAY DIFFRACTION' ? 
r_dihedral_angle_2_deg       39.001 24.054 ? 37   'X-RAY DIFFRACTION' ? 
r_dihedral_angle_3_deg       17.619 15.000 ? 150  'X-RAY DIFFRACTION' ? 
r_dihedral_angle_4_deg       16.708 15.000 ? 6    'X-RAY DIFFRACTION' ? 
r_chiral_restr               0.068  0.200  ? 156  'X-RAY DIFFRACTION' ? 
r_gen_planes_refined         0.002  0.020  ? 747  'X-RAY DIFFRACTION' ? 
r_gen_planes_other           ?      ?      ? ?    'X-RAY DIFFRACTION' ? 
r_nbd_refined                0.211  0.200  ? 408  'X-RAY DIFFRACTION' ? 
r_nbd_other                  ?      ?      ? ?    'X-RAY DIFFRACTION' ? 
r_nbtor_refined              0.298  0.200  ? 681  'X-RAY DIFFRACTION' ? 
r_nbtor_other                ?      ?      ? ?    'X-RAY DIFFRACTION' ? 
r_xyhbond_nbd_refined        0.106  0.200  ? 22   'X-RAY DIFFRACTION' ? 
r_xyhbond_nbd_other          ?      ?      ? ?    'X-RAY DIFFRACTION' ? 
r_metal_ion_refined          ?      ?      ? ?    'X-RAY DIFFRACTION' ? 
r_metal_ion_other            ?      ?      ? ?    'X-RAY DIFFRACTION' ? 
r_symmetry_vdw_refined       0.197  0.200  ? 18   'X-RAY DIFFRACTION' ? 
r_symmetry_vdw_other         ?      ?      ? ?    'X-RAY DIFFRACTION' ? 
r_symmetry_hbond_refined     ?      ?      ? ?    'X-RAY DIFFRACTION' ? 
r_symmetry_hbond_other       ?      ?      ? ?    'X-RAY DIFFRACTION' ? 
r_symmetry_metal_ion_refined ?      ?      ? ?    'X-RAY DIFFRACTION' ? 
r_symmetry_metal_ion_other   ?      ?      ? ?    'X-RAY DIFFRACTION' ? 
r_mcbond_it                  0.408  1.500  ? 697  'X-RAY DIFFRACTION' ? 
r_mcbond_other               ?      ?      ? ?    'X-RAY DIFFRACTION' ? 
r_mcangle_it                 0.761  2.000  ? 1060 'X-RAY DIFFRACTION' ? 
r_mcangle_other              ?      ?      ? ?    'X-RAY DIFFRACTION' ? 
r_scbond_it                  0.655  3.000  ? 329  'X-RAY DIFFRACTION' ? 
r_scbond_other               ?      ?      ? ?    'X-RAY DIFFRACTION' ? 
r_scangle_it                 1.164  4.500  ? 287  'X-RAY DIFFRACTION' ? 
r_scangle_other              ?      ?      ? ?    'X-RAY DIFFRACTION' ? 
r_long_range_B_refined       ?      ?      ? ?    'X-RAY DIFFRACTION' ? 
r_long_range_B_other         ?      ?      ? ?    'X-RAY DIFFRACTION' ? 
r_rigid_bond_restr           ?      ?      ? ?    'X-RAY DIFFRACTION' ? 
r_sphericity_free            ?      ?      ? ?    'X-RAY DIFFRACTION' ? 
r_sphericity_bonded          ?      ?      ? ?    'X-RAY DIFFRACTION' ? 
# 
_refine_ls_shell.pdbx_refine_id                   'X-RAY DIFFRACTION' 
_refine_ls_shell.pdbx_total_number_of_bins_used   20 
_refine_ls_shell.d_res_high                       2.80 
_refine_ls_shell.d_res_low                        2.87 
_refine_ls_shell.number_reflns_R_work             319 
_refine_ls_shell.R_factor_R_work                  0.3440 
_refine_ls_shell.percent_reflns_obs               97.35 
_refine_ls_shell.R_factor_R_free                  0.2340 
_refine_ls_shell.R_factor_R_free_error            ? 
_refine_ls_shell.percent_reflns_R_free            ? 
_refine_ls_shell.number_reflns_R_free             11 
_refine_ls_shell.number_reflns_all                ? 
_refine_ls_shell.R_factor_all                     ? 
# 
_struct.entry_id                  2W51 
_struct.title                     'Human mesencephalic astrocyte-derived neurotrophic factor (MANF)' 
_struct.pdbx_model_details        ? 
_struct.pdbx_CASP_flag            ? 
_struct.pdbx_model_type_details   ? 
# 
_struct_keywords.entry_id        2W51 
_struct_keywords.pdbx_keywords   HORMONE 
_struct_keywords.text            
'MANF, CDNF, SAPOSIN, SECRETED, ER STRESS, PHOSPHOPROTEIN, NEUROTROPHIC FACTOR, SIALIC ACID, GLYCOPROTEIN, GROWTH FACTOR, HORMONE' 
# 
_struct_asym.id                            A 
_struct_asym.pdbx_blank_PDB_chainid_flag   N 
_struct_asym.pdbx_modified                 N 
_struct_asym.entity_id                     1 
_struct_asym.details                       ? 
# 
_struct_ref.id                         1 
_struct_ref.db_name                    UNP 
_struct_ref.db_code                    ARMET_HUMAN 
_struct_ref.entity_id                  1 
_struct_ref.pdbx_seq_one_letter_code   ? 
_struct_ref.pdbx_align_begin           ? 
_struct_ref.pdbx_db_accession          P55145 
_struct_ref.pdbx_db_isoform            ? 
# 
_struct_ref_seq.align_id                      1 
_struct_ref_seq.ref_id                        1 
_struct_ref_seq.pdbx_PDB_id_code              2W51 
_struct_ref_seq.pdbx_strand_id                A 
_struct_ref_seq.seq_align_beg                 1 
_struct_ref_seq.pdbx_seq_align_beg_ins_code   ? 
_struct_ref_seq.seq_align_end                 158 
_struct_ref_seq.pdbx_seq_align_end_ins_code   ? 
_struct_ref_seq.pdbx_db_accession             P55145 
_struct_ref_seq.db_align_beg                  22 
_struct_ref_seq.pdbx_db_align_beg_ins_code    ? 
_struct_ref_seq.db_align_end                  179 
_struct_ref_seq.pdbx_db_align_end_ins_code    ? 
_struct_ref_seq.pdbx_auth_seq_align_beg       1 
_struct_ref_seq.pdbx_auth_seq_align_end       158 
# 
_pdbx_struct_assembly.id                   1 
_pdbx_struct_assembly.details              author_and_software_defined_assembly 
_pdbx_struct_assembly.method_details       PQS 
_pdbx_struct_assembly.oligomeric_details   monomeric 
_pdbx_struct_assembly.oligomeric_count     1 
# 
_pdbx_struct_assembly_gen.assembly_id       1 
_pdbx_struct_assembly_gen.oper_expression   1 
_pdbx_struct_assembly_gen.asym_id_list      A 
# 
_pdbx_struct_oper_list.id                   1 
_pdbx_struct_oper_list.type                 'identity operation' 
_pdbx_struct_oper_list.name                 1_555 
_pdbx_struct_oper_list.symmetry_operation   x,y,z 
_pdbx_struct_oper_list.matrix[1][1]         1.0000000000 
_pdbx_struct_oper_list.matrix[1][2]         0.0000000000 
_pdbx_struct_oper_list.matrix[1][3]         0.0000000000 
_pdbx_struct_oper_list.vector[1]            0.0000000000 
_pdbx_struct_oper_list.matrix[2][1]         0.0000000000 
_pdbx_struct_oper_list.matrix[2][2]         1.0000000000 
_pdbx_struct_oper_list.matrix[2][3]         0.0000000000 
_pdbx_struct_oper_list.vector[2]            0.0000000000 
_pdbx_struct_oper_list.matrix[3][1]         0.0000000000 
_pdbx_struct_oper_list.matrix[3][2]         0.0000000000 
_pdbx_struct_oper_list.matrix[3][3]         1.0000000000 
_pdbx_struct_oper_list.vector[3]            0.0000000000 
# 
loop_
_struct_conf.conf_type_id 
_struct_conf.id 
_struct_conf.pdbx_PDB_helix_id 
_struct_conf.beg_label_comp_id 
_struct_conf.beg_label_asym_id 
_struct_conf.beg_label_seq_id 
_struct_conf.pdbx_beg_PDB_ins_code 
_struct_conf.end_label_comp_id 
_struct_conf.end_label_asym_id 
_struct_conf.end_label_seq_id 
_struct_conf.pdbx_end_PDB_ins_code 
_struct_conf.beg_auth_comp_id 
_struct_conf.beg_auth_asym_id 
_struct_conf.beg_auth_seq_id 
_struct_conf.end_auth_comp_id 
_struct_conf.end_auth_asym_id 
_struct_conf.end_auth_seq_id 
_struct_conf.pdbx_PDB_helix_class 
_struct_conf.details 
_struct_conf.pdbx_PDB_helix_length 
HELX_P HELX_P1 1 CYS A 6   ? ARG A 23  ? CYS A 6   ARG A 23  1 ? 18 
HELX_P HELX_P2 2 SER A 28  ? ARG A 41  ? SER A 28  ARG A 41  1 ? 14 
HELX_P HELX_P3 3 ARG A 44  ? ILE A 54  ? ARG A 44  ILE A 54  1 ? 11 
HELX_P HELX_P4 4 THR A 62  ? ILE A 64  ? THR A 62  ILE A 64  5 ? 3  
HELX_P HELX_P5 5 ILE A 65  ? HIS A 74  ? ILE A 65  HIS A 74  1 ? 10 
HELX_P HELX_P6 6 PRO A 77  ? ASP A 89  ? PRO A 77  ASP A 89  1 ? 13 
HELX_P HELX_P7 7 LEU A 111 ? LEU A 120 ? LEU A 111 LEU A 120 1 ? 10 
HELX_P HELX_P8 8 CYS A 130 ? ASP A 135 ? CYS A 130 ASP A 135 1 ? 6  
# 
_struct_conf_type.id          HELX_P 
_struct_conf_type.criteria    ? 
_struct_conf_type.reference   ? 
# 
loop_
_struct_conn.id 
_struct_conn.conn_type_id 
_struct_conn.pdbx_leaving_atom_flag 
_struct_conn.pdbx_PDB_id 
_struct_conn.ptnr1_label_asym_id 
_struct_conn.ptnr1_label_comp_id 
_struct_conn.ptnr1_label_seq_id 
_struct_conn.ptnr1_label_atom_id 
_struct_conn.pdbx_ptnr1_label_alt_id 
_struct_conn.pdbx_ptnr1_PDB_ins_code 
_struct_conn.pdbx_ptnr1_standard_comp_id 
_struct_conn.ptnr1_symmetry 
_struct_conn.ptnr2_label_asym_id 
_struct_conn.ptnr2_label_comp_id 
_struct_conn.ptnr2_label_seq_id 
_struct_conn.ptnr2_label_atom_id 
_struct_conn.pdbx_ptnr2_label_alt_id 
_struct_conn.pdbx_ptnr2_PDB_ins_code 
_struct_conn.ptnr1_auth_asym_id 
_struct_conn.ptnr1_auth_comp_id 
_struct_conn.ptnr1_auth_seq_id 
_struct_conn.ptnr2_auth_asym_id 
_struct_conn.ptnr2_auth_comp_id 
_struct_conn.ptnr2_auth_seq_id 
_struct_conn.ptnr2_symmetry 
_struct_conn.pdbx_ptnr3_label_atom_id 
_struct_conn.pdbx_ptnr3_label_seq_id 
_struct_conn.pdbx_ptnr3_label_comp_id 
_struct_conn.pdbx_ptnr3_label_asym_id 
_struct_conn.pdbx_ptnr3_label_alt_id 
_struct_conn.pdbx_ptnr3_PDB_ins_code 
_struct_conn.details 
_struct_conn.pdbx_dist_value 
_struct_conn.pdbx_value_order 
_struct_conn.pdbx_role 
disulf1 disulf ? ? A CYS 6   SG ? ? ? 1_555 A CYS 93  SG ? ? A CYS 6   A CYS 93  1_555 ? ? ? ? ? ? ? 2.024 ? ? 
disulf2 disulf ? ? A CYS 9   SG ? ? ? 1_555 A CYS 82  SG ? ? A CYS 9   A CYS 82  1_555 ? ? ? ? ? ? ? 2.036 ? ? 
disulf3 disulf ? ? A CYS 40  SG ? ? ? 1_555 A CYS 51  SG ? ? A CYS 40  A CYS 51  1_555 ? ? ? ? ? ? ? 2.034 ? ? 
disulf4 disulf ? ? A CYS 127 SG ? ? ? 1_555 A CYS 130 SG ? ? A CYS 127 A CYS 130 1_555 ? ? ? ? ? ? ? 2.042 ? ? 
# 
_struct_conn_type.id          disulf 
_struct_conn_type.criteria    ? 
_struct_conn_type.reference   ? 
# 
loop_
_pdbx_modification_feature.ordinal 
_pdbx_modification_feature.label_comp_id 
_pdbx_modification_feature.label_asym_id 
_pdbx_modification_feature.label_seq_id 
_pdbx_modification_feature.label_alt_id 
_pdbx_modification_feature.modified_residue_label_comp_id 
_pdbx_modification_feature.modified_residue_label_asym_id 
_pdbx_modification_feature.modified_residue_label_seq_id 
_pdbx_modification_feature.modified_residue_label_alt_id 
_pdbx_modification_feature.auth_comp_id 
_pdbx_modification_feature.auth_asym_id 
_pdbx_modification_feature.auth_seq_id 
_pdbx_modification_feature.PDB_ins_code 
_pdbx_modification_feature.symmetry 
_pdbx_modification_feature.modified_residue_auth_comp_id 
_pdbx_modification_feature.modified_residue_auth_asym_id 
_pdbx_modification_feature.modified_residue_auth_seq_id 
_pdbx_modification_feature.modified_residue_PDB_ins_code 
_pdbx_modification_feature.modified_residue_symmetry 
_pdbx_modification_feature.comp_id_linking_atom 
_pdbx_modification_feature.modified_residue_id_linking_atom 
_pdbx_modification_feature.modified_residue_id 
_pdbx_modification_feature.ref_pcm_id 
_pdbx_modification_feature.ref_comp_id 
_pdbx_modification_feature.type 
_pdbx_modification_feature.category 
1 CYS A 6   ? CYS A 93  ? CYS A 6   ? 1_555 CYS A 93  ? 1_555 SG SG . . . None 'Disulfide bridge' 
2 CYS A 9   ? CYS A 82  ? CYS A 9   ? 1_555 CYS A 82  ? 1_555 SG SG . . . None 'Disulfide bridge' 
3 CYS A 40  ? CYS A 51  ? CYS A 40  ? 1_555 CYS A 51  ? 1_555 SG SG . . . None 'Disulfide bridge' 
4 CYS A 127 ? CYS A 130 ? CYS A 127 ? 1_555 CYS A 130 ? 1_555 SG SG . . . None 'Disulfide bridge' 
# 
_struct_mon_prot_cis.pdbx_id                1 
_struct_mon_prot_cis.label_comp_id          ASP 
_struct_mon_prot_cis.label_seq_id           102 
_struct_mon_prot_cis.label_asym_id          A 
_struct_mon_prot_cis.label_alt_id           . 
_struct_mon_prot_cis.pdbx_PDB_ins_code      ? 
_struct_mon_prot_cis.auth_comp_id           ASP 
_struct_mon_prot_cis.auth_seq_id            102 
_struct_mon_prot_cis.auth_asym_id           A 
_struct_mon_prot_cis.pdbx_label_comp_id_2   LEU 
_struct_mon_prot_cis.pdbx_label_seq_id_2    103 
_struct_mon_prot_cis.pdbx_label_asym_id_2   A 
_struct_mon_prot_cis.pdbx_PDB_ins_code_2    ? 
_struct_mon_prot_cis.pdbx_auth_comp_id_2    LEU 
_struct_mon_prot_cis.pdbx_auth_seq_id_2     103 
_struct_mon_prot_cis.pdbx_auth_asym_id_2    A 
_struct_mon_prot_cis.pdbx_PDB_model_num     1 
_struct_mon_prot_cis.pdbx_omega_angle       3.81 
# 
_pdbx_entry_details.entry_id                   2W51 
_pdbx_entry_details.compound_details           ? 
_pdbx_entry_details.source_details             ? 
_pdbx_entry_details.nonpolymer_details         ? 
_pdbx_entry_details.sequence_details           ? 
_pdbx_entry_details.has_ligand_of_interest     ? 
_pdbx_entry_details.has_protein_modification   Y 
# 
loop_
_pdbx_validate_torsion.id 
_pdbx_validate_torsion.PDB_model_num 
_pdbx_validate_torsion.auth_comp_id 
_pdbx_validate_torsion.auth_asym_id 
_pdbx_validate_torsion.auth_seq_id 
_pdbx_validate_torsion.PDB_ins_code 
_pdbx_validate_torsion.label_alt_id 
_pdbx_validate_torsion.phi 
_pdbx_validate_torsion.psi 
1  1 CYS A 6   ? ? 32.98   52.97   
2  1 PHE A 27  ? ? -69.71  87.60   
3  1 ASP A 59  ? ? 99.12   50.00   
4  1 ALA A 60  ? ? -32.69  127.48  
5  1 ALA A 61  ? ? -63.96  -99.18  
6  1 THR A 62  ? ? -128.11 -161.45 
7  1 VAL A 106 ? ? -75.31  -132.45 
8  1 LEU A 108 ? ? -78.53  -155.60 
9  1 ASP A 121 ? ? 52.33   73.68   
10 1 CYS A 130 ? ? -95.15  52.88   
# 
loop_
_pdbx_unobs_or_zero_occ_residues.id 
_pdbx_unobs_or_zero_occ_residues.PDB_model_num 
_pdbx_unobs_or_zero_occ_residues.polymer_flag 
_pdbx_unobs_or_zero_occ_residues.occupancy_flag 
_pdbx_unobs_or_zero_occ_residues.auth_asym_id 
_pdbx_unobs_or_zero_occ_residues.auth_comp_id 
_pdbx_unobs_or_zero_occ_residues.auth_seq_id 
_pdbx_unobs_or_zero_occ_residues.PDB_ins_code 
_pdbx_unobs_or_zero_occ_residues.label_asym_id 
_pdbx_unobs_or_zero_occ_residues.label_comp_id 
_pdbx_unobs_or_zero_occ_residues.label_seq_id 
1  1 Y 1 A ARG 138 ? A ARG 138 
2  1 Y 1 A LYS 139 ? A LYS 139 
3  1 Y 1 A ILE 140 ? A ILE 140 
4  1 Y 1 A ASN 141 ? A ASN 141 
5  1 Y 1 A GLU 142 ? A GLU 142 
6  1 Y 1 A LEU 143 ? A LEU 143 
7  1 Y 1 A MET 144 ? A MET 144 
8  1 Y 1 A PRO 145 ? A PRO 145 
9  1 Y 1 A LYS 146 ? A LYS 146 
10 1 Y 1 A TYR 147 ? A TYR 147 
11 1 Y 1 A ALA 148 ? A ALA 148 
12 1 Y 1 A PRO 149 ? A PRO 149 
13 1 Y 1 A LYS 150 ? A LYS 150 
14 1 Y 1 A ALA 151 ? A ALA 151 
15 1 Y 1 A ALA 152 ? A ALA 152 
16 1 Y 1 A SER 153 ? A SER 153 
17 1 Y 1 A ALA 154 ? A ALA 154 
18 1 Y 1 A ARG 155 ? A ARG 155 
19 1 Y 1 A THR 156 ? A THR 156 
20 1 Y 1 A ASP 157 ? A ASP 157 
21 1 Y 1 A LEU 158 ? A LEU 158 
# 
loop_
_chem_comp_atom.comp_id 
_chem_comp_atom.atom_id 
_chem_comp_atom.type_symbol 
_chem_comp_atom.pdbx_aromatic_flag 
_chem_comp_atom.pdbx_stereo_config 
_chem_comp_atom.pdbx_ordinal 
ALA N    N N N 1   
ALA CA   C N S 2   
ALA C    C N N 3   
ALA O    O N N 4   
ALA CB   C N N 5   
ALA OXT  O N N 6   
ALA H    H N N 7   
ALA H2   H N N 8   
ALA HA   H N N 9   
ALA HB1  H N N 10  
ALA HB2  H N N 11  
ALA HB3  H N N 12  
ALA HXT  H N N 13  
ARG N    N N N 14  
ARG CA   C N S 15  
ARG C    C N N 16  
ARG O    O N N 17  
ARG CB   C N N 18  
ARG CG   C N N 19  
ARG CD   C N N 20  
ARG NE   N N N 21  
ARG CZ   C N N 22  
ARG NH1  N N N 23  
ARG NH2  N N N 24  
ARG OXT  O N N 25  
ARG H    H N N 26  
ARG H2   H N N 27  
ARG HA   H N N 28  
ARG HB2  H N N 29  
ARG HB3  H N N 30  
ARG HG2  H N N 31  
ARG HG3  H N N 32  
ARG HD2  H N N 33  
ARG HD3  H N N 34  
ARG HE   H N N 35  
ARG HH11 H N N 36  
ARG HH12 H N N 37  
ARG HH21 H N N 38  
ARG HH22 H N N 39  
ARG HXT  H N N 40  
ASN N    N N N 41  
ASN CA   C N S 42  
ASN C    C N N 43  
ASN O    O N N 44  
ASN CB   C N N 45  
ASN CG   C N N 46  
ASN OD1  O N N 47  
ASN ND2  N N N 48  
ASN OXT  O N N 49  
ASN H    H N N 50  
ASN H2   H N N 51  
ASN HA   H N N 52  
ASN HB2  H N N 53  
ASN HB3  H N N 54  
ASN HD21 H N N 55  
ASN HD22 H N N 56  
ASN HXT  H N N 57  
ASP N    N N N 58  
ASP CA   C N S 59  
ASP C    C N N 60  
ASP O    O N N 61  
ASP CB   C N N 62  
ASP CG   C N N 63  
ASP OD1  O N N 64  
ASP OD2  O N N 65  
ASP OXT  O N N 66  
ASP H    H N N 67  
ASP H2   H N N 68  
ASP HA   H N N 69  
ASP HB2  H N N 70  
ASP HB3  H N N 71  
ASP HD2  H N N 72  
ASP HXT  H N N 73  
CYS N    N N N 74  
CYS CA   C N R 75  
CYS C    C N N 76  
CYS O    O N N 77  
CYS CB   C N N 78  
CYS SG   S N N 79  
CYS OXT  O N N 80  
CYS H    H N N 81  
CYS H2   H N N 82  
CYS HA   H N N 83  
CYS HB2  H N N 84  
CYS HB3  H N N 85  
CYS HG   H N N 86  
CYS HXT  H N N 87  
GLN N    N N N 88  
GLN CA   C N S 89  
GLN C    C N N 90  
GLN O    O N N 91  
GLN CB   C N N 92  
GLN CG   C N N 93  
GLN CD   C N N 94  
GLN OE1  O N N 95  
GLN NE2  N N N 96  
GLN OXT  O N N 97  
GLN H    H N N 98  
GLN H2   H N N 99  
GLN HA   H N N 100 
GLN HB2  H N N 101 
GLN HB3  H N N 102 
GLN HG2  H N N 103 
GLN HG3  H N N 104 
GLN HE21 H N N 105 
GLN HE22 H N N 106 
GLN HXT  H N N 107 
GLU N    N N N 108 
GLU CA   C N S 109 
GLU C    C N N 110 
GLU O    O N N 111 
GLU CB   C N N 112 
GLU CG   C N N 113 
GLU CD   C N N 114 
GLU OE1  O N N 115 
GLU OE2  O N N 116 
GLU OXT  O N N 117 
GLU H    H N N 118 
GLU H2   H N N 119 
GLU HA   H N N 120 
GLU HB2  H N N 121 
GLU HB3  H N N 122 
GLU HG2  H N N 123 
GLU HG3  H N N 124 
GLU HE2  H N N 125 
GLU HXT  H N N 126 
GLY N    N N N 127 
GLY CA   C N N 128 
GLY C    C N N 129 
GLY O    O N N 130 
GLY OXT  O N N 131 
GLY H    H N N 132 
GLY H2   H N N 133 
GLY HA2  H N N 134 
GLY HA3  H N N 135 
GLY HXT  H N N 136 
HIS N    N N N 137 
HIS CA   C N S 138 
HIS C    C N N 139 
HIS O    O N N 140 
HIS CB   C N N 141 
HIS CG   C Y N 142 
HIS ND1  N Y N 143 
HIS CD2  C Y N 144 
HIS CE1  C Y N 145 
HIS NE2  N Y N 146 
HIS OXT  O N N 147 
HIS H    H N N 148 
HIS H2   H N N 149 
HIS HA   H N N 150 
HIS HB2  H N N 151 
HIS HB3  H N N 152 
HIS HD1  H N N 153 
HIS HD2  H N N 154 
HIS HE1  H N N 155 
HIS HE2  H N N 156 
HIS HXT  H N N 157 
ILE N    N N N 158 
ILE CA   C N S 159 
ILE C    C N N 160 
ILE O    O N N 161 
ILE CB   C N S 162 
ILE CG1  C N N 163 
ILE CG2  C N N 164 
ILE CD1  C N N 165 
ILE OXT  O N N 166 
ILE H    H N N 167 
ILE H2   H N N 168 
ILE HA   H N N 169 
ILE HB   H N N 170 
ILE HG12 H N N 171 
ILE HG13 H N N 172 
ILE HG21 H N N 173 
ILE HG22 H N N 174 
ILE HG23 H N N 175 
ILE HD11 H N N 176 
ILE HD12 H N N 177 
ILE HD13 H N N 178 
ILE HXT  H N N 179 
LEU N    N N N 180 
LEU CA   C N S 181 
LEU C    C N N 182 
LEU O    O N N 183 
LEU CB   C N N 184 
LEU CG   C N N 185 
LEU CD1  C N N 186 
LEU CD2  C N N 187 
LEU OXT  O N N 188 
LEU H    H N N 189 
LEU H2   H N N 190 
LEU HA   H N N 191 
LEU HB2  H N N 192 
LEU HB3  H N N 193 
LEU HG   H N N 194 
LEU HD11 H N N 195 
LEU HD12 H N N 196 
LEU HD13 H N N 197 
LEU HD21 H N N 198 
LEU HD22 H N N 199 
LEU HD23 H N N 200 
LEU HXT  H N N 201 
LYS N    N N N 202 
LYS CA   C N S 203 
LYS C    C N N 204 
LYS O    O N N 205 
LYS CB   C N N 206 
LYS CG   C N N 207 
LYS CD   C N N 208 
LYS CE   C N N 209 
LYS NZ   N N N 210 
LYS OXT  O N N 211 
LYS H    H N N 212 
LYS H2   H N N 213 
LYS HA   H N N 214 
LYS HB2  H N N 215 
LYS HB3  H N N 216 
LYS HG2  H N N 217 
LYS HG3  H N N 218 
LYS HD2  H N N 219 
LYS HD3  H N N 220 
LYS HE2  H N N 221 
LYS HE3  H N N 222 
LYS HZ1  H N N 223 
LYS HZ2  H N N 224 
LYS HZ3  H N N 225 
LYS HXT  H N N 226 
MET N    N N N 227 
MET CA   C N S 228 
MET C    C N N 229 
MET O    O N N 230 
MET CB   C N N 231 
MET CG   C N N 232 
MET SD   S N N 233 
MET CE   C N N 234 
MET OXT  O N N 235 
MET H    H N N 236 
MET H2   H N N 237 
MET HA   H N N 238 
MET HB2  H N N 239 
MET HB3  H N N 240 
MET HG2  H N N 241 
MET HG3  H N N 242 
MET HE1  H N N 243 
MET HE2  H N N 244 
MET HE3  H N N 245 
MET HXT  H N N 246 
PHE N    N N N 247 
PHE CA   C N S 248 
PHE C    C N N 249 
PHE O    O N N 250 
PHE CB   C N N 251 
PHE CG   C Y N 252 
PHE CD1  C Y N 253 
PHE CD2  C Y N 254 
PHE CE1  C Y N 255 
PHE CE2  C Y N 256 
PHE CZ   C Y N 257 
PHE OXT  O N N 258 
PHE H    H N N 259 
PHE H2   H N N 260 
PHE HA   H N N 261 
PHE HB2  H N N 262 
PHE HB3  H N N 263 
PHE HD1  H N N 264 
PHE HD2  H N N 265 
PHE HE1  H N N 266 
PHE HE2  H N N 267 
PHE HZ   H N N 268 
PHE HXT  H N N 269 
PRO N    N N N 270 
PRO CA   C N S 271 
PRO C    C N N 272 
PRO O    O N N 273 
PRO CB   C N N 274 
PRO CG   C N N 275 
PRO CD   C N N 276 
PRO OXT  O N N 277 
PRO H    H N N 278 
PRO HA   H N N 279 
PRO HB2  H N N 280 
PRO HB3  H N N 281 
PRO HG2  H N N 282 
PRO HG3  H N N 283 
PRO HD2  H N N 284 
PRO HD3  H N N 285 
PRO HXT  H N N 286 
SER N    N N N 287 
SER CA   C N S 288 
SER C    C N N 289 
SER O    O N N 290 
SER CB   C N N 291 
SER OG   O N N 292 
SER OXT  O N N 293 
SER H    H N N 294 
SER H2   H N N 295 
SER HA   H N N 296 
SER HB2  H N N 297 
SER HB3  H N N 298 
SER HG   H N N 299 
SER HXT  H N N 300 
THR N    N N N 301 
THR CA   C N S 302 
THR C    C N N 303 
THR O    O N N 304 
THR CB   C N R 305 
THR OG1  O N N 306 
THR CG2  C N N 307 
THR OXT  O N N 308 
THR H    H N N 309 
THR H2   H N N 310 
THR HA   H N N 311 
THR HB   H N N 312 
THR HG1  H N N 313 
THR HG21 H N N 314 
THR HG22 H N N 315 
THR HG23 H N N 316 
THR HXT  H N N 317 
TRP N    N N N 318 
TRP CA   C N S 319 
TRP C    C N N 320 
TRP O    O N N 321 
TRP CB   C N N 322 
TRP CG   C Y N 323 
TRP CD1  C Y N 324 
TRP CD2  C Y N 325 
TRP NE1  N Y N 326 
TRP CE2  C Y N 327 
TRP CE3  C Y N 328 
TRP CZ2  C Y N 329 
TRP CZ3  C Y N 330 
TRP CH2  C Y N 331 
TRP OXT  O N N 332 
TRP H    H N N 333 
TRP H2   H N N 334 
TRP HA   H N N 335 
TRP HB2  H N N 336 
TRP HB3  H N N 337 
TRP HD1  H N N 338 
TRP HE1  H N N 339 
TRP HE3  H N N 340 
TRP HZ2  H N N 341 
TRP HZ3  H N N 342 
TRP HH2  H N N 343 
TRP HXT  H N N 344 
TYR N    N N N 345 
TYR CA   C N S 346 
TYR C    C N N 347 
TYR O    O N N 348 
TYR CB   C N N 349 
TYR CG   C Y N 350 
TYR CD1  C Y N 351 
TYR CD2  C Y N 352 
TYR CE1  C Y N 353 
TYR CE2  C Y N 354 
TYR CZ   C Y N 355 
TYR OH   O N N 356 
TYR OXT  O N N 357 
TYR H    H N N 358 
TYR H2   H N N 359 
TYR HA   H N N 360 
TYR HB2  H N N 361 
TYR HB3  H N N 362 
TYR HD1  H N N 363 
TYR HD2  H N N 364 
TYR HE1  H N N 365 
TYR HE2  H N N 366 
TYR HH   H N N 367 
TYR HXT  H N N 368 
VAL N    N N N 369 
VAL CA   C N S 370 
VAL C    C N N 371 
VAL O    O N N 372 
VAL CB   C N N 373 
VAL CG1  C N N 374 
VAL CG2  C N N 375 
VAL OXT  O N N 376 
VAL H    H N N 377 
VAL H2   H N N 378 
VAL HA   H N N 379 
VAL HB   H N N 380 
VAL HG11 H N N 381 
VAL HG12 H N N 382 
VAL HG13 H N N 383 
VAL HG21 H N N 384 
VAL HG22 H N N 385 
VAL HG23 H N N 386 
VAL HXT  H N N 387 
# 
loop_
_chem_comp_bond.comp_id 
_chem_comp_bond.atom_id_1 
_chem_comp_bond.atom_id_2 
_chem_comp_bond.value_order 
_chem_comp_bond.pdbx_aromatic_flag 
_chem_comp_bond.pdbx_stereo_config 
_chem_comp_bond.pdbx_ordinal 
ALA N   CA   sing N N 1   
ALA N   H    sing N N 2   
ALA N   H2   sing N N 3   
ALA CA  C    sing N N 4   
ALA CA  CB   sing N N 5   
ALA CA  HA   sing N N 6   
ALA C   O    doub N N 7   
ALA C   OXT  sing N N 8   
ALA CB  HB1  sing N N 9   
ALA CB  HB2  sing N N 10  
ALA CB  HB3  sing N N 11  
ALA OXT HXT  sing N N 12  
ARG N   CA   sing N N 13  
ARG N   H    sing N N 14  
ARG N   H2   sing N N 15  
ARG CA  C    sing N N 16  
ARG CA  CB   sing N N 17  
ARG CA  HA   sing N N 18  
ARG C   O    doub N N 19  
ARG C   OXT  sing N N 20  
ARG CB  CG   sing N N 21  
ARG CB  HB2  sing N N 22  
ARG CB  HB3  sing N N 23  
ARG CG  CD   sing N N 24  
ARG CG  HG2  sing N N 25  
ARG CG  HG3  sing N N 26  
ARG CD  NE   sing N N 27  
ARG CD  HD2  sing N N 28  
ARG CD  HD3  sing N N 29  
ARG NE  CZ   sing N N 30  
ARG NE  HE   sing N N 31  
ARG CZ  NH1  sing N N 32  
ARG CZ  NH2  doub N N 33  
ARG NH1 HH11 sing N N 34  
ARG NH1 HH12 sing N N 35  
ARG NH2 HH21 sing N N 36  
ARG NH2 HH22 sing N N 37  
ARG OXT HXT  sing N N 38  
ASN N   CA   sing N N 39  
ASN N   H    sing N N 40  
ASN N   H2   sing N N 41  
ASN CA  C    sing N N 42  
ASN CA  CB   sing N N 43  
ASN CA  HA   sing N N 44  
ASN C   O    doub N N 45  
ASN C   OXT  sing N N 46  
ASN CB  CG   sing N N 47  
ASN CB  HB2  sing N N 48  
ASN CB  HB3  sing N N 49  
ASN CG  OD1  doub N N 50  
ASN CG  ND2  sing N N 51  
ASN ND2 HD21 sing N N 52  
ASN ND2 HD22 sing N N 53  
ASN OXT HXT  sing N N 54  
ASP N   CA   sing N N 55  
ASP N   H    sing N N 56  
ASP N   H2   sing N N 57  
ASP CA  C    sing N N 58  
ASP CA  CB   sing N N 59  
ASP CA  HA   sing N N 60  
ASP C   O    doub N N 61  
ASP C   OXT  sing N N 62  
ASP CB  CG   sing N N 63  
ASP CB  HB2  sing N N 64  
ASP CB  HB3  sing N N 65  
ASP CG  OD1  doub N N 66  
ASP CG  OD2  sing N N 67  
ASP OD2 HD2  sing N N 68  
ASP OXT HXT  sing N N 69  
CYS N   CA   sing N N 70  
CYS N   H    sing N N 71  
CYS N   H2   sing N N 72  
CYS CA  C    sing N N 73  
CYS CA  CB   sing N N 74  
CYS CA  HA   sing N N 75  
CYS C   O    doub N N 76  
CYS C   OXT  sing N N 77  
CYS CB  SG   sing N N 78  
CYS CB  HB2  sing N N 79  
CYS CB  HB3  sing N N 80  
CYS SG  HG   sing N N 81  
CYS OXT HXT  sing N N 82  
GLN N   CA   sing N N 83  
GLN N   H    sing N N 84  
GLN N   H2   sing N N 85  
GLN CA  C    sing N N 86  
GLN CA  CB   sing N N 87  
GLN CA  HA   sing N N 88  
GLN C   O    doub N N 89  
GLN C   OXT  sing N N 90  
GLN CB  CG   sing N N 91  
GLN CB  HB2  sing N N 92  
GLN CB  HB3  sing N N 93  
GLN CG  CD   sing N N 94  
GLN CG  HG2  sing N N 95  
GLN CG  HG3  sing N N 96  
GLN CD  OE1  doub N N 97  
GLN CD  NE2  sing N N 98  
GLN NE2 HE21 sing N N 99  
GLN NE2 HE22 sing N N 100 
GLN OXT HXT  sing N N 101 
GLU N   CA   sing N N 102 
GLU N   H    sing N N 103 
GLU N   H2   sing N N 104 
GLU CA  C    sing N N 105 
GLU CA  CB   sing N N 106 
GLU CA  HA   sing N N 107 
GLU C   O    doub N N 108 
GLU C   OXT  sing N N 109 
GLU CB  CG   sing N N 110 
GLU CB  HB2  sing N N 111 
GLU CB  HB3  sing N N 112 
GLU CG  CD   sing N N 113 
GLU CG  HG2  sing N N 114 
GLU CG  HG3  sing N N 115 
GLU CD  OE1  doub N N 116 
GLU CD  OE2  sing N N 117 
GLU OE2 HE2  sing N N 118 
GLU OXT HXT  sing N N 119 
GLY N   CA   sing N N 120 
GLY N   H    sing N N 121 
GLY N   H2   sing N N 122 
GLY CA  C    sing N N 123 
GLY CA  HA2  sing N N 124 
GLY CA  HA3  sing N N 125 
GLY C   O    doub N N 126 
GLY C   OXT  sing N N 127 
GLY OXT HXT  sing N N 128 
HIS N   CA   sing N N 129 
HIS N   H    sing N N 130 
HIS N   H2   sing N N 131 
HIS CA  C    sing N N 132 
HIS CA  CB   sing N N 133 
HIS CA  HA   sing N N 134 
HIS C   O    doub N N 135 
HIS C   OXT  sing N N 136 
HIS CB  CG   sing N N 137 
HIS CB  HB2  sing N N 138 
HIS CB  HB3  sing N N 139 
HIS CG  ND1  sing Y N 140 
HIS CG  CD2  doub Y N 141 
HIS ND1 CE1  doub Y N 142 
HIS ND1 HD1  sing N N 143 
HIS CD2 NE2  sing Y N 144 
HIS CD2 HD2  sing N N 145 
HIS CE1 NE2  sing Y N 146 
HIS CE1 HE1  sing N N 147 
HIS NE2 HE2  sing N N 148 
HIS OXT HXT  sing N N 149 
ILE N   CA   sing N N 150 
ILE N   H    sing N N 151 
ILE N   H2   sing N N 152 
ILE CA  C    sing N N 153 
ILE CA  CB   sing N N 154 
ILE CA  HA   sing N N 155 
ILE C   O    doub N N 156 
ILE C   OXT  sing N N 157 
ILE CB  CG1  sing N N 158 
ILE CB  CG2  sing N N 159 
ILE CB  HB   sing N N 160 
ILE CG1 CD1  sing N N 161 
ILE CG1 HG12 sing N N 162 
ILE CG1 HG13 sing N N 163 
ILE CG2 HG21 sing N N 164 
ILE CG2 HG22 sing N N 165 
ILE CG2 HG23 sing N N 166 
ILE CD1 HD11 sing N N 167 
ILE CD1 HD12 sing N N 168 
ILE CD1 HD13 sing N N 169 
ILE OXT HXT  sing N N 170 
LEU N   CA   sing N N 171 
LEU N   H    sing N N 172 
LEU N   H2   sing N N 173 
LEU CA  C    sing N N 174 
LEU CA  CB   sing N N 175 
LEU CA  HA   sing N N 176 
LEU C   O    doub N N 177 
LEU C   OXT  sing N N 178 
LEU CB  CG   sing N N 179 
LEU CB  HB2  sing N N 180 
LEU CB  HB3  sing N N 181 
LEU CG  CD1  sing N N 182 
LEU CG  CD2  sing N N 183 
LEU CG  HG   sing N N 184 
LEU CD1 HD11 sing N N 185 
LEU CD1 HD12 sing N N 186 
LEU CD1 HD13 sing N N 187 
LEU CD2 HD21 sing N N 188 
LEU CD2 HD22 sing N N 189 
LEU CD2 HD23 sing N N 190 
LEU OXT HXT  sing N N 191 
LYS N   CA   sing N N 192 
LYS N   H    sing N N 193 
LYS N   H2   sing N N 194 
LYS CA  C    sing N N 195 
LYS CA  CB   sing N N 196 
LYS CA  HA   sing N N 197 
LYS C   O    doub N N 198 
LYS C   OXT  sing N N 199 
LYS CB  CG   sing N N 200 
LYS CB  HB2  sing N N 201 
LYS CB  HB3  sing N N 202 
LYS CG  CD   sing N N 203 
LYS CG  HG2  sing N N 204 
LYS CG  HG3  sing N N 205 
LYS CD  CE   sing N N 206 
LYS CD  HD2  sing N N 207 
LYS CD  HD3  sing N N 208 
LYS CE  NZ   sing N N 209 
LYS CE  HE2  sing N N 210 
LYS CE  HE3  sing N N 211 
LYS NZ  HZ1  sing N N 212 
LYS NZ  HZ2  sing N N 213 
LYS NZ  HZ3  sing N N 214 
LYS OXT HXT  sing N N 215 
MET N   CA   sing N N 216 
MET N   H    sing N N 217 
MET N   H2   sing N N 218 
MET CA  C    sing N N 219 
MET CA  CB   sing N N 220 
MET CA  HA   sing N N 221 
MET C   O    doub N N 222 
MET C   OXT  sing N N 223 
MET CB  CG   sing N N 224 
MET CB  HB2  sing N N 225 
MET CB  HB3  sing N N 226 
MET CG  SD   sing N N 227 
MET CG  HG2  sing N N 228 
MET CG  HG3  sing N N 229 
MET SD  CE   sing N N 230 
MET CE  HE1  sing N N 231 
MET CE  HE2  sing N N 232 
MET CE  HE3  sing N N 233 
MET OXT HXT  sing N N 234 
PHE N   CA   sing N N 235 
PHE N   H    sing N N 236 
PHE N   H2   sing N N 237 
PHE CA  C    sing N N 238 
PHE CA  CB   sing N N 239 
PHE CA  HA   sing N N 240 
PHE C   O    doub N N 241 
PHE C   OXT  sing N N 242 
PHE CB  CG   sing N N 243 
PHE CB  HB2  sing N N 244 
PHE CB  HB3  sing N N 245 
PHE CG  CD1  doub Y N 246 
PHE CG  CD2  sing Y N 247 
PHE CD1 CE1  sing Y N 248 
PHE CD1 HD1  sing N N 249 
PHE CD2 CE2  doub Y N 250 
PHE CD2 HD2  sing N N 251 
PHE CE1 CZ   doub Y N 252 
PHE CE1 HE1  sing N N 253 
PHE CE2 CZ   sing Y N 254 
PHE CE2 HE2  sing N N 255 
PHE CZ  HZ   sing N N 256 
PHE OXT HXT  sing N N 257 
PRO N   CA   sing N N 258 
PRO N   CD   sing N N 259 
PRO N   H    sing N N 260 
PRO CA  C    sing N N 261 
PRO CA  CB   sing N N 262 
PRO CA  HA   sing N N 263 
PRO C   O    doub N N 264 
PRO C   OXT  sing N N 265 
PRO CB  CG   sing N N 266 
PRO CB  HB2  sing N N 267 
PRO CB  HB3  sing N N 268 
PRO CG  CD   sing N N 269 
PRO CG  HG2  sing N N 270 
PRO CG  HG3  sing N N 271 
PRO CD  HD2  sing N N 272 
PRO CD  HD3  sing N N 273 
PRO OXT HXT  sing N N 274 
SER N   CA   sing N N 275 
SER N   H    sing N N 276 
SER N   H2   sing N N 277 
SER CA  C    sing N N 278 
SER CA  CB   sing N N 279 
SER CA  HA   sing N N 280 
SER C   O    doub N N 281 
SER C   OXT  sing N N 282 
SER CB  OG   sing N N 283 
SER CB  HB2  sing N N 284 
SER CB  HB3  sing N N 285 
SER OG  HG   sing N N 286 
SER OXT HXT  sing N N 287 
THR N   CA   sing N N 288 
THR N   H    sing N N 289 
THR N   H2   sing N N 290 
THR CA  C    sing N N 291 
THR CA  CB   sing N N 292 
THR CA  HA   sing N N 293 
THR C   O    doub N N 294 
THR C   OXT  sing N N 295 
THR CB  OG1  sing N N 296 
THR CB  CG2  sing N N 297 
THR CB  HB   sing N N 298 
THR OG1 HG1  sing N N 299 
THR CG2 HG21 sing N N 300 
THR CG2 HG22 sing N N 301 
THR CG2 HG23 sing N N 302 
THR OXT HXT  sing N N 303 
TRP N   CA   sing N N 304 
TRP N   H    sing N N 305 
TRP N   H2   sing N N 306 
TRP CA  C    sing N N 307 
TRP CA  CB   sing N N 308 
TRP CA  HA   sing N N 309 
TRP C   O    doub N N 310 
TRP C   OXT  sing N N 311 
TRP CB  CG   sing N N 312 
TRP CB  HB2  sing N N 313 
TRP CB  HB3  sing N N 314 
TRP CG  CD1  doub Y N 315 
TRP CG  CD2  sing Y N 316 
TRP CD1 NE1  sing Y N 317 
TRP CD1 HD1  sing N N 318 
TRP CD2 CE2  doub Y N 319 
TRP CD2 CE3  sing Y N 320 
TRP NE1 CE2  sing Y N 321 
TRP NE1 HE1  sing N N 322 
TRP CE2 CZ2  sing Y N 323 
TRP CE3 CZ3  doub Y N 324 
TRP CE3 HE3  sing N N 325 
TRP CZ2 CH2  doub Y N 326 
TRP CZ2 HZ2  sing N N 327 
TRP CZ3 CH2  sing Y N 328 
TRP CZ3 HZ3  sing N N 329 
TRP CH2 HH2  sing N N 330 
TRP OXT HXT  sing N N 331 
TYR N   CA   sing N N 332 
TYR N   H    sing N N 333 
TYR N   H2   sing N N 334 
TYR CA  C    sing N N 335 
TYR CA  CB   sing N N 336 
TYR CA  HA   sing N N 337 
TYR C   O    doub N N 338 
TYR C   OXT  sing N N 339 
TYR CB  CG   sing N N 340 
TYR CB  HB2  sing N N 341 
TYR CB  HB3  sing N N 342 
TYR CG  CD1  doub Y N 343 
TYR CG  CD2  sing Y N 344 
TYR CD1 CE1  sing Y N 345 
TYR CD1 HD1  sing N N 346 
TYR CD2 CE2  doub Y N 347 
TYR CD2 HD2  sing N N 348 
TYR CE1 CZ   doub Y N 349 
TYR CE1 HE1  sing N N 350 
TYR CE2 CZ   sing Y N 351 
TYR CE2 HE2  sing N N 352 
TYR CZ  OH   sing N N 353 
TYR OH  HH   sing N N 354 
TYR OXT HXT  sing N N 355 
VAL N   CA   sing N N 356 
VAL N   H    sing N N 357 
VAL N   H2   sing N N 358 
VAL CA  C    sing N N 359 
VAL CA  CB   sing N N 360 
VAL CA  HA   sing N N 361 
VAL C   O    doub N N 362 
VAL C   OXT  sing N N 363 
VAL CB  CG1  sing N N 364 
VAL CB  CG2  sing N N 365 
VAL CB  HB   sing N N 366 
VAL CG1 HG11 sing N N 367 
VAL CG1 HG12 sing N N 368 
VAL CG1 HG13 sing N N 369 
VAL CG2 HG21 sing N N 370 
VAL CG2 HG22 sing N N 371 
VAL CG2 HG23 sing N N 372 
VAL OXT HXT  sing N N 373 
# 
_pdbx_initial_refinement_model.accession_code   ? 
_pdbx_initial_refinement_model.id               1 
_pdbx_initial_refinement_model.entity_id_list   ? 
_pdbx_initial_refinement_model.type             other 
_pdbx_initial_refinement_model.source_name      ? 
_pdbx_initial_refinement_model.details          'CDNF N-TERMINAL DOMAIN' 
# 
_atom_sites.entry_id                    2W51 
_atom_sites.fract_transf_matrix[1][1]   0.00553260 
_atom_sites.fract_transf_matrix[1][2]   -0.00259164 
_atom_sites.fract_transf_matrix[1][3]   -0.01028891 
_atom_sites.fract_transf_matrix[2][1]   -0.00182355 
_atom_sites.fract_transf_matrix[2][2]   0.00682520 
_atom_sites.fract_transf_matrix[2][3]   -0.00965797 
_atom_sites.fract_transf_matrix[3][1]   0.02191620 
_atom_sites.fract_transf_matrix[3][2]   0.01661102 
_atom_sites.fract_transf_matrix[3][3]   0.00760079 
_atom_sites.fract_transf_vector[1]      -0.156169 
_atom_sites.fract_transf_vector[2]      0.231999 
_atom_sites.fract_transf_vector[3]      -0.120409 
# 
loop_
_atom_type.symbol 
C 
N 
O 
S 
# 
loop_
_atom_site.group_PDB 
_atom_site.id 
_atom_site.type_symbol 
_atom_site.label_atom_id 
_atom_site.label_alt_id 
_atom_site.label_comp_id 
_atom_site.label_asym_id 
_atom_site.label_entity_id 
_atom_site.label_seq_id 
_atom_site.pdbx_PDB_ins_code 
_atom_site.Cartn_x 
_atom_site.Cartn_y 
_atom_site.Cartn_z 
_atom_site.occupancy 
_atom_site.B_iso_or_equiv 
_atom_site.pdbx_formal_charge 
_atom_site.auth_seq_id 
_atom_site.auth_comp_id 
_atom_site.auth_asym_id 
_atom_site.auth_atom_id 
_atom_site.pdbx_PDB_model_num 
ATOM 1   N N   . LEU A 1 1   ? -0.182  -13.632 -9.809  1.00 93.94  ? 1   LEU A N   1 
ATOM 2   C CA  . LEU A 1 1   ? -0.940  -13.855 -11.080 1.00 93.85  ? 1   LEU A CA  1 
ATOM 3   C C   . LEU A 1 1   ? -2.457  -13.815 -10.848 1.00 93.74  ? 1   LEU A C   1 
ATOM 4   O O   . LEU A 1 1   ? -3.228  -13.539 -11.772 1.00 93.81  ? 1   LEU A O   1 
ATOM 5   C CB  . LEU A 1 1   ? -0.515  -15.176 -11.740 1.00 93.88  ? 1   LEU A CB  1 
ATOM 6   C CG  . LEU A 1 1   ? -0.469  -15.205 -13.276 1.00 93.90  ? 1   LEU A CG  1 
ATOM 7   C CD1 . LEU A 1 1   ? 0.730   -16.013 -13.773 1.00 94.10  ? 1   LEU A CD1 1 
ATOM 8   C CD2 . LEU A 1 1   ? -1.769  -15.728 -13.882 1.00 93.77  ? 1   LEU A CD2 1 
ATOM 9   N N   . ARG A 1 2   ? -2.870  -14.079 -9.609  1.00 93.50  ? 2   ARG A N   1 
ATOM 10  C CA  . ARG A 1 2   ? -4.277  -14.013 -9.209  1.00 93.43  ? 2   ARG A CA  1 
ATOM 11  C C   . ARG A 1 2   ? -4.777  -12.563 -9.121  1.00 92.97  ? 2   ARG A C   1 
ATOM 12  O O   . ARG A 1 2   ? -3.965  -11.633 -9.089  1.00 92.97  ? 2   ARG A O   1 
ATOM 13  C CB  . ARG A 1 2   ? -4.480  -14.738 -7.874  1.00 93.39  ? 2   ARG A CB  1 
ATOM 14  C CG  . ARG A 1 2   ? -4.503  -16.257 -7.989  1.00 93.87  ? 2   ARG A CG  1 
ATOM 15  C CD  . ARG A 1 2   ? -4.685  -16.918 -6.629  1.00 94.20  ? 2   ARG A CD  1 
ATOM 16  N NE  . ARG A 1 2   ? -6.019  -16.679 -6.076  1.00 95.88  ? 2   ARG A NE  1 
ATOM 17  C CZ  . ARG A 1 2   ? -6.486  -17.234 -4.959  1.00 96.78  ? 2   ARG A CZ  1 
ATOM 18  N NH1 . ARG A 1 2   ? -5.734  -18.075 -4.252  1.00 96.98  ? 2   ARG A NH1 1 
ATOM 19  N NH2 . ARG A 1 2   ? -7.717  -16.948 -4.548  1.00 96.88  ? 2   ARG A NH2 1 
ATOM 20  N N   . PRO A 1 3   ? -6.115  -12.362 -9.098  1.00 92.59  ? 3   PRO A N   1 
ATOM 21  C CA  . PRO A 1 3   ? -6.658  -11.008 -8.987  1.00 92.17  ? 3   PRO A CA  1 
ATOM 22  C C   . PRO A 1 3   ? -6.800  -10.543 -7.533  1.00 91.66  ? 3   PRO A C   1 
ATOM 23  O O   . PRO A 1 3   ? -7.327  -11.275 -6.689  1.00 91.57  ? 3   PRO A O   1 
ATOM 24  C CB  . PRO A 1 3   ? -8.027  -11.128 -9.660  1.00 92.24  ? 3   PRO A CB  1 
ATOM 25  C CG  . PRO A 1 3   ? -8.432  -12.564 -9.462  1.00 92.38  ? 3   PRO A CG  1 
ATOM 26  C CD  . PRO A 1 3   ? -7.188  -13.375 -9.189  1.00 92.58  ? 3   PRO A CD  1 
ATOM 27  N N   . GLY A 1 4   ? -6.325  -9.330  -7.259  1.00 91.10  ? 4   GLY A N   1 
ATOM 28  C CA  . GLY A 1 4   ? -6.341  -8.770  -5.910  1.00 90.42  ? 4   GLY A CA  1 
ATOM 29  C C   . GLY A 1 4   ? -5.206  -9.282  -5.041  1.00 89.94  ? 4   GLY A C   1 
ATOM 30  O O   . GLY A 1 4   ? -5.297  -9.264  -3.810  1.00 89.98  ? 4   GLY A O   1 
ATOM 31  N N   . ASP A 1 5   ? -4.137  -9.745  -5.684  1.00 89.39  ? 5   ASP A N   1 
ATOM 32  C CA  . ASP A 1 5   ? -2.944  -10.218 -4.984  1.00 88.77  ? 5   ASP A CA  1 
ATOM 33  C C   . ASP A 1 5   ? -1.886  -9.106  -4.998  1.00 88.15  ? 5   ASP A C   1 
ATOM 34  O O   . ASP A 1 5   ? -1.895  -8.257  -5.897  1.00 88.06  ? 5   ASP A O   1 
ATOM 35  C CB  . ASP A 1 5   ? -2.407  -11.492 -5.647  1.00 88.94  ? 5   ASP A CB  1 
ATOM 36  C CG  . ASP A 1 5   ? -2.144  -12.615 -4.649  1.00 89.26  ? 5   ASP A CG  1 
ATOM 37  O OD1 . ASP A 1 5   ? -1.591  -12.351 -3.555  1.00 89.65  ? 5   ASP A OD1 1 
ATOM 38  O OD2 . ASP A 1 5   ? -2.491  -13.775 -4.972  1.00 89.59  ? 5   ASP A OD2 1 
ATOM 39  N N   . CYS A 1 6   ? -0.993  -9.115  -4.002  1.00 87.26  ? 6   CYS A N   1 
ATOM 40  C CA  . CYS A 1 6   ? -0.013  -8.040  -3.771  1.00 86.24  ? 6   CYS A CA  1 
ATOM 41  C C   . CYS A 1 6   ? -0.602  -6.695  -4.175  1.00 85.19  ? 6   CYS A C   1 
ATOM 42  O O   . CYS A 1 6   ? -0.018  -5.958  -4.971  1.00 85.12  ? 6   CYS A O   1 
ATOM 43  C CB  . CYS A 1 6   ? 1.291   -8.284  -4.539  1.00 86.56  ? 6   CYS A CB  1 
ATOM 44  S SG  . CYS A 1 6   ? 1.756   -9.996  -4.813  1.00 87.47  ? 6   CYS A SG  1 
ATOM 45  N N   . GLU A 1 7   ? -1.776  -6.397  -3.632  1.00 83.85  ? 7   GLU A N   1 
ATOM 46  C CA  . GLU A 1 7   ? -2.566  -5.257  -4.069  1.00 82.56  ? 7   GLU A CA  1 
ATOM 47  C C   . GLU A 1 7   ? -1.815  -3.948  -3.877  1.00 81.26  ? 7   GLU A C   1 
ATOM 48  O O   . GLU A 1 7   ? -1.753  -3.119  -4.791  1.00 81.17  ? 7   GLU A O   1 
ATOM 49  C CB  . GLU A 1 7   ? -3.885  -5.228  -3.309  1.00 82.85  ? 7   GLU A CB  1 
ATOM 50  C CG  . GLU A 1 7   ? -4.920  -4.292  -3.891  1.00 83.69  ? 7   GLU A CG  1 
ATOM 51  C CD  . GLU A 1 7   ? -6.220  -4.355  -3.127  1.00 85.18  ? 7   GLU A CD  1 
ATOM 52  O OE1 . GLU A 1 7   ? -6.169  -4.335  -1.876  1.00 85.61  ? 7   GLU A OE1 1 
ATOM 53  O OE2 . GLU A 1 7   ? -7.288  -4.430  -3.775  1.00 85.82  ? 7   GLU A OE2 1 
ATOM 54  N N   . VAL A 1 8   ? -1.242  -3.782  -2.687  1.00 79.60  ? 8   VAL A N   1 
ATOM 55  C CA  . VAL A 1 8   ? -0.472  -2.590  -2.338  1.00 78.00  ? 8   VAL A CA  1 
ATOM 56  C C   . VAL A 1 8   ? 0.866   -2.590  -3.083  1.00 76.83  ? 8   VAL A C   1 
ATOM 57  O O   . VAL A 1 8   ? 1.306   -1.549  -3.577  1.00 76.46  ? 8   VAL A O   1 
ATOM 58  C CB  . VAL A 1 8   ? -0.256  -2.483  -0.801  1.00 78.00  ? 8   VAL A CB  1 
ATOM 59  C CG1 . VAL A 1 8   ? 0.520   -1.226  -0.437  1.00 77.89  ? 8   VAL A CG1 1 
ATOM 60  C CG2 . VAL A 1 8   ? -1.589  -2.486  -0.081  1.00 77.91  ? 8   VAL A CG2 1 
ATOM 61  N N   . CYS A 1 9   ? 1.490   -3.764  -3.170  1.00 75.46  ? 9   CYS A N   1 
ATOM 62  C CA  . CYS A 1 9   ? 2.752   -3.930  -3.889  1.00 74.43  ? 9   CYS A CA  1 
ATOM 63  C C   . CYS A 1 9   ? 2.652   -3.474  -5.344  1.00 73.54  ? 9   CYS A C   1 
ATOM 64  O O   . CYS A 1 9   ? 3.522   -2.754  -5.836  1.00 73.45  ? 9   CYS A O   1 
ATOM 65  C CB  . CYS A 1 9   ? 3.219   -5.385  -3.831  1.00 74.32  ? 9   CYS A CB  1 
ATOM 66  S SG  . CYS A 1 9   ? 4.827   -5.682  -4.606  1.00 75.09  ? 9   CYS A SG  1 
ATOM 67  N N   . ILE A 1 10  ? 1.587   -3.893  -6.022  1.00 72.57  ? 10  ILE A N   1 
ATOM 68  C CA  . ILE A 1 10  ? 1.393   -3.591  -7.437  1.00 71.51  ? 10  ILE A CA  1 
ATOM 69  C C   . ILE A 1 10  ? 1.001   -2.133  -7.643  1.00 70.94  ? 10  ILE A C   1 
ATOM 70  O O   . ILE A 1 10  ? 1.506   -1.471  -8.555  1.00 70.81  ? 10  ILE A O   1 
ATOM 71  C CB  . ILE A 1 10  ? 0.376   -4.564  -8.083  1.00 71.61  ? 10  ILE A CB  1 
ATOM 72  C CG1 . ILE A 1 10  ? 0.973   -5.977  -8.119  1.00 71.36  ? 10  ILE A CG1 1 
ATOM 73  C CG2 . ILE A 1 10  ? -0.026  -4.097  -9.495  1.00 71.46  ? 10  ILE A CG2 1 
ATOM 74  C CD1 . ILE A 1 10  ? -0.039  -7.084  -8.217  1.00 71.28  ? 10  ILE A CD1 1 
ATOM 75  N N   . SER A 1 11  ? 0.121   -1.629  -6.784  1.00 70.29  ? 11  SER A N   1 
ATOM 76  C CA  . SER A 1 11  ? -0.302  -0.239  -6.869  1.00 69.73  ? 11  SER A CA  1 
ATOM 77  C C   . SER A 1 11  ? 0.848   0.727   -6.603  1.00 69.42  ? 11  SER A C   1 
ATOM 78  O O   . SER A 1 11  ? 1.066   1.654   -7.387  1.00 69.56  ? 11  SER A O   1 
ATOM 79  C CB  . SER A 1 11  ? -1.452  0.047   -5.906  1.00 69.81  ? 11  SER A CB  1 
ATOM 80  O OG  . SER A 1 11  ? -1.748  1.437   -5.890  1.00 69.97  ? 11  SER A OG  1 
ATOM 81  N N   . TYR A 1 12  ? 1.578   0.494   -5.510  1.00 68.94  ? 12  TYR A N   1 
ATOM 82  C CA  . TYR A 1 12  ? 2.625   1.413   -5.045  1.00 68.35  ? 12  TYR A CA  1 
ATOM 83  C C   . TYR A 1 12  ? 3.846   1.477   -5.959  1.00 68.20  ? 12  TYR A C   1 
ATOM 84  O O   . TYR A 1 12  ? 4.364   2.564   -6.229  1.00 68.31  ? 12  TYR A O   1 
ATOM 85  C CB  . TYR A 1 12  ? 3.049   1.065   -3.617  1.00 68.00  ? 12  TYR A CB  1 
ATOM 86  C CG  . TYR A 1 12  ? 3.894   2.126   -2.949  1.00 67.75  ? 12  TYR A CG  1 
ATOM 87  C CD1 . TYR A 1 12  ? 3.302   3.249   -2.366  1.00 67.60  ? 12  TYR A CD1 1 
ATOM 88  C CD2 . TYR A 1 12  ? 5.284   2.004   -2.887  1.00 66.96  ? 12  TYR A CD2 1 
ATOM 89  C CE1 . TYR A 1 12  ? 4.076   4.227   -1.743  1.00 67.46  ? 12  TYR A CE1 1 
ATOM 90  C CE2 . TYR A 1 12  ? 6.066   2.977   -2.269  1.00 66.64  ? 12  TYR A CE2 1 
ATOM 91  C CZ  . TYR A 1 12  ? 5.458   4.085   -1.698  1.00 67.26  ? 12  TYR A CZ  1 
ATOM 92  O OH  . TYR A 1 12  ? 6.225   5.056   -1.087  1.00 67.49  ? 12  TYR A OH  1 
ATOM 93  N N   . LEU A 1 13  ? 4.306   0.324   -6.435  1.00 68.01  ? 13  LEU A N   1 
ATOM 94  C CA  . LEU A 1 13  ? 5.472   0.290   -7.313  1.00 67.96  ? 13  LEU A CA  1 
ATOM 95  C C   . LEU A 1 13  ? 5.117   0.739   -8.725  1.00 68.12  ? 13  LEU A C   1 
ATOM 96  O O   . LEU A 1 13  ? 5.968   1.272   -9.441  1.00 68.01  ? 13  LEU A O   1 
ATOM 97  C CB  . LEU A 1 13  ? 6.128   -1.094  -7.315  1.00 67.80  ? 13  LEU A CB  1 
ATOM 98  C CG  . LEU A 1 13  ? 6.661   -1.611  -5.969  1.00 67.72  ? 13  LEU A CG  1 
ATOM 99  C CD1 . LEU A 1 13  ? 7.280   -2.998  -6.108  1.00 67.17  ? 13  LEU A CD1 1 
ATOM 100 C CD2 . LEU A 1 13  ? 7.648   -0.638  -5.325  1.00 67.10  ? 13  LEU A CD2 1 
ATOM 101 N N   . GLY A 1 14  ? 3.859   0.529   -9.115  1.00 68.30  ? 14  GLY A N   1 
ATOM 102 C CA  . GLY A 1 14  ? 3.347   1.013   -10.401 1.00 68.49  ? 14  GLY A CA  1 
ATOM 103 C C   . GLY A 1 14  ? 3.366   2.531   -10.483 1.00 68.65  ? 14  GLY A C   1 
ATOM 104 O O   . GLY A 1 14  ? 3.713   3.110   -11.523 1.00 68.40  ? 14  GLY A O   1 
ATOM 105 N N   . ARG A 1 15  ? 2.997   3.166   -9.373  1.00 68.81  ? 15  ARG A N   1 
ATOM 106 C CA  . ARG A 1 15  ? 3.075   4.614   -9.241  1.00 69.05  ? 15  ARG A CA  1 
ATOM 107 C C   . ARG A 1 15  ? 4.514   5.084   -9.082  1.00 69.71  ? 15  ARG A C   1 
ATOM 108 O O   . ARG A 1 15  ? 4.857   6.187   -9.499  1.00 69.84  ? 15  ARG A O   1 
ATOM 109 C CB  . ARG A 1 15  ? 2.209   5.098   -8.084  1.00 68.79  ? 15  ARG A CB  1 
ATOM 110 C CG  . ARG A 1 15  ? 0.730   4.972   -8.380  1.00 67.94  ? 15  ARG A CG  1 
ATOM 111 C CD  . ARG A 1 15  ? -0.127  5.558   -7.296  1.00 66.52  ? 15  ARG A CD  1 
ATOM 112 N NE  . ARG A 1 15  ? -0.345  4.622   -6.197  1.00 65.51  ? 15  ARG A NE  1 
ATOM 113 C CZ  . ARG A 1 15  ? 0.162   4.768   -4.977  1.00 64.97  ? 15  ARG A CZ  1 
ATOM 114 N NH1 . ARG A 1 15  ? 0.926   5.816   -4.687  1.00 64.79  ? 15  ARG A NH1 1 
ATOM 115 N NH2 . ARG A 1 15  ? -0.106  3.864   -4.043  1.00 64.28  ? 15  ARG A NH2 1 
ATOM 116 N N   . PHE A 1 16  ? 5.360   4.249   -8.485  1.00 70.51  ? 16  PHE A N   1 
ATOM 117 C CA  . PHE A 1 16  ? 6.789   4.535   -8.449  1.00 71.20  ? 16  PHE A CA  1 
ATOM 118 C C   . PHE A 1 16  ? 7.354   4.505   -9.862  1.00 72.06  ? 16  PHE A C   1 
ATOM 119 O O   . PHE A 1 16  ? 8.081   5.410   -10.264 1.00 72.13  ? 16  PHE A O   1 
ATOM 120 C CB  . PHE A 1 16  ? 7.543   3.553   -7.544  1.00 70.74  ? 16  PHE A CB  1 
ATOM 121 C CG  . PHE A 1 16  ? 9.044   3.729   -7.573  1.00 70.00  ? 16  PHE A CG  1 
ATOM 122 C CD1 . PHE A 1 16  ? 9.632   4.942   -7.198  1.00 69.43  ? 16  PHE A CD1 1 
ATOM 123 C CD2 . PHE A 1 16  ? 9.870   2.683   -7.965  1.00 69.09  ? 16  PHE A CD2 1 
ATOM 124 C CE1 . PHE A 1 16  ? 11.019  5.112   -7.220  1.00 68.88  ? 16  PHE A CE1 1 
ATOM 125 C CE2 . PHE A 1 16  ? 11.263  2.845   -7.987  1.00 69.09  ? 16  PHE A CE2 1 
ATOM 126 C CZ  . PHE A 1 16  ? 11.836  4.061   -7.615  1.00 69.18  ? 16  PHE A CZ  1 
ATOM 127 N N   . TYR A 1 17  ? 7.005   3.462   -10.612 1.00 73.31  ? 17  TYR A N   1 
ATOM 128 C CA  . TYR A 1 17  ? 7.477   3.309   -11.981 1.00 74.66  ? 17  TYR A CA  1 
ATOM 129 C C   . TYR A 1 17  ? 7.077   4.520   -12.810 1.00 75.48  ? 17  TYR A C   1 
ATOM 130 O O   . TYR A 1 17  ? 7.936   5.196   -13.382 1.00 75.54  ? 17  TYR A O   1 
ATOM 131 C CB  . TYR A 1 17  ? 6.944   2.016   -12.606 1.00 74.78  ? 17  TYR A CB  1 
ATOM 132 C CG  . TYR A 1 17  ? 7.251   1.854   -14.081 1.00 75.34  ? 17  TYR A CG  1 
ATOM 133 C CD1 . TYR A 1 17  ? 8.521   2.152   -14.595 1.00 75.48  ? 17  TYR A CD1 1 
ATOM 134 C CD2 . TYR A 1 17  ? 6.280   1.380   -14.966 1.00 76.31  ? 17  TYR A CD2 1 
ATOM 135 C CE1 . TYR A 1 17  ? 8.811   2.000   -15.954 1.00 75.84  ? 17  TYR A CE1 1 
ATOM 136 C CE2 . TYR A 1 17  ? 6.559   1.219   -16.334 1.00 76.58  ? 17  TYR A CE2 1 
ATOM 137 C CZ  . TYR A 1 17  ? 7.828   1.533   -16.820 1.00 76.27  ? 17  TYR A CZ  1 
ATOM 138 O OH  . TYR A 1 17  ? 8.112   1.379   -18.166 1.00 76.03  ? 17  TYR A OH  1 
ATOM 139 N N   . GLN A 1 18  ? 5.776   4.797   -12.853 1.00 76.55  ? 18  GLN A N   1 
ATOM 140 C CA  . GLN A 1 18  ? 5.253   5.947   -13.581 1.00 77.56  ? 18  GLN A CA  1 
ATOM 141 C C   . GLN A 1 18  ? 5.993   7.232   -13.236 1.00 78.08  ? 18  GLN A C   1 
ATOM 142 O O   . GLN A 1 18  ? 6.429   7.949   -14.137 1.00 78.45  ? 18  GLN A O   1 
ATOM 143 C CB  . GLN A 1 18  ? 3.751   6.119   -13.338 1.00 77.69  ? 18  GLN A CB  1 
ATOM 144 C CG  . GLN A 1 18  ? 2.853   5.285   -14.257 1.00 78.57  ? 18  GLN A CG  1 
ATOM 145 C CD  . GLN A 1 18  ? 2.996   5.660   -15.729 1.00 79.03  ? 18  GLN A CD  1 
ATOM 146 O OE1 . GLN A 1 18  ? 3.133   4.788   -16.589 1.00 79.14  ? 18  GLN A OE1 1 
ATOM 147 N NE2 . GLN A 1 18  ? 2.971   6.961   -16.021 1.00 79.10  ? 18  GLN A NE2 1 
ATOM 148 N N   . ASP A 1 19  ? 6.165   7.497   -11.941 1.00 78.63  ? 19  ASP A N   1 
ATOM 149 C CA  . ASP A 1 19  ? 6.780   8.741   -11.475 1.00 79.12  ? 19  ASP A CA  1 
ATOM 150 C C   . ASP A 1 19  ? 8.227   8.891   -11.927 1.00 79.43  ? 19  ASP A C   1 
ATOM 151 O O   . ASP A 1 19  ? 8.720   10.009  -12.086 1.00 79.35  ? 19  ASP A O   1 
ATOM 152 C CB  . ASP A 1 19  ? 6.695   8.857   -9.956  1.00 79.12  ? 19  ASP A CB  1 
ATOM 153 C CG  . ASP A 1 19  ? 6.926   10.273  -9.470  1.00 79.63  ? 19  ASP A CG  1 
ATOM 154 O OD1 . ASP A 1 19  ? 6.093   11.161  -9.777  1.00 79.92  ? 19  ASP A OD1 1 
ATOM 155 O OD2 . ASP A 1 19  ? 7.942   10.497  -8.778  1.00 80.08  ? 19  ASP A OD2 1 
ATOM 156 N N   . LEU A 1 20  ? 8.899   7.761   -12.129 1.00 80.07  ? 20  LEU A N   1 
ATOM 157 C CA  . LEU A 1 20  ? 10.262  7.756   -12.655 1.00 80.68  ? 20  LEU A CA  1 
ATOM 158 C C   . LEU A 1 20  ? 10.284  8.300   -14.087 1.00 81.19  ? 20  LEU A C   1 
ATOM 159 O O   . LEU A 1 20  ? 11.029  9.235   -14.394 1.00 81.36  ? 20  LEU A O   1 
ATOM 160 C CB  . LEU A 1 20  ? 10.869  6.347   -12.598 1.00 80.54  ? 20  LEU A CB  1 
ATOM 161 C CG  . LEU A 1 20  ? 11.115  5.695   -11.234 1.00 80.08  ? 20  LEU A CG  1 
ATOM 162 C CD1 . LEU A 1 20  ? 11.265  4.201   -11.402 1.00 79.23  ? 20  LEU A CD1 1 
ATOM 163 C CD2 . LEU A 1 20  ? 12.332  6.288   -10.539 1.00 79.56  ? 20  LEU A CD2 1 
ATOM 164 N N   . LYS A 1 21  ? 9.454   7.717   -14.948 1.00 81.74  ? 21  LYS A N   1 
ATOM 165 C CA  . LYS A 1 21  ? 9.302   8.186   -16.322 1.00 82.26  ? 21  LYS A CA  1 
ATOM 166 C C   . LYS A 1 21  ? 8.985   9.681   -16.374 1.00 82.63  ? 21  LYS A C   1 
ATOM 167 O O   . LYS A 1 21  ? 9.699   10.446  -17.022 1.00 82.63  ? 21  LYS A O   1 
ATOM 168 C CB  . LYS A 1 21  ? 8.212   7.389   -17.042 1.00 82.23  ? 21  LYS A CB  1 
ATOM 169 C CG  . LYS A 1 21  ? 8.585   5.944   -17.327 1.00 82.15  ? 21  LYS A CG  1 
ATOM 170 C CD  . LYS A 1 21  ? 7.508   5.227   -18.118 1.00 82.27  ? 21  LYS A CD  1 
ATOM 171 C CE  . LYS A 1 21  ? 6.349   4.820   -17.225 1.00 83.56  ? 21  LYS A CE  1 
ATOM 172 N NZ  . LYS A 1 21  ? 5.379   3.910   -17.910 1.00 84.53  ? 21  LYS A NZ  1 
ATOM 173 N N   . ASP A 1 22  ? 7.930   10.085  -15.667 1.00 83.06  ? 22  ASP A N   1 
ATOM 174 C CA  . ASP A 1 22  ? 7.446   11.470  -15.672 1.00 83.46  ? 22  ASP A CA  1 
ATOM 175 C C   . ASP A 1 22  ? 8.537   12.497  -15.343 1.00 83.78  ? 22  ASP A C   1 
ATOM 176 O O   . ASP A 1 22  ? 8.605   13.561  -15.973 1.00 83.97  ? 22  ASP A O   1 
ATOM 177 C CB  . ASP A 1 22  ? 6.246   11.625  -14.729 1.00 83.41  ? 22  ASP A CB  1 
ATOM 178 C CG  . ASP A 1 22  ? 5.136   10.609  -15.010 1.00 83.94  ? 22  ASP A CG  1 
ATOM 179 O OD1 . ASP A 1 22  ? 5.261   9.821   -15.978 1.00 84.40  ? 22  ASP A OD1 1 
ATOM 180 O OD2 . ASP A 1 22  ? 4.139   10.587  -14.252 1.00 84.26  ? 22  ASP A OD2 1 
ATOM 181 N N   . ARG A 1 23  ? 9.388   12.176  -14.369 1.00 83.90  ? 23  ARG A N   1 
ATOM 182 C CA  . ARG A 1 23  ? 10.522  13.032  -14.032 1.00 84.11  ? 23  ARG A CA  1 
ATOM 183 C C   . ARG A 1 23  ? 11.741  12.678  -14.887 1.00 84.20  ? 23  ARG A C   1 
ATOM 184 O O   . ARG A 1 23  ? 12.818  13.266  -14.722 1.00 84.21  ? 23  ARG A O   1 
ATOM 185 C CB  . ARG A 1 23  ? 10.871  12.929  -12.546 1.00 84.09  ? 23  ARG A CB  1 
ATOM 186 C CG  . ARG A 1 23  ? 9.696   13.126  -11.593 1.00 84.45  ? 23  ARG A CG  1 
ATOM 187 C CD  . ARG A 1 23  ? 10.138  13.377  -10.147 1.00 84.41  ? 23  ARG A CD  1 
ATOM 188 N NE  . ARG A 1 23  ? 11.382  12.692  -9.787  1.00 85.34  ? 23  ARG A NE  1 
ATOM 189 C CZ  . ARG A 1 23  ? 11.484  11.406  -9.454  1.00 85.67  ? 23  ARG A CZ  1 
ATOM 190 N NH1 . ARG A 1 23  ? 10.415  10.618  -9.436  1.00 86.24  ? 23  ARG A NH1 1 
ATOM 191 N NH2 . ARG A 1 23  ? 12.669  10.900  -9.147  1.00 86.00  ? 23  ARG A NH2 1 
ATOM 192 N N   . ASP A 1 24  ? 11.555  11.724  -15.802 1.00 84.32  ? 24  ASP A N   1 
ATOM 193 C CA  . ASP A 1 24  ? 12.615  11.209  -16.680 1.00 84.55  ? 24  ASP A CA  1 
ATOM 194 C C   . ASP A 1 24  ? 13.866  10.810  -15.895 1.00 84.51  ? 24  ASP A C   1 
ATOM 195 O O   . ASP A 1 24  ? 14.927  11.442  -16.004 1.00 84.59  ? 24  ASP A O   1 
ATOM 196 C CB  . ASP A 1 24  ? 12.946  12.198  -17.808 1.00 84.76  ? 24  ASP A CB  1 
ATOM 197 C CG  . ASP A 1 24  ? 13.586  11.522  -19.015 1.00 85.31  ? 24  ASP A CG  1 
ATOM 198 O OD1 . ASP A 1 24  ? 12.954  10.604  -19.589 1.00 85.78  ? 24  ASP A OD1 1 
ATOM 199 O OD2 . ASP A 1 24  ? 14.715  11.919  -19.397 1.00 85.65  ? 24  ASP A OD2 1 
ATOM 200 N N   . VAL A 1 25  ? 13.711  9.765   -15.085 1.00 84.29  ? 25  VAL A N   1 
ATOM 201 C CA  . VAL A 1 25  ? 14.808  9.204   -14.307 1.00 83.92  ? 25  VAL A CA  1 
ATOM 202 C C   . VAL A 1 25  ? 15.601  8.234   -15.177 1.00 83.71  ? 25  VAL A C   1 
ATOM 203 O O   . VAL A 1 25  ? 15.023  7.448   -15.938 1.00 83.67  ? 25  VAL A O   1 
ATOM 204 C CB  . VAL A 1 25  ? 14.286  8.492   -13.032 1.00 83.94  ? 25  VAL A CB  1 
ATOM 205 C CG1 . VAL A 1 25  ? 15.420  7.812   -12.259 1.00 83.60  ? 25  VAL A CG1 1 
ATOM 206 C CG2 . VAL A 1 25  ? 13.556  9.482   -12.136 1.00 84.14  ? 25  VAL A CG2 1 
ATOM 207 N N   . THR A 1 26  ? 16.925  8.320   -15.075 1.00 83.37  ? 26  THR A N   1 
ATOM 208 C CA  . THR A 1 26  ? 17.828  7.346   -15.677 1.00 83.03  ? 26  THR A CA  1 
ATOM 209 C C   . THR A 1 26  ? 17.558  5.981   -15.036 1.00 82.75  ? 26  THR A C   1 
ATOM 210 O O   . THR A 1 26  ? 17.895  5.759   -13.870 1.00 82.81  ? 26  THR A O   1 
ATOM 211 C CB  . THR A 1 26  ? 19.308  7.753   -15.456 1.00 83.02  ? 26  THR A CB  1 
ATOM 212 O OG1 . THR A 1 26  ? 19.490  9.127   -15.818 1.00 82.69  ? 26  THR A OG1 1 
ATOM 213 C CG2 . THR A 1 26  ? 20.249  6.881   -16.285 1.00 83.14  ? 26  THR A CG2 1 
ATOM 214 N N   . PHE A 1 27  ? 16.931  5.082   -15.792 1.00 82.32  ? 27  PHE A N   1 
ATOM 215 C CA  . PHE A 1 27  ? 16.567  3.759   -15.277 1.00 81.94  ? 27  PHE A CA  1 
ATOM 216 C C   . PHE A 1 27  ? 17.783  2.863   -15.037 1.00 81.62  ? 27  PHE A C   1 
ATOM 217 O O   . PHE A 1 27  ? 18.195  2.092   -15.913 1.00 81.65  ? 27  PHE A O   1 
ATOM 218 C CB  . PHE A 1 27  ? 15.544  3.079   -16.190 1.00 82.01  ? 27  PHE A CB  1 
ATOM 219 C CG  . PHE A 1 27  ? 14.123  3.417   -15.853 1.00 82.07  ? 27  PHE A CG  1 
ATOM 220 C CD1 . PHE A 1 27  ? 13.581  4.645   -16.213 1.00 82.45  ? 27  PHE A CD1 1 
ATOM 221 C CD2 . PHE A 1 27  ? 13.328  2.510   -15.166 1.00 82.25  ? 27  PHE A CD2 1 
ATOM 222 C CE1 . PHE A 1 27  ? 12.266  4.964   -15.896 1.00 82.55  ? 27  PHE A CE1 1 
ATOM 223 C CE2 . PHE A 1 27  ? 12.014  2.817   -14.847 1.00 82.27  ? 27  PHE A CE2 1 
ATOM 224 C CZ  . PHE A 1 27  ? 11.482  4.045   -15.213 1.00 82.44  ? 27  PHE A CZ  1 
ATOM 225 N N   . SER A 1 28  ? 18.345  2.986   -13.837 1.00 81.08  ? 28  SER A N   1 
ATOM 226 C CA  . SER A 1 28  ? 19.541  2.254   -13.432 1.00 80.63  ? 28  SER A CA  1 
ATOM 227 C C   . SER A 1 28  ? 19.393  1.813   -11.974 1.00 80.09  ? 28  SER A C   1 
ATOM 228 O O   . SER A 1 28  ? 18.908  2.591   -11.147 1.00 80.18  ? 28  SER A O   1 
ATOM 229 C CB  . SER A 1 28  ? 20.788  3.132   -13.610 1.00 80.74  ? 28  SER A CB  1 
ATOM 230 O OG  . SER A 1 28  ? 21.939  2.553   -13.009 1.00 81.06  ? 28  SER A OG  1 
ATOM 231 N N   . PRO A 1 29  ? 19.814  0.567   -11.656 1.00 79.46  ? 29  PRO A N   1 
ATOM 232 C CA  . PRO A 1 29  ? 19.611  -0.012  -10.326 1.00 78.82  ? 29  PRO A CA  1 
ATOM 233 C C   . PRO A 1 29  ? 19.868  0.976   -9.190  1.00 78.19  ? 29  PRO A C   1 
ATOM 234 O O   . PRO A 1 29  ? 18.944  1.292   -8.436  1.00 78.11  ? 29  PRO A O   1 
ATOM 235 C CB  . PRO A 1 29  ? 20.617  -1.162  -10.297 1.00 78.99  ? 29  PRO A CB  1 
ATOM 236 C CG  . PRO A 1 29  ? 20.677  -1.622  -11.719 1.00 79.12  ? 29  PRO A CG  1 
ATOM 237 C CD  . PRO A 1 29  ? 20.516  -0.375  -12.556 1.00 79.48  ? 29  PRO A CD  1 
ATOM 238 N N   . ALA A 1 30  ? 21.097  1.476   -9.094  1.00 77.46  ? 30  ALA A N   1 
ATOM 239 C CA  . ALA A 1 30  ? 21.478  2.423   -8.046  1.00 76.76  ? 30  ALA A CA  1 
ATOM 240 C C   . ALA A 1 30  ? 20.595  3.665   -8.042  1.00 76.33  ? 30  ALA A C   1 
ATOM 241 O O   . ALA A 1 30  ? 20.191  4.142   -6.981  1.00 76.39  ? 30  ALA A O   1 
ATOM 242 C CB  . ALA A 1 30  ? 22.935  2.813   -8.186  1.00 76.77  ? 30  ALA A CB  1 
ATOM 243 N N   . THR A 1 31  ? 20.297  4.177   -9.235  1.00 75.73  ? 31  THR A N   1 
ATOM 244 C CA  . THR A 1 31  ? 19.427  5.339   -9.377  1.00 75.13  ? 31  THR A CA  1 
ATOM 245 C C   . THR A 1 31  ? 18.051  4.995   -8.825  1.00 74.53  ? 31  THR A C   1 
ATOM 246 O O   . THR A 1 31  ? 17.560  5.666   -7.913  1.00 74.62  ? 31  THR A O   1 
ATOM 247 C CB  . THR A 1 31  ? 19.292  5.793   -10.851 1.00 75.30  ? 31  THR A CB  1 
ATOM 248 O OG1 . THR A 1 31  ? 20.520  5.557   -11.558 1.00 75.46  ? 31  THR A OG1 1 
ATOM 249 C CG2 . THR A 1 31  ? 18.928  7.275   -10.920 1.00 75.17  ? 31  THR A CG2 1 
ATOM 250 N N   . ILE A 1 32  ? 17.453  3.933   -9.361  1.00 73.61  ? 32  ILE A N   1 
ATOM 251 C CA  . ILE A 1 32  ? 16.139  3.466   -8.923  1.00 72.69  ? 32  ILE A CA  1 
ATOM 252 C C   . ILE A 1 32  ? 16.082  3.281   -7.405  1.00 72.28  ? 32  ILE A C   1 
ATOM 253 O O   . ILE A 1 32  ? 15.119  3.709   -6.767  1.00 72.07  ? 32  ILE A O   1 
ATOM 254 C CB  . ILE A 1 32  ? 15.732  2.169   -9.654  1.00 72.55  ? 32  ILE A CB  1 
ATOM 255 C CG1 . ILE A 1 32  ? 15.583  2.445   -11.152 1.00 72.41  ? 32  ILE A CG1 1 
ATOM 256 C CG2 . ILE A 1 32  ? 14.439  1.603   -9.078  1.00 72.09  ? 32  ILE A CG2 1 
ATOM 257 C CD1 . ILE A 1 32  ? 15.281  1.225   -11.992 1.00 73.30  ? 32  ILE A CD1 1 
ATOM 258 N N   . GLU A 1 33  ? 17.121  2.667   -6.842  1.00 71.90  ? 33  GLU A N   1 
ATOM 259 C CA  . GLU A 1 33  ? 17.219  2.455   -5.398  1.00 71.70  ? 33  GLU A CA  1 
ATOM 260 C C   . GLU A 1 33  ? 17.064  3.760   -4.645  1.00 71.51  ? 33  GLU A C   1 
ATOM 261 O O   . GLU A 1 33  ? 16.153  3.903   -3.820  1.00 71.60  ? 33  GLU A O   1 
ATOM 262 C CB  . GLU A 1 33  ? 18.553  1.812   -5.026  1.00 71.66  ? 33  GLU A CB  1 
ATOM 263 C CG  . GLU A 1 33  ? 18.535  0.303   -5.081  1.00 72.14  ? 33  GLU A CG  1 
ATOM 264 C CD  . GLU A 1 33  ? 19.878  -0.320  -4.747  1.00 72.75  ? 33  GLU A CD  1 
ATOM 265 O OE1 . GLU A 1 33  ? 20.479  0.053   -3.710  1.00 72.64  ? 33  GLU A OE1 1 
ATOM 266 O OE2 . GLU A 1 33  ? 20.325  -1.195  -5.523  1.00 73.26  ? 33  GLU A OE2 1 
ATOM 267 N N   . ASN A 1 34  ? 17.948  4.712   -4.948  1.00 71.22  ? 34  ASN A N   1 
ATOM 268 C CA  . ASN A 1 34  ? 17.931  6.031   -4.315  1.00 70.81  ? 34  ASN A CA  1 
ATOM 269 C C   . ASN A 1 34  ? 16.573  6.700   -4.467  1.00 70.21  ? 34  ASN A C   1 
ATOM 270 O O   . ASN A 1 34  ? 16.089  7.346   -3.538  1.00 70.17  ? 34  ASN A O   1 
ATOM 271 C CB  . ASN A 1 34  ? 19.049  6.927   -4.869  1.00 71.01  ? 34  ASN A CB  1 
ATOM 272 C CG  . ASN A 1 34  ? 20.445  6.491   -4.406  1.00 71.69  ? 34  ASN A CG  1 
ATOM 273 O OD1 . ASN A 1 34  ? 20.728  5.296   -4.247  1.00 72.67  ? 34  ASN A OD1 1 
ATOM 274 N ND2 . ASN A 1 34  ? 21.327  7.467   -4.199  1.00 72.23  ? 34  ASN A ND2 1 
ATOM 275 N N   . GLU A 1 35  ? 15.954  6.514   -5.631  1.00 69.58  ? 35  GLU A N   1 
ATOM 276 C CA  . GLU A 1 35  ? 14.615  7.035   -5.886  1.00 69.10  ? 35  GLU A CA  1 
ATOM 277 C C   . GLU A 1 35  ? 13.526  6.287   -5.118  1.00 68.68  ? 35  GLU A C   1 
ATOM 278 O O   . GLU A 1 35  ? 12.508  6.882   -4.761  1.00 68.69  ? 35  GLU A O   1 
ATOM 279 C CB  . GLU A 1 35  ? 14.289  7.055   -7.389  1.00 69.22  ? 35  GLU A CB  1 
ATOM 280 C CG  . GLU A 1 35  ? 15.162  7.994   -8.238  1.00 69.31  ? 35  GLU A CG  1 
ATOM 281 C CD  . GLU A 1 35  ? 15.296  9.404   -7.663  1.00 69.72  ? 35  GLU A CD  1 
ATOM 282 O OE1 . GLU A 1 35  ? 14.318  9.931   -7.085  1.00 69.87  ? 35  GLU A OE1 1 
ATOM 283 O OE2 . GLU A 1 35  ? 16.391  9.991   -7.794  1.00 69.95  ? 35  GLU A OE2 1 
ATOM 284 N N   . LEU A 1 36  ? 13.730  4.996   -4.862  1.00 67.97  ? 36  LEU A N   1 
ATOM 285 C CA  . LEU A 1 36  ? 12.748  4.242   -4.098  1.00 67.42  ? 36  LEU A CA  1 
ATOM 286 C C   . LEU A 1 36  ? 12.755  4.653   -2.631  1.00 67.56  ? 36  LEU A C   1 
ATOM 287 O O   . LEU A 1 36  ? 11.694  4.849   -2.042  1.00 67.48  ? 36  LEU A O   1 
ATOM 288 C CB  . LEU A 1 36  ? 12.927  2.732   -4.262  1.00 67.33  ? 36  LEU A CB  1 
ATOM 289 C CG  . LEU A 1 36  ? 11.836  1.829   -3.666  1.00 66.46  ? 36  LEU A CG  1 
ATOM 290 C CD1 . LEU A 1 36  ? 10.430  2.214   -4.117  1.00 65.13  ? 36  LEU A CD1 1 
ATOM 291 C CD2 . LEU A 1 36  ? 12.116  0.380   -3.995  1.00 66.92  ? 36  LEU A CD2 1 
ATOM 292 N N   . ILE A 1 37  ? 13.945  4.792   -2.051  1.00 67.81  ? 37  ILE A N   1 
ATOM 293 C CA  . ILE A 1 37  ? 14.084  5.200   -0.646  1.00 68.22  ? 37  ILE A CA  1 
ATOM 294 C C   . ILE A 1 37  ? 13.465  6.572   -0.406  1.00 68.63  ? 37  ILE A C   1 
ATOM 295 O O   . ILE A 1 37  ? 12.718  6.765   0.562   1.00 68.74  ? 37  ILE A O   1 
ATOM 296 C CB  . ILE A 1 37  ? 15.563  5.225   -0.182  1.00 68.23  ? 37  ILE A CB  1 
ATOM 297 C CG1 . ILE A 1 37  ? 16.220  3.850   -0.381  1.00 67.85  ? 37  ILE A CG1 1 
ATOM 298 C CG2 . ILE A 1 37  ? 15.654  5.659   1.280   1.00 68.00  ? 37  ILE A CG2 1 
ATOM 299 C CD1 . ILE A 1 37  ? 17.714  3.902   -0.589  1.00 66.44  ? 37  ILE A CD1 1 
ATOM 300 N N   . LYS A 1 38  ? 13.778  7.512   -1.296  1.00 69.10  ? 38  LYS A N   1 
ATOM 301 C CA  . LYS A 1 38  ? 13.239  8.872   -1.232  1.00 69.64  ? 38  LYS A CA  1 
ATOM 302 C C   . LYS A 1 38  ? 11.727  8.890   -1.474  1.00 69.85  ? 38  LYS A C   1 
ATOM 303 O O   . LYS A 1 38  ? 11.010  9.726   -0.919  1.00 69.91  ? 38  LYS A O   1 
ATOM 304 C CB  . LYS A 1 38  ? 13.954  9.785   -2.231  1.00 69.57  ? 38  LYS A CB  1 
ATOM 305 C CG  . LYS A 1 38  ? 15.435  10.045  -1.905  1.00 69.85  ? 38  LYS A CG  1 
ATOM 306 C CD  . LYS A 1 38  ? 16.036  11.131  -2.790  1.00 69.89  ? 38  LYS A CD  1 
ATOM 307 C CE  . LYS A 1 38  ? 16.134  10.692  -4.250  1.00 70.48  ? 38  LYS A CE  1 
ATOM 308 N NZ  . LYS A 1 38  ? 16.127  11.862  -5.177  1.00 70.82  ? 38  LYS A NZ  1 
ATOM 309 N N   . PHE A 1 39  ? 11.257  7.954   -2.294  1.00 70.13  ? 39  PHE A N   1 
ATOM 310 C CA  . PHE A 1 39  ? 9.834   7.759   -2.537  1.00 70.28  ? 39  PHE A CA  1 
ATOM 311 C C   . PHE A 1 39  ? 9.137   7.212   -1.292  1.00 70.62  ? 39  PHE A C   1 
ATOM 312 O O   . PHE A 1 39  ? 7.964   7.498   -1.057  1.00 70.73  ? 39  PHE A O   1 
ATOM 313 C CB  . PHE A 1 39  ? 9.649   6.787   -3.700  1.00 70.26  ? 39  PHE A CB  1 
ATOM 314 C CG  . PHE A 1 39  ? 8.293   6.843   -4.342  1.00 70.17  ? 39  PHE A CG  1 
ATOM 315 C CD1 . PHE A 1 39  ? 7.934   7.916   -5.158  1.00 70.00  ? 39  PHE A CD1 1 
ATOM 316 C CD2 . PHE A 1 39  ? 7.382   5.807   -4.158  1.00 69.80  ? 39  PHE A CD2 1 
ATOM 317 C CE1 . PHE A 1 39  ? 6.680   7.964   -5.765  1.00 69.64  ? 39  PHE A CE1 1 
ATOM 318 C CE2 . PHE A 1 39  ? 6.125   5.845   -4.761  1.00 69.85  ? 39  PHE A CE2 1 
ATOM 319 C CZ  . PHE A 1 39  ? 5.774   6.928   -5.565  1.00 69.84  ? 39  PHE A CZ  1 
ATOM 320 N N   . CYS A 1 40  ? 9.866   6.433   -0.494  1.00 70.92  ? 40  CYS A N   1 
ATOM 321 C CA  . CYS A 1 40  ? 9.292   5.739   0.662   1.00 71.16  ? 40  CYS A CA  1 
ATOM 322 C C   . CYS A 1 40  ? 9.119   6.602   1.907   1.00 71.72  ? 40  CYS A C   1 
ATOM 323 O O   . CYS A 1 40  ? 8.447   6.197   2.853   1.00 71.86  ? 40  CYS A O   1 
ATOM 324 C CB  . CYS A 1 40  ? 10.117  4.500   1.002   1.00 70.87  ? 40  CYS A CB  1 
ATOM 325 S SG  . CYS A 1 40  ? 9.679   3.093   -0.013  1.00 69.61  ? 40  CYS A SG  1 
ATOM 326 N N   . ARG A 1 41  ? 9.732   7.779   1.912   1.00 72.36  ? 41  ARG A N   1 
ATOM 327 C CA  . ARG A 1 41  ? 9.584   8.707   3.025   1.00 72.90  ? 41  ARG A CA  1 
ATOM 328 C C   . ARG A 1 41  ? 8.165   9.280   3.085   1.00 73.17  ? 41  ARG A C   1 
ATOM 329 O O   . ARG A 1 41  ? 7.681   9.637   4.161   1.00 73.30  ? 41  ARG A O   1 
ATOM 330 C CB  . ARG A 1 41  ? 10.647  9.801   2.944   1.00 73.02  ? 41  ARG A CB  1 
ATOM 331 C CG  . ARG A 1 41  ? 12.006  9.309   3.423   1.00 74.01  ? 41  ARG A CG  1 
ATOM 332 C CD  . ARG A 1 41  ? 13.163  9.983   2.713   1.00 75.77  ? 41  ARG A CD  1 
ATOM 333 N NE  . ARG A 1 41  ? 14.440  9.369   3.090   1.00 77.23  ? 41  ARG A NE  1 
ATOM 334 C CZ  . ARG A 1 41  ? 15.644  9.822   2.735   1.00 77.72  ? 41  ARG A CZ  1 
ATOM 335 N NH1 . ARG A 1 41  ? 15.764  10.912  1.978   1.00 78.02  ? 41  ARG A NH1 1 
ATOM 336 N NH2 . ARG A 1 41  ? 16.736  9.180   3.138   1.00 77.44  ? 41  ARG A NH2 1 
ATOM 337 N N   . GLU A 1 42  ? 7.501   9.333   1.930   1.00 73.40  ? 42  GLU A N   1 
ATOM 338 C CA  . GLU A 1 42  ? 6.097   9.736   1.834   1.00 73.63  ? 42  GLU A CA  1 
ATOM 339 C C   . GLU A 1 42  ? 5.136   8.730   2.491   1.00 73.52  ? 42  GLU A C   1 
ATOM 340 O O   . GLU A 1 42  ? 4.011   9.089   2.843   1.00 73.66  ? 42  GLU A O   1 
ATOM 341 C CB  . GLU A 1 42  ? 5.696   9.933   0.358   1.00 73.72  ? 42  GLU A CB  1 
ATOM 342 C CG  . GLU A 1 42  ? 5.328   8.621   -0.395  1.00 74.18  ? 42  GLU A CG  1 
ATOM 343 C CD  . GLU A 1 42  ? 4.696   8.842   -1.768  1.00 74.30  ? 42  GLU A CD  1 
ATOM 344 O OE1 . GLU A 1 42  ? 5.294   9.562   -2.600  1.00 75.45  ? 42  GLU A OE1 1 
ATOM 345 O OE2 . GLU A 1 42  ? 3.605   8.279   -2.027  1.00 74.96  ? 42  GLU A OE2 1 
ATOM 346 N N   . ALA A 1 43  ? 5.582   7.482   2.655   1.00 73.40  ? 43  ALA A N   1 
ATOM 347 C CA  . ALA A 1 43  ? 4.679   6.353   2.906   1.00 73.43  ? 43  ALA A CA  1 
ATOM 348 C C   . ALA A 1 43  ? 4.127   6.261   4.320   1.00 73.52  ? 43  ALA A C   1 
ATOM 349 O O   . ALA A 1 43  ? 4.866   6.384   5.289   1.00 73.65  ? 43  ALA A O   1 
ATOM 350 C CB  . ALA A 1 43  ? 5.344   5.040   2.511   1.00 73.26  ? 43  ALA A CB  1 
ATOM 351 N N   . ARG A 1 44  ? 2.816   6.044   4.420   1.00 73.73  ? 44  ARG A N   1 
ATOM 352 C CA  . ARG A 1 44  ? 2.150   5.753   5.692   1.00 73.95  ? 44  ARG A CA  1 
ATOM 353 C C   . ARG A 1 44  ? 1.305   4.497   5.517   1.00 73.76  ? 44  ARG A C   1 
ATOM 354 O O   . ARG A 1 44  ? 1.114   4.024   4.394   1.00 73.79  ? 44  ARG A O   1 
ATOM 355 C CB  . ARG A 1 44  ? 1.256   6.920   6.151   1.00 74.08  ? 44  ARG A CB  1 
ATOM 356 C CG  . ARG A 1 44  ? 1.934   8.294   6.241   1.00 75.40  ? 44  ARG A CG  1 
ATOM 357 C CD  . ARG A 1 44  ? 2.799   8.476   7.499   1.00 77.45  ? 44  ARG A CD  1 
ATOM 358 N NE  . ARG A 1 44  ? 3.730   9.599   7.344   1.00 79.05  ? 44  ARG A NE  1 
ATOM 359 C CZ  . ARG A 1 44  ? 5.051   9.483   7.178   1.00 80.09  ? 44  ARG A CZ  1 
ATOM 360 N NH1 . ARG A 1 44  ? 5.639   8.290   7.166   1.00 80.22  ? 44  ARG A NH1 1 
ATOM 361 N NH2 . ARG A 1 44  ? 5.796   10.572  7.035   1.00 80.70  ? 44  ARG A NH2 1 
ATOM 362 N N   . GLY A 1 45  ? 0.803   3.962   6.628   1.00 73.61  ? 45  GLY A N   1 
ATOM 363 C CA  . GLY A 1 45  ? -0.053  2.779   6.603   1.00 73.43  ? 45  GLY A CA  1 
ATOM 364 C C   . GLY A 1 45  ? 0.666   1.540   6.108   1.00 73.28  ? 45  GLY A C   1 
ATOM 365 O O   . GLY A 1 45  ? 1.807   1.274   6.499   1.00 73.54  ? 45  GLY A O   1 
ATOM 366 N N   . LYS A 1 46  ? -0.003  0.790   5.239   1.00 72.97  ? 46  LYS A N   1 
ATOM 367 C CA  . LYS A 1 46  ? 0.535   -0.469  4.721   1.00 72.80  ? 46  LYS A CA  1 
ATOM 368 C C   . LYS A 1 46  ? 1.605   -0.242  3.652   1.00 72.45  ? 46  LYS A C   1 
ATOM 369 O O   . LYS A 1 46  ? 2.491   -1.088  3.451   1.00 72.22  ? 46  LYS A O   1 
ATOM 370 C CB  . LYS A 1 46  ? -0.594  -1.343  4.171   1.00 72.89  ? 46  LYS A CB  1 
ATOM 371 C CG  . LYS A 1 46  ? -1.613  -1.757  5.216   1.00 73.38  ? 46  LYS A CG  1 
ATOM 372 C CD  . LYS A 1 46  ? -2.645  -2.676  4.609   1.00 74.57  ? 46  LYS A CD  1 
ATOM 373 C CE  . LYS A 1 46  ? -3.239  -3.604  5.655   1.00 75.32  ? 46  LYS A CE  1 
ATOM 374 N NZ  . LYS A 1 46  ? -3.797  -4.837  5.024   1.00 75.67  ? 46  LYS A NZ  1 
ATOM 375 N N   . GLU A 1 47  ? 1.505   0.903   2.976   1.00 71.92  ? 47  GLU A N   1 
ATOM 376 C CA  . GLU A 1 47  ? 2.484   1.326   1.978   1.00 71.37  ? 47  GLU A CA  1 
ATOM 377 C C   . GLU A 1 47  ? 3.857   1.499   2.609   1.00 70.88  ? 47  GLU A C   1 
ATOM 378 O O   . GLU A 1 47  ? 4.874   1.142   2.017   1.00 70.79  ? 47  GLU A O   1 
ATOM 379 C CB  . GLU A 1 47  ? 2.050   2.640   1.326   1.00 71.41  ? 47  GLU A CB  1 
ATOM 380 C CG  . GLU A 1 47  ? 0.882   2.512   0.365   1.00 71.20  ? 47  GLU A CG  1 
ATOM 381 C CD  . GLU A 1 47  ? 0.543   3.817   -0.327  1.00 71.52  ? 47  GLU A CD  1 
ATOM 382 O OE1 . GLU A 1 47  ? 1.076   4.879   0.071   1.00 71.63  ? 47  GLU A OE1 1 
ATOM 383 O OE2 . GLU A 1 47  ? -0.266  3.779   -1.277  1.00 72.26  ? 47  GLU A OE2 1 
ATOM 384 N N   . ASN A 1 48  ? 3.866   2.058   3.813   1.00 70.53  ? 48  ASN A N   1 
ATOM 385 C CA  . ASN A 1 48  ? 5.075   2.194   4.614   1.00 70.13  ? 48  ASN A CA  1 
ATOM 386 C C   . ASN A 1 48  ? 5.605   0.830   5.009   1.00 69.64  ? 48  ASN A C   1 
ATOM 387 O O   . ASN A 1 48  ? 6.817   0.598   5.023   1.00 69.70  ? 48  ASN A O   1 
ATOM 388 C CB  . ASN A 1 48  ? 4.780   3.024   5.865   1.00 70.32  ? 48  ASN A CB  1 
ATOM 389 C CG  . ASN A 1 48  ? 5.833   2.861   6.941   1.00 70.57  ? 48  ASN A CG  1 
ATOM 390 O OD1 . ASN A 1 48  ? 6.947   3.379   6.827   1.00 71.09  ? 48  ASN A OD1 1 
ATOM 391 N ND2 . ASN A 1 48  ? 5.478   2.144   8.003   1.00 70.99  ? 48  ASN A ND2 1 
ATOM 392 N N   . ARG A 1 49  ? 4.683   -0.073  5.320   1.00 69.04  ? 49  ARG A N   1 
ATOM 393 C CA  . ARG A 1 49  ? 5.054   -1.422  5.706   1.00 68.62  ? 49  ARG A CA  1 
ATOM 394 C C   . ARG A 1 49  ? 5.650   -2.173  4.520   1.00 68.13  ? 49  ARG A C   1 
ATOM 395 O O   . ARG A 1 49  ? 6.613   -2.928  4.683   1.00 68.14  ? 49  ARG A O   1 
ATOM 396 C CB  . ARG A 1 49  ? 3.871   -2.146  6.360   1.00 68.68  ? 49  ARG A CB  1 
ATOM 397 C CG  . ARG A 1 49  ? 3.669   -1.703  7.812   1.00 69.11  ? 49  ARG A CG  1 
ATOM 398 C CD  . ARG A 1 49  ? 2.247   -1.848  8.314   1.00 70.33  ? 49  ARG A CD  1 
ATOM 399 N NE  . ARG A 1 49  ? 1.804   -3.240  8.313   1.00 71.80  ? 49  ARG A NE  1 
ATOM 400 C CZ  . ARG A 1 49  ? 0.874   -3.742  9.123   1.00 72.41  ? 49  ARG A CZ  1 
ATOM 401 N NH1 . ARG A 1 49  ? 0.285   -2.976  10.037  1.00 72.69  ? 49  ARG A NH1 1 
ATOM 402 N NH2 . ARG A 1 49  ? 0.540   -5.023  9.027   1.00 72.65  ? 49  ARG A NH2 1 
ATOM 403 N N   . LEU A 1 50  ? 5.111   -1.924  3.327   1.00 67.57  ? 50  LEU A N   1 
ATOM 404 C CA  . LEU A 1 50  ? 5.728   -2.405  2.088   1.00 67.09  ? 50  LEU A CA  1 
ATOM 405 C C   . LEU A 1 50  ? 7.165   -1.902  1.958   1.00 66.72  ? 50  LEU A C   1 
ATOM 406 O O   . LEU A 1 50  ? 8.084   -2.675  1.693   1.00 66.67  ? 50  LEU A O   1 
ATOM 407 C CB  . LEU A 1 50  ? 4.921   -1.963  0.867   1.00 67.01  ? 50  LEU A CB  1 
ATOM 408 C CG  . LEU A 1 50  ? 5.415   -2.467  -0.489  1.00 66.82  ? 50  LEU A CG  1 
ATOM 409 C CD1 . LEU A 1 50  ? 5.014   -3.918  -0.690  1.00 67.31  ? 50  LEU A CD1 1 
ATOM 410 C CD2 . LEU A 1 50  ? 4.865   -1.610  -1.600  1.00 66.37  ? 50  LEU A CD2 1 
ATOM 411 N N   . CYS A 1 51  ? 7.347   -0.603  2.155   1.00 66.17  ? 51  CYS A N   1 
ATOM 412 C CA  . CYS A 1 51  ? 8.655   0.007   2.061   1.00 65.94  ? 51  CYS A CA  1 
ATOM 413 C C   . CYS A 1 51  ? 9.651   -0.604  3.029   1.00 65.72  ? 51  CYS A C   1 
ATOM 414 O O   . CYS A 1 51  ? 10.841  -0.711  2.714   1.00 65.53  ? 51  CYS A O   1 
ATOM 415 C CB  . CYS A 1 51  ? 8.550   1.508   2.279   1.00 66.13  ? 51  CYS A CB  1 
ATOM 416 S SG  . CYS A 1 51  ? 7.971   2.377   0.827   1.00 66.24  ? 51  CYS A SG  1 
ATOM 417 N N   . TYR A 1 52  ? 9.168   -1.007  4.202   1.00 65.50  ? 52  TYR A N   1 
ATOM 418 C CA  . TYR A 1 52  ? 10.015  -1.703  5.167   1.00 65.29  ? 52  TYR A CA  1 
ATOM 419 C C   . TYR A 1 52  ? 10.386  -3.109  4.701   1.00 65.05  ? 52  TYR A C   1 
ATOM 420 O O   . TYR A 1 52  ? 11.536  -3.532  4.869   1.00 64.96  ? 52  TYR A O   1 
ATOM 421 C CB  . TYR A 1 52  ? 9.368   -1.772  6.559   1.00 65.45  ? 52  TYR A CB  1 
ATOM 422 C CG  . TYR A 1 52  ? 10.162  -2.633  7.519   1.00 65.30  ? 52  TYR A CG  1 
ATOM 423 C CD1 . TYR A 1 52  ? 11.368  -2.179  8.051   1.00 65.37  ? 52  TYR A CD1 1 
ATOM 424 C CD2 . TYR A 1 52  ? 9.730   -3.914  7.861   1.00 65.06  ? 52  TYR A CD2 1 
ATOM 425 C CE1 . TYR A 1 52  ? 12.115  -2.971  8.916   1.00 65.54  ? 52  TYR A CE1 1 
ATOM 426 C CE2 . TYR A 1 52  ? 10.466  -4.716  8.723   1.00 65.17  ? 52  TYR A CE2 1 
ATOM 427 C CZ  . TYR A 1 52  ? 11.660  -4.240  9.251   1.00 65.62  ? 52  TYR A CZ  1 
ATOM 428 O OH  . TYR A 1 52  ? 12.405  -5.029  10.113  1.00 65.86  ? 52  TYR A OH  1 
ATOM 429 N N   . TYR A 1 53  ? 9.411   -3.821  4.132   1.00 64.82  ? 53  TYR A N   1 
ATOM 430 C CA  . TYR A 1 53  ? 9.591   -5.212  3.704   1.00 64.82  ? 53  TYR A CA  1 
ATOM 431 C C   . TYR A 1 53  ? 10.454  -5.375  2.457   1.00 64.53  ? 53  TYR A C   1 
ATOM 432 O O   . TYR A 1 53  ? 11.106  -6.404  2.281   1.00 64.45  ? 53  TYR A O   1 
ATOM 433 C CB  . TYR A 1 53  ? 8.236   -5.894  3.479   1.00 65.16  ? 53  TYR A CB  1 
ATOM 434 C CG  . TYR A 1 53  ? 7.430   -6.091  4.739   1.00 65.68  ? 53  TYR A CG  1 
ATOM 435 C CD1 . TYR A 1 53  ? 8.047   -6.487  5.931   1.00 65.88  ? 53  TYR A CD1 1 
ATOM 436 C CD2 . TYR A 1 53  ? 6.046   -5.904  4.739   1.00 65.94  ? 53  TYR A CD2 1 
ATOM 437 C CE1 . TYR A 1 53  ? 7.312   -6.673  7.094   1.00 66.47  ? 53  TYR A CE1 1 
ATOM 438 C CE2 . TYR A 1 53  ? 5.295   -6.089  5.896   1.00 66.04  ? 53  TYR A CE2 1 
ATOM 439 C CZ  . TYR A 1 53  ? 5.931   -6.475  7.075   1.00 66.43  ? 53  TYR A CZ  1 
ATOM 440 O OH  . TYR A 1 53  ? 5.196   -6.661  8.238   1.00 66.06  ? 53  TYR A OH  1 
ATOM 441 N N   . ILE A 1 54  ? 10.436  -4.366  1.591   1.00 64.39  ? 54  ILE A N   1 
ATOM 442 C CA  . ILE A 1 54  ? 11.242  -4.372  0.369   1.00 64.22  ? 54  ILE A CA  1 
ATOM 443 C C   . ILE A 1 54  ? 12.626  -3.747  0.619   1.00 64.50  ? 54  ILE A C   1 
ATOM 444 O O   . ILE A 1 54  ? 13.405  -3.531  -0.311  1.00 64.36  ? 54  ILE A O   1 
ATOM 445 C CB  . ILE A 1 54  ? 10.493  -3.703  -0.821  1.00 64.03  ? 54  ILE A CB  1 
ATOM 446 C CG1 . ILE A 1 54  ? 10.365  -2.189  -0.616  1.00 63.70  ? 54  ILE A CG1 1 
ATOM 447 C CG2 . ILE A 1 54  ? 9.119   -4.358  -1.022  1.00 63.49  ? 54  ILE A CG2 1 
ATOM 448 C CD1 . ILE A 1 54  ? 9.718   -1.451  -1.766  1.00 63.89  ? 54  ILE A CD1 1 
ATOM 449 N N   . GLY A 1 55  ? 12.916  -3.470  1.890   1.00 64.80  ? 55  GLY A N   1 
ATOM 450 C CA  . GLY A 1 55  ? 14.223  -2.976  2.321   1.00 65.59  ? 55  GLY A CA  1 
ATOM 451 C C   . GLY A 1 55  ? 14.560  -1.576  1.858   1.00 66.05  ? 55  GLY A C   1 
ATOM 452 O O   . GLY A 1 55  ? 15.732  -1.225  1.724   1.00 65.83  ? 55  GLY A O   1 
ATOM 453 N N   . ALA A 1 56  ? 13.523  -0.778  1.624   1.00 66.96  ? 56  ALA A N   1 
ATOM 454 C CA  . ALA A 1 56  ? 13.677  0.573   1.096   1.00 67.91  ? 56  ALA A CA  1 
ATOM 455 C C   . ALA A 1 56  ? 13.692  1.634   2.195   1.00 68.73  ? 56  ALA A C   1 
ATOM 456 O O   . ALA A 1 56  ? 13.544  2.828   1.914   1.00 69.01  ? 56  ALA A O   1 
ATOM 457 C CB  . ALA A 1 56  ? 12.576  0.862   0.094   1.00 67.54  ? 56  ALA A CB  1 
ATOM 458 N N   . THR A 1 57  ? 13.887  1.201   3.440   1.00 69.76  ? 57  THR A N   1 
ATOM 459 C CA  . THR A 1 57  ? 13.797  2.104   4.595   1.00 70.70  ? 57  THR A CA  1 
ATOM 460 C C   . THR A 1 57  ? 15.157  2.466   5.205   1.00 71.44  ? 57  THR A C   1 
ATOM 461 O O   . THR A 1 57  ? 16.133  1.726   5.037   1.00 71.47  ? 57  THR A O   1 
ATOM 462 C CB  . THR A 1 57  ? 12.837  1.560   5.691   1.00 70.50  ? 57  THR A CB  1 
ATOM 463 O OG1 . THR A 1 57  ? 13.044  0.154   5.880   1.00 70.29  ? 57  THR A OG1 1 
ATOM 464 C CG2 . THR A 1 57  ? 11.395  1.801   5.296   1.00 70.52  ? 57  THR A CG2 1 
ATOM 465 N N   . ASP A 1 58  ? 15.205  3.616   5.888   1.00 72.43  ? 58  ASP A N   1 
ATOM 466 C CA  . ASP A 1 58  ? 16.409  4.086   6.593   1.00 73.51  ? 58  ASP A CA  1 
ATOM 467 C C   . ASP A 1 58  ? 16.681  3.267   7.844   1.00 74.01  ? 58  ASP A C   1 
ATOM 468 O O   . ASP A 1 58  ? 15.854  3.230   8.769   1.00 74.40  ? 58  ASP A O   1 
ATOM 469 C CB  . ASP A 1 58  ? 16.316  5.578   6.937   1.00 73.57  ? 58  ASP A CB  1 
ATOM 470 C CG  . ASP A 1 58  ? 17.008  6.464   5.903   1.00 74.39  ? 58  ASP A CG  1 
ATOM 471 O OD1 . ASP A 1 58  ? 16.304  7.250   5.219   1.00 74.46  ? 58  ASP A OD1 1 
ATOM 472 O OD2 . ASP A 1 58  ? 18.256  6.368   5.769   1.00 75.08  ? 58  ASP A OD2 1 
ATOM 473 N N   . ASP A 1 59  ? 17.866  2.655   7.865   1.00 74.46  ? 59  ASP A N   1 
ATOM 474 C CA  . ASP A 1 59  ? 18.238  1.556   8.768   1.00 74.96  ? 59  ASP A CA  1 
ATOM 475 C C   . ASP A 1 59  ? 18.075  0.276   7.956   1.00 75.25  ? 59  ASP A C   1 
ATOM 476 O O   . ASP A 1 59  ? 17.435  -0.687  8.392   1.00 75.42  ? 59  ASP A O   1 
ATOM 477 C CB  . ASP A 1 59  ? 17.376  1.527   10.052  1.00 74.84  ? 59  ASP A CB  1 
ATOM 478 N N   . ALA A 1 60  ? 18.668  0.295   6.763   1.00 75.59  ? 60  ALA A N   1 
ATOM 479 C CA  . ALA A 1 60  ? 18.422  -0.697  5.716   1.00 75.93  ? 60  ALA A CA  1 
ATOM 480 C C   . ALA A 1 60  ? 18.119  -2.089  6.245   1.00 76.07  ? 60  ALA A C   1 
ATOM 481 O O   . ALA A 1 60  ? 18.871  -2.623  7.065   1.00 76.12  ? 60  ALA A O   1 
ATOM 482 C CB  . ALA A 1 60  ? 19.605  -0.743  4.738   1.00 76.07  ? 60  ALA A CB  1 
ATOM 483 N N   . ALA A 1 61  ? 17.007  -2.661  5.786   1.00 76.20  ? 61  ALA A N   1 
ATOM 484 C CA  . ALA A 1 61  ? 16.686  -4.062  6.073   1.00 76.35  ? 61  ALA A CA  1 
ATOM 485 C C   . ALA A 1 61  ? 17.748  -4.964  5.428   1.00 76.34  ? 61  ALA A C   1 
ATOM 486 O O   . ALA A 1 61  ? 18.847  -5.131  5.987   1.00 76.57  ? 61  ALA A O   1 
ATOM 487 C CB  . ALA A 1 61  ? 15.274  -4.418  5.577   1.00 76.45  ? 61  ALA A CB  1 
ATOM 488 N N   . THR A 1 62  ? 17.438  -5.528  4.259   1.00 75.87  ? 62  THR A N   1 
ATOM 489 C CA  . THR A 1 62  ? 18.434  -6.292  3.509   1.00 75.37  ? 62  THR A CA  1 
ATOM 490 C C   . THR A 1 62  ? 18.532  -5.806  2.057   1.00 74.77  ? 62  THR A C   1 
ATOM 491 O O   . THR A 1 62  ? 18.120  -4.682  1.726   1.00 74.88  ? 62  THR A O   1 
ATOM 492 C CB  . THR A 1 62  ? 18.194  -7.831  3.621   1.00 75.51  ? 62  THR A CB  1 
ATOM 493 O OG1 . THR A 1 62  ? 18.068  -8.192  5.005   1.00 75.79  ? 62  THR A OG1 1 
ATOM 494 C CG2 . THR A 1 62  ? 19.356  -8.633  3.012   1.00 75.72  ? 62  THR A CG2 1 
ATOM 495 N N   . LYS A 1 63  ? 19.100  -6.648  1.205   1.00 73.71  ? 63  LYS A N   1 
ATOM 496 C CA  . LYS A 1 63  ? 19.288  -6.314  -0.181  1.00 72.70  ? 63  LYS A CA  1 
ATOM 497 C C   . LYS A 1 63  ? 18.066  -6.685  -1.010  1.00 71.77  ? 63  LYS A C   1 
ATOM 498 O O   . LYS A 1 63  ? 18.130  -6.690  -2.237  1.00 71.85  ? 63  LYS A O   1 
ATOM 499 C CB  . LYS A 1 63  ? 20.552  -6.992  -0.713  1.00 72.95  ? 63  LYS A CB  1 
ATOM 500 C CG  . LYS A 1 63  ? 21.833  -6.397  -0.140  1.00 73.69  ? 63  LYS A CG  1 
ATOM 501 C CD  . LYS A 1 63  ? 22.862  -6.144  -1.235  1.00 74.93  ? 63  LYS A CD  1 
ATOM 502 C CE  . LYS A 1 63  ? 23.799  -5.001  -0.855  1.00 75.44  ? 63  LYS A CE  1 
ATOM 503 N NZ  . LYS A 1 63  ? 24.497  -4.451  -2.054  1.00 75.92  ? 63  LYS A NZ  1 
ATOM 504 N N   . ILE A 1 64  ? 16.948  -6.972  -0.343  1.00 70.52  ? 64  ILE A N   1 
ATOM 505 C CA  . ILE A 1 64  ? 15.705  -7.314  -1.039  1.00 69.57  ? 64  ILE A CA  1 
ATOM 506 C C   . ILE A 1 64  ? 15.258  -6.187  -1.982  1.00 68.78  ? 64  ILE A C   1 
ATOM 507 O O   . ILE A 1 64  ? 14.461  -6.409  -2.893  1.00 68.66  ? 64  ILE A O   1 
ATOM 508 C CB  . ILE A 1 64  ? 14.561  -7.692  -0.055  1.00 69.70  ? 64  ILE A CB  1 
ATOM 509 C CG1 . ILE A 1 64  ? 15.069  -8.617  1.063   1.00 70.22  ? 64  ILE A CG1 1 
ATOM 510 C CG2 . ILE A 1 64  ? 13.372  -8.334  -0.796  1.00 69.78  ? 64  ILE A CG2 1 
ATOM 511 C CD1 . ILE A 1 64  ? 15.416  -10.054 0.623   1.00 70.66  ? 64  ILE A CD1 1 
ATOM 512 N N   . ILE A 1 65  ? 15.789  -4.984  -1.770  1.00 67.80  ? 65  ILE A N   1 
ATOM 513 C CA  . ILE A 1 65  ? 15.537  -3.862  -2.664  1.00 66.77  ? 65  ILE A CA  1 
ATOM 514 C C   . ILE A 1 65  ? 16.011  -4.164  -4.090  1.00 66.36  ? 65  ILE A C   1 
ATOM 515 O O   . ILE A 1 65  ? 15.418  -3.691  -5.065  1.00 66.24  ? 65  ILE A O   1 
ATOM 516 C CB  . ILE A 1 65  ? 16.145  -2.545  -2.117  1.00 66.71  ? 65  ILE A CB  1 
ATOM 517 C CG1 . ILE A 1 65  ? 15.614  -1.338  -2.900  1.00 66.50  ? 65  ILE A CG1 1 
ATOM 518 C CG2 . ILE A 1 65  ? 17.672  -2.604  -2.101  1.00 66.62  ? 65  ILE A CG2 1 
ATOM 519 C CD1 . ILE A 1 65  ? 15.614  -0.026  -2.135  1.00 66.37  ? 65  ILE A CD1 1 
ATOM 520 N N   . ASN A 1 66  ? 17.068  -4.971  -4.201  1.00 65.89  ? 66  ASN A N   1 
ATOM 521 C CA  . ASN A 1 66  ? 17.573  -5.427  -5.499  1.00 65.35  ? 66  ASN A CA  1 
ATOM 522 C C   . ASN A 1 66  ? 16.531  -6.207  -6.296  1.00 65.07  ? 66  ASN A C   1 
ATOM 523 O O   . ASN A 1 66  ? 16.523  -6.167  -7.527  1.00 65.12  ? 66  ASN A O   1 
ATOM 524 C CB  . ASN A 1 66  ? 18.835  -6.276  -5.328  1.00 65.22  ? 66  ASN A CB  1 
ATOM 525 C CG  . ASN A 1 66  ? 20.068  -5.444  -5.013  1.00 65.39  ? 66  ASN A CG  1 
ATOM 526 O OD1 . ASN A 1 66  ? 20.953  -5.894  -4.288  1.00 66.03  ? 66  ASN A OD1 1 
ATOM 527 N ND2 . ASN A 1 66  ? 20.135  -4.229  -5.556  1.00 65.44  ? 66  ASN A ND2 1 
ATOM 528 N N   . GLU A 1 67  ? 15.653  -6.907  -5.583  1.00 64.63  ? 67  GLU A N   1 
ATOM 529 C CA  . GLU A 1 67  ? 14.601  -7.692  -6.208  1.00 64.43  ? 67  GLU A CA  1 
ATOM 530 C C   . GLU A 1 67  ? 13.574  -6.777  -6.855  1.00 63.93  ? 67  GLU A C   1 
ATOM 531 O O   . GLU A 1 67  ? 12.712  -7.237  -7.613  1.00 63.85  ? 67  GLU A O   1 
ATOM 532 C CB  . GLU A 1 67  ? 13.918  -8.593  -5.180  1.00 64.71  ? 67  GLU A CB  1 
ATOM 533 C CG  . GLU A 1 67  ? 14.871  -9.304  -4.226  1.00 66.19  ? 67  GLU A CG  1 
ATOM 534 C CD  . GLU A 1 67  ? 15.433  -10.602 -4.778  1.00 68.44  ? 67  GLU A CD  1 
ATOM 535 O OE1 . GLU A 1 67  ? 15.322  -10.849 -6.004  1.00 69.31  ? 67  GLU A OE1 1 
ATOM 536 O OE2 . GLU A 1 67  ? 15.993  -11.381 -3.970  1.00 69.63  ? 67  GLU A OE2 1 
ATOM 537 N N   . VAL A 1 68  ? 13.673  -5.484  -6.546  1.00 63.28  ? 68  VAL A N   1 
ATOM 538 C CA  . VAL A 1 68  ? 12.805  -4.470  -7.134  1.00 62.78  ? 68  VAL A CA  1 
ATOM 539 C C   . VAL A 1 68  ? 13.565  -3.621  -8.146  1.00 62.74  ? 68  VAL A C   1 
ATOM 540 O O   . VAL A 1 68  ? 13.121  -3.480  -9.283  1.00 62.70  ? 68  VAL A O   1 
ATOM 541 C CB  . VAL A 1 68  ? 12.153  -3.557  -6.059  1.00 62.59  ? 68  VAL A CB  1 
ATOM 542 C CG1 . VAL A 1 68  ? 11.578  -2.302  -6.692  1.00 62.29  ? 68  VAL A CG1 1 
ATOM 543 C CG2 . VAL A 1 68  ? 11.075  -4.303  -5.301  1.00 62.04  ? 68  VAL A CG2 1 
ATOM 544 N N   . SER A 1 69  ? 14.704  -3.063  -7.738  1.00 62.73  ? 69  SER A N   1 
ATOM 545 C CA  . SER A 1 69  ? 15.415  -2.097  -8.585  1.00 62.75  ? 69  SER A CA  1 
ATOM 546 C C   . SER A 1 69  ? 16.024  -2.734  -9.828  1.00 62.86  ? 69  SER A C   1 
ATOM 547 O O   . SER A 1 69  ? 16.013  -2.125  -10.901 1.00 62.97  ? 69  SER A O   1 
ATOM 548 C CB  . SER A 1 69  ? 16.479  -1.331  -7.798  1.00 62.56  ? 69  SER A CB  1 
ATOM 549 O OG  . SER A 1 69  ? 17.636  -2.118  -7.596  1.00 62.63  ? 69  SER A OG  1 
ATOM 550 N N   . LYS A 1 70  ? 16.538  -3.955  -9.687  1.00 62.91  ? 70  LYS A N   1 
ATOM 551 C CA  . LYS A 1 70  ? 17.144  -4.658  -10.815 1.00 63.18  ? 70  LYS A CA  1 
ATOM 552 C C   . LYS A 1 70  ? 16.142  -4.976  -11.937 1.00 63.28  ? 70  LYS A C   1 
ATOM 553 O O   . LYS A 1 70  ? 16.332  -4.508  -13.064 1.00 63.42  ? 70  LYS A O   1 
ATOM 554 C CB  . LYS A 1 70  ? 17.907  -5.910  -10.366 1.00 63.30  ? 70  LYS A CB  1 
ATOM 555 C CG  . LYS A 1 70  ? 19.154  -5.612  -9.543  1.00 64.04  ? 70  LYS A CG  1 
ATOM 556 C CD  . LYS A 1 70  ? 20.138  -6.775  -9.572  1.00 65.00  ? 70  LYS A CD  1 
ATOM 557 C CE  . LYS A 1 70  ? 21.461  -6.406  -8.900  1.00 65.57  ? 70  LYS A CE  1 
ATOM 558 N NZ  . LYS A 1 70  ? 22.559  -7.365  -9.239  1.00 65.52  ? 70  LYS A NZ  1 
ATOM 559 N N   . PRO A 1 71  ? 15.070  -5.751  -11.644 1.00 63.31  ? 71  PRO A N   1 
ATOM 560 C CA  . PRO A 1 71  ? 14.108  -6.034  -12.715 1.00 63.44  ? 71  PRO A CA  1 
ATOM 561 C C   . PRO A 1 71  ? 13.460  -4.779  -13.295 1.00 63.79  ? 71  PRO A C   1 
ATOM 562 O O   . PRO A 1 71  ? 13.186  -4.727  -14.496 1.00 63.91  ? 71  PRO A O   1 
ATOM 563 C CB  . PRO A 1 71  ? 13.058  -6.915  -12.034 1.00 63.34  ? 71  PRO A CB  1 
ATOM 564 C CG  . PRO A 1 71  ? 13.247  -6.714  -10.588 1.00 63.29  ? 71  PRO A CG  1 
ATOM 565 C CD  . PRO A 1 71  ? 14.688  -6.407  -10.381 1.00 63.18  ? 71  PRO A CD  1 
ATOM 566 N N   . LEU A 1 72  ? 13.238  -3.771  -12.457 1.00 64.25  ? 72  LEU A N   1 
ATOM 567 C CA  . LEU A 1 72  ? 12.676  -2.501  -12.919 1.00 64.65  ? 72  LEU A CA  1 
ATOM 568 C C   . LEU A 1 72  ? 13.606  -1.816  -13.918 1.00 64.82  ? 72  LEU A C   1 
ATOM 569 O O   . LEU A 1 72  ? 13.145  -1.253  -14.909 1.00 64.75  ? 72  LEU A O   1 
ATOM 570 C CB  . LEU A 1 72  ? 12.375  -1.572  -11.739 1.00 64.70  ? 72  LEU A CB  1 
ATOM 571 C CG  . LEU A 1 72  ? 11.266  -0.524  -11.902 1.00 64.86  ? 72  LEU A CG  1 
ATOM 572 C CD1 . LEU A 1 72  ? 9.897   -1.170  -12.123 1.00 64.61  ? 72  LEU A CD1 1 
ATOM 573 C CD2 . LEU A 1 72  ? 11.226  0.393   -10.686 1.00 64.65  ? 72  LEU A CD2 1 
ATOM 574 N N   . ALA A 1 73  ? 14.912  -1.884  -13.656 1.00 65.14  ? 73  ALA A N   1 
ATOM 575 C CA  . ALA A 1 73  ? 15.923  -1.333  -14.560 1.00 65.53  ? 73  ALA A CA  1 
ATOM 576 C C   . ALA A 1 73  ? 15.883  -1.989  -15.947 1.00 65.93  ? 73  ALA A C   1 
ATOM 577 O O   . ALA A 1 73  ? 16.326  -1.394  -16.934 1.00 65.89  ? 73  ALA A O   1 
ATOM 578 C CB  . ALA A 1 73  ? 17.311  -1.462  -13.948 1.00 65.33  ? 73  ALA A CB  1 
ATOM 579 N N   . HIS A 1 74  ? 15.351  -3.209  -16.011 1.00 66.38  ? 74  HIS A N   1 
ATOM 580 C CA  . HIS A 1 74  ? 15.243  -3.941  -17.270 1.00 66.84  ? 74  HIS A CA  1 
ATOM 581 C C   . HIS A 1 74  ? 13.784  -4.138  -17.702 1.00 67.32  ? 74  HIS A C   1 
ATOM 582 O O   . HIS A 1 74  ? 13.436  -5.153  -18.311 1.00 67.49  ? 74  HIS A O   1 
ATOM 583 C CB  . HIS A 1 74  ? 15.998  -5.270  -17.178 1.00 66.76  ? 74  HIS A CB  1 
ATOM 584 C CG  . HIS A 1 74  ? 17.469  -5.104  -16.955 1.00 66.86  ? 74  HIS A CG  1 
ATOM 585 N ND1 . HIS A 1 74  ? 18.372  -4.988  -17.991 1.00 66.88  ? 74  HIS A ND1 1 
ATOM 586 C CD2 . HIS A 1 74  ? 18.193  -5.013  -15.814 1.00 67.01  ? 74  HIS A CD2 1 
ATOM 587 C CE1 . HIS A 1 74  ? 19.588  -4.841  -17.497 1.00 66.98  ? 74  HIS A CE1 1 
ATOM 588 N NE2 . HIS A 1 74  ? 19.508  -4.851  -16.178 1.00 67.28  ? 74  HIS A NE2 1 
ATOM 589 N N   . HIS A 1 75  ? 12.947  -3.157  -17.364 1.00 67.76  ? 75  HIS A N   1 
ATOM 590 C CA  . HIS A 1 75  ? 11.548  -3.064  -17.811 1.00 68.33  ? 75  HIS A CA  1 
ATOM 591 C C   . HIS A 1 75  ? 10.705  -4.335  -17.669 1.00 68.40  ? 75  HIS A C   1 
ATOM 592 O O   . HIS A 1 75  ? 9.847   -4.613  -18.506 1.00 68.37  ? 75  HIS A O   1 
ATOM 593 C CB  . HIS A 1 75  ? 11.474  -2.483  -19.230 1.00 68.48  ? 75  HIS A CB  1 
ATOM 594 C CG  . HIS A 1 75  ? 12.039  -1.098  -19.332 1.00 70.09  ? 75  HIS A CG  1 
ATOM 595 N ND1 . HIS A 1 75  ? 11.320  0.027   -18.975 1.00 70.90  ? 75  HIS A ND1 1 
ATOM 596 C CD2 . HIS A 1 75  ? 13.264  -0.659  -19.713 1.00 70.51  ? 75  HIS A CD2 1 
ATOM 597 C CE1 . HIS A 1 75  ? 12.077  1.099   -19.146 1.00 71.10  ? 75  HIS A CE1 1 
ATOM 598 N NE2 . HIS A 1 75  ? 13.261  0.711   -19.590 1.00 70.94  ? 75  HIS A NE2 1 
ATOM 599 N N   . ILE A 1 76  ? 10.950  -5.087  -16.600 1.00 68.76  ? 76  ILE A N   1 
ATOM 600 C CA  . ILE A 1 76  ? 10.103  -6.222  -16.231 1.00 69.29  ? 76  ILE A CA  1 
ATOM 601 C C   . ILE A 1 76  ? 8.819   -5.698  -15.588 1.00 69.85  ? 76  ILE A C   1 
ATOM 602 O O   . ILE A 1 76  ? 8.890   -4.903  -14.642 1.00 70.18  ? 76  ILE A O   1 
ATOM 603 C CB  . ILE A 1 76  ? 10.815  -7.167  -15.227 1.00 69.17  ? 76  ILE A CB  1 
ATOM 604 C CG1 . ILE A 1 76  ? 12.225  -7.535  -15.709 1.00 68.99  ? 76  ILE A CG1 1 
ATOM 605 C CG2 . ILE A 1 76  ? 9.976   -8.413  -14.950 1.00 69.08  ? 76  ILE A CG2 1 
ATOM 606 C CD1 . ILE A 1 76  ? 12.282  -8.216  -17.059 1.00 68.91  ? 76  ILE A CD1 1 
ATOM 607 N N   . PRO A 1 77  ? 7.641   -6.130  -16.091 1.00 70.24  ? 77  PRO A N   1 
ATOM 608 C CA  . PRO A 1 77  ? 6.353   -5.660  -15.567 1.00 70.49  ? 77  PRO A CA  1 
ATOM 609 C C   . PRO A 1 77  ? 6.284   -5.685  -14.038 1.00 70.66  ? 77  PRO A C   1 
ATOM 610 O O   . PRO A 1 77  ? 6.746   -6.644  -13.405 1.00 70.64  ? 77  PRO A O   1 
ATOM 611 C CB  . PRO A 1 77  ? 5.338   -6.653  -16.162 1.00 70.40  ? 77  PRO A CB  1 
ATOM 612 C CG  . PRO A 1 77  ? 6.161   -7.756  -16.770 1.00 70.48  ? 77  PRO A CG  1 
ATOM 613 C CD  . PRO A 1 77  ? 7.440   -7.098  -17.177 1.00 70.32  ? 77  PRO A CD  1 
ATOM 614 N N   . VAL A 1 78  ? 5.709   -4.629  -13.467 1.00 70.82  ? 78  VAL A N   1 
ATOM 615 C CA  . VAL A 1 78  ? 5.625   -4.451  -12.013 1.00 70.87  ? 78  VAL A CA  1 
ATOM 616 C C   . VAL A 1 78  ? 4.859   -5.581  -11.305 1.00 71.06  ? 78  VAL A C   1 
ATOM 617 O O   . VAL A 1 78  ? 5.099   -5.853  -10.127 1.00 70.96  ? 78  VAL A O   1 
ATOM 618 C CB  . VAL A 1 78  ? 5.063   -3.042  -11.667 1.00 70.73  ? 78  VAL A CB  1 
ATOM 619 C CG1 . VAL A 1 78  ? 4.575   -2.959  -10.233 1.00 70.90  ? 78  VAL A CG1 1 
ATOM 620 C CG2 . VAL A 1 78  ? 6.122   -1.975  -11.928 1.00 70.51  ? 78  VAL A CG2 1 
ATOM 621 N N   . GLU A 1 79  ? 3.959   -6.244  -12.028 1.00 71.58  ? 79  GLU A N   1 
ATOM 622 C CA  . GLU A 1 79  ? 3.269   -7.431  -11.507 1.00 72.20  ? 79  GLU A CA  1 
ATOM 623 C C   . GLU A 1 79  ? 4.242   -8.582  -11.315 1.00 72.16  ? 79  GLU A C   1 
ATOM 624 O O   . GLU A 1 79  ? 4.193   -9.279  -10.297 1.00 72.04  ? 79  GLU A O   1 
ATOM 625 C CB  . GLU A 1 79  ? 2.136   -7.884  -12.437 1.00 72.45  ? 79  GLU A CB  1 
ATOM 626 C CG  . GLU A 1 79  ? 0.842   -7.095  -12.304 1.00 73.89  ? 79  GLU A CG  1 
ATOM 627 C CD  . GLU A 1 79  ? 0.657   -6.061  -13.403 1.00 75.91  ? 79  GLU A CD  1 
ATOM 628 O OE1 . GLU A 1 79  ? -0.427  -6.075  -14.033 1.00 77.13  ? 79  GLU A OE1 1 
ATOM 629 O OE2 . GLU A 1 79  ? 1.583   -5.242  -13.643 1.00 76.45  ? 79  GLU A OE2 1 
ATOM 630 N N   . LYS A 1 80  ? 5.115   -8.773  -12.304 1.00 72.26  ? 80  LYS A N   1 
ATOM 631 C CA  . LYS A 1 80  ? 6.118   -9.827  -12.267 1.00 72.48  ? 80  LYS A CA  1 
ATOM 632 C C   . LYS A 1 80  ? 7.043   -9.629  -11.073 1.00 72.77  ? 80  LYS A C   1 
ATOM 633 O O   . LYS A 1 80  ? 7.366   -10.588 -10.363 1.00 72.72  ? 80  LYS A O   1 
ATOM 634 C CB  . LYS A 1 80  ? 6.910   -9.859  -13.576 1.00 72.49  ? 80  LYS A CB  1 
ATOM 635 N N   . ILE A 1 81  ? 7.438   -8.375  -10.846 1.00 73.24  ? 81  ILE A N   1 
ATOM 636 C CA  . ILE A 1 81  ? 8.287   -8.007  -9.708  1.00 73.61  ? 81  ILE A CA  1 
ATOM 637 C C   . ILE A 1 81  ? 7.622   -8.382  -8.378  1.00 74.19  ? 81  ILE A C   1 
ATOM 638 O O   . ILE A 1 81  ? 8.254   -9.006  -7.523  1.00 74.23  ? 81  ILE A O   1 
ATOM 639 C CB  . ILE A 1 81  ? 8.679   -6.500  -9.735  1.00 73.47  ? 81  ILE A CB  1 
ATOM 640 C CG1 . ILE A 1 81  ? 9.280   -6.126  -11.090 1.00 73.01  ? 81  ILE A CG1 1 
ATOM 641 C CG2 . ILE A 1 81  ? 9.653   -6.167  -8.600  1.00 73.46  ? 81  ILE A CG2 1 
ATOM 642 C CD1 . ILE A 1 81  ? 9.817   -4.715  -11.169 1.00 73.41  ? 81  ILE A CD1 1 
ATOM 643 N N   . CYS A 1 82  ? 6.346   -8.026  -8.219  1.00 74.85  ? 82  CYS A N   1 
ATOM 644 C CA  . CYS A 1 82  ? 5.596   -8.373  -7.007  1.00 75.52  ? 82  CYS A CA  1 
ATOM 645 C C   . CYS A 1 82  ? 5.345   -9.878  -6.898  1.00 76.25  ? 82  CYS A C   1 
ATOM 646 O O   . CYS A 1 82  ? 5.177   -10.400 -5.792  1.00 76.34  ? 82  CYS A O   1 
ATOM 647 C CB  . CYS A 1 82  ? 4.273   -7.601  -6.921  1.00 75.35  ? 82  CYS A CB  1 
ATOM 648 S SG  . CYS A 1 82  ? 4.423   -5.812  -6.597  1.00 74.83  ? 82  CYS A SG  1 
ATOM 649 N N   . GLU A 1 83  ? 5.325   -10.571 -8.039  1.00 77.13  ? 83  GLU A N   1 
ATOM 650 C CA  . GLU A 1 83  ? 5.118   -12.021 -8.050  1.00 78.08  ? 83  GLU A CA  1 
ATOM 651 C C   . GLU A 1 83  ? 6.325   -12.763 -7.469  1.00 78.38  ? 83  GLU A C   1 
ATOM 652 O O   . GLU A 1 83  ? 6.170   -13.617 -6.595  1.00 78.39  ? 83  GLU A O   1 
ATOM 653 C CB  . GLU A 1 83  ? 4.787   -12.531 -9.458  1.00 78.00  ? 83  GLU A CB  1 
ATOM 654 C CG  . GLU A 1 83  ? 4.182   -13.941 -9.469  1.00 78.68  ? 83  GLU A CG  1 
ATOM 655 C CD  . GLU A 1 83  ? 3.959   -14.504 -10.873 1.00 78.82  ? 83  GLU A CD  1 
ATOM 656 O OE1 . GLU A 1 83  ? 3.438   -13.775 -11.751 1.00 79.68  ? 83  GLU A OE1 1 
ATOM 657 O OE2 . GLU A 1 83  ? 4.298   -15.689 -11.091 1.00 79.89  ? 83  GLU A OE2 1 
ATOM 658 N N   . LYS A 1 84  ? 7.518   -12.420 -7.949  1.00 78.97  ? 84  LYS A N   1 
ATOM 659 C CA  . LYS A 1 84  ? 8.764   -12.998 -7.443  1.00 79.68  ? 84  LYS A CA  1 
ATOM 660 C C   . LYS A 1 84  ? 9.053   -12.622 -5.986  1.00 80.21  ? 84  LYS A C   1 
ATOM 661 O O   . LYS A 1 84  ? 9.630   -13.412 -5.242  1.00 80.18  ? 84  LYS A O   1 
ATOM 662 C CB  . LYS A 1 84  ? 9.943   -12.581 -8.326  1.00 79.69  ? 84  LYS A CB  1 
ATOM 663 N N   . LEU A 1 85  ? 8.651   -11.415 -5.591  1.00 81.12  ? 85  LEU A N   1 
ATOM 664 C CA  . LEU A 1 85  ? 8.836   -10.923 -4.225  1.00 81.88  ? 85  LEU A CA  1 
ATOM 665 C C   . LEU A 1 85  ? 8.097   -11.781 -3.199  1.00 82.49  ? 85  LEU A C   1 
ATOM 666 O O   . LEU A 1 85  ? 8.505   -11.857 -2.039  1.00 82.45  ? 85  LEU A O   1 
ATOM 667 C CB  . LEU A 1 85  ? 8.369   -9.464  -4.112  1.00 81.85  ? 85  LEU A CB  1 
ATOM 668 C CG  . LEU A 1 85  ? 9.251   -8.328  -4.644  1.00 81.76  ? 85  LEU A CG  1 
ATOM 669 C CD1 . LEU A 1 85  ? 8.459   -7.030  -4.736  1.00 81.66  ? 85  LEU A CD1 1 
ATOM 670 C CD2 . LEU A 1 85  ? 10.499  -8.132  -3.795  1.00 81.80  ? 85  LEU A CD2 1 
ATOM 671 N N   . LYS A 1 86  ? 7.014   -12.422 -3.638  1.00 83.49  ? 86  LYS A N   1 
ATOM 672 C CA  . LYS A 1 86  ? 6.188   -13.278 -2.776  1.00 84.48  ? 86  LYS A CA  1 
ATOM 673 C C   . LYS A 1 86  ? 6.968   -14.467 -2.205  1.00 85.08  ? 86  LYS A C   1 
ATOM 674 O O   . LYS A 1 86  ? 6.735   -14.878 -1.063  1.00 85.28  ? 86  LYS A O   1 
ATOM 675 C CB  . LYS A 1 86  ? 4.950   -13.775 -3.533  1.00 84.49  ? 86  LYS A CB  1 
ATOM 676 C CG  . LYS A 1 86  ? 3.791   -14.191 -2.629  1.00 84.74  ? 86  LYS A CG  1 
ATOM 677 C CD  . LYS A 1 86  ? 2.598   -14.700 -3.424  1.00 84.53  ? 86  LYS A CD  1 
ATOM 678 C CE  . LYS A 1 86  ? 1.499   -15.181 -2.489  1.00 84.85  ? 86  LYS A CE  1 
ATOM 679 N NZ  . LYS A 1 86  ? 0.396   -15.858 -3.225  1.00 85.20  ? 86  LYS A NZ  1 
ATOM 680 N N   . LYS A 1 87  ? 7.888   -15.006 -3.006  1.00 85.73  ? 87  LYS A N   1 
ATOM 681 C CA  . LYS A 1 87  ? 8.746   -16.116 -2.589  1.00 86.35  ? 87  LYS A CA  1 
ATOM 682 C C   . LYS A 1 87  ? 9.705   -15.713 -1.469  1.00 86.75  ? 87  LYS A C   1 
ATOM 683 O O   . LYS A 1 87  ? 9.850   -16.444 -0.483  1.00 86.74  ? 87  LYS A O   1 
ATOM 684 C CB  . LYS A 1 87  ? 9.534   -16.679 -3.781  1.00 86.38  ? 87  LYS A CB  1 
ATOM 685 C CG  . LYS A 1 87  ? 8.706   -17.521 -4.743  1.00 86.79  ? 87  LYS A CG  1 
ATOM 686 C CD  . LYS A 1 87  ? 9.597   -18.411 -5.601  1.00 87.54  ? 87  LYS A CD  1 
ATOM 687 C CE  . LYS A 1 87  ? 8.822   -19.600 -6.171  1.00 88.00  ? 87  LYS A CE  1 
ATOM 688 N NZ  . LYS A 1 87  ? 9.721   -20.637 -6.770  1.00 88.17  ? 87  LYS A NZ  1 
ATOM 689 N N   . LYS A 1 88  ? 10.347  -14.553 -1.622  1.00 87.30  ? 88  LYS A N   1 
ATOM 690 C CA  . LYS A 1 88  ? 11.340  -14.076 -0.654  1.00 87.81  ? 88  LYS A CA  1 
ATOM 691 C C   . LYS A 1 88  ? 10.680  -13.710 0.676   1.00 88.17  ? 88  LYS A C   1 
ATOM 692 O O   . LYS A 1 88  ? 11.069  -14.226 1.728   1.00 88.26  ? 88  LYS A O   1 
ATOM 693 C CB  . LYS A 1 88  ? 12.155  -12.896 -1.207  1.00 87.79  ? 88  LYS A CB  1 
ATOM 694 C CG  . LYS A 1 88  ? 12.616  -13.028 -2.666  1.00 88.08  ? 88  LYS A CG  1 
ATOM 695 C CD  . LYS A 1 88  ? 13.512  -14.247 -2.935  1.00 88.56  ? 88  LYS A CD  1 
ATOM 696 C CE  . LYS A 1 88  ? 13.892  -14.326 -4.422  1.00 88.60  ? 88  LYS A CE  1 
ATOM 697 N NZ  . LYS A 1 88  ? 14.357  -15.676 -4.872  1.00 88.69  ? 88  LYS A NZ  1 
ATOM 698 N N   . ASP A 1 89  ? 9.680   -12.831 0.626   1.00 88.58  ? 89  ASP A N   1 
ATOM 699 C CA  . ASP A 1 89  ? 8.894   -12.497 1.814   1.00 88.99  ? 89  ASP A CA  1 
ATOM 700 C C   . ASP A 1 89  ? 7.414   -12.765 1.569   1.00 89.31  ? 89  ASP A C   1 
ATOM 701 O O   . ASP A 1 89  ? 6.852   -12.365 0.547   1.00 89.37  ? 89  ASP A O   1 
ATOM 702 C CB  . ASP A 1 89  ? 9.122   -11.043 2.240   1.00 88.90  ? 89  ASP A CB  1 
ATOM 703 C CG  . ASP A 1 89  ? 8.656   -10.762 3.665   1.00 88.74  ? 89  ASP A CG  1 
ATOM 704 O OD1 . ASP A 1 89  ? 7.594   -11.279 4.077   1.00 88.59  ? 89  ASP A OD1 1 
ATOM 705 O OD2 . ASP A 1 89  ? 9.354   -10.003 4.374   1.00 88.95  ? 89  ASP A OD2 1 
ATOM 706 N N   . SER A 1 90  ? 6.794   -13.448 2.523   1.00 89.68  ? 90  SER A N   1 
ATOM 707 C CA  . SER A 1 90  ? 5.388   -13.816 2.434   1.00 90.16  ? 90  SER A CA  1 
ATOM 708 C C   . SER A 1 90  ? 4.517   -12.579 2.573   1.00 90.31  ? 90  SER A C   1 
ATOM 709 O O   . SER A 1 90  ? 3.544   -12.399 1.831   1.00 90.23  ? 90  SER A O   1 
ATOM 710 C CB  . SER A 1 90  ? 5.031   -14.802 3.553   1.00 90.25  ? 90  SER A CB  1 
ATOM 711 O OG  . SER A 1 90  ? 6.181   -15.472 4.054   1.00 90.86  ? 90  SER A OG  1 
ATOM 712 N N   . GLN A 1 91  ? 4.903   -11.726 3.520   1.00 90.56  ? 91  GLN A N   1 
ATOM 713 C CA  . GLN A 1 91  ? 4.088   -10.610 3.991   1.00 90.87  ? 91  GLN A CA  1 
ATOM 714 C C   . GLN A 1 91  ? 3.926   -9.478  2.981   1.00 91.07  ? 91  GLN A C   1 
ATOM 715 O O   . GLN A 1 91  ? 2.983   -8.689  3.082   1.00 91.09  ? 91  GLN A O   1 
ATOM 716 C CB  . GLN A 1 91  ? 4.660   -10.058 5.298   1.00 90.78  ? 91  GLN A CB  1 
ATOM 717 C CG  . GLN A 1 91  ? 4.788   -11.093 6.407   1.00 90.86  ? 91  GLN A CG  1 
ATOM 718 C CD  . GLN A 1 91  ? 5.319   -10.500 7.697   1.00 91.07  ? 91  GLN A CD  1 
ATOM 719 O OE1 . GLN A 1 91  ? 6.437   -10.804 8.122   1.00 91.43  ? 91  GLN A OE1 1 
ATOM 720 N NE2 . GLN A 1 91  ? 4.522   -9.640  8.324   1.00 91.29  ? 91  GLN A NE2 1 
ATOM 721 N N   . ILE A 1 92  ? 4.843   -9.395  2.017   1.00 91.36  ? 92  ILE A N   1 
ATOM 722 C CA  . ILE A 1 92  ? 4.788   -8.356  0.984   1.00 91.59  ? 92  ILE A CA  1 
ATOM 723 C C   . ILE A 1 92  ? 3.420   -8.329  0.284   1.00 92.02  ? 92  ILE A C   1 
ATOM 724 O O   . ILE A 1 92  ? 2.780   -7.278  0.203   1.00 92.23  ? 92  ILE A O   1 
ATOM 725 C CB  . ILE A 1 92  ? 5.956   -8.484  -0.031  1.00 91.42  ? 92  ILE A CB  1 
ATOM 726 C CG1 . ILE A 1 92  ? 7.284   -8.143  0.649   1.00 91.13  ? 92  ILE A CG1 1 
ATOM 727 C CG2 . ILE A 1 92  ? 5.733   -7.578  -1.237  1.00 91.40  ? 92  ILE A CG2 1 
ATOM 728 C CD1 . ILE A 1 92  ? 8.515   -8.431  -0.184  1.00 91.30  ? 92  ILE A CD1 1 
ATOM 729 N N   . CYS A 1 93  ? 2.960   -9.488  -0.183  1.00 92.40  ? 93  CYS A N   1 
ATOM 730 C CA  . CYS A 1 93  ? 1.682   -9.579  -0.891  1.00 92.70  ? 93  CYS A CA  1 
ATOM 731 C C   . CYS A 1 93  ? 0.472   -9.691  0.041   1.00 93.47  ? 93  CYS A C   1 
ATOM 732 O O   . CYS A 1 93  ? -0.675  -9.654  -0.413  1.00 93.46  ? 93  CYS A O   1 
ATOM 733 C CB  . CYS A 1 93  ? 1.715   -10.728 -1.895  1.00 92.36  ? 93  CYS A CB  1 
ATOM 734 S SG  . CYS A 1 93  ? 2.911   -10.463 -3.218  1.00 90.54  ? 93  CYS A SG  1 
ATOM 735 N N   . GLU A 1 94  ? 0.744   -9.811  1.340   1.00 94.46  ? 94  GLU A N   1 
ATOM 736 C CA  . GLU A 1 94  ? -0.284  -9.818  2.387   1.00 95.47  ? 94  GLU A CA  1 
ATOM 737 C C   . GLU A 1 94  ? -0.997  -8.466  2.492   1.00 96.06  ? 94  GLU A C   1 
ATOM 738 O O   . GLU A 1 94  ? -2.129  -8.382  2.978   1.00 96.19  ? 94  GLU A O   1 
ATOM 739 C CB  . GLU A 1 94  ? 0.358   -10.133 3.741   1.00 95.48  ? 94  GLU A CB  1 
ATOM 740 C CG  . GLU A 1 94  ? -0.516  -10.906 4.706   1.00 95.83  ? 94  GLU A CG  1 
ATOM 741 C CD  . GLU A 1 94  ? -0.152  -12.378 4.754   1.00 96.52  ? 94  GLU A CD  1 
ATOM 742 O OE1 . GLU A 1 94  ? 1.009   -12.700 5.103   1.00 96.49  ? 94  GLU A OE1 1 
ATOM 743 O OE2 . GLU A 1 94  ? -1.031  -13.214 4.450   1.00 97.13  ? 94  GLU A OE2 1 
ATOM 744 N N   . LEU A 1 95  ? -0.318  -7.414  2.043   1.00 96.73  ? 95  LEU A N   1 
ATOM 745 C CA  . LEU A 1 95  ? -0.823  -6.057  2.168   1.00 97.46  ? 95  LEU A CA  1 
ATOM 746 C C   . LEU A 1 95  ? -1.903  -5.773  1.135   1.00 98.05  ? 95  LEU A C   1 
ATOM 747 O O   . LEU A 1 95  ? -1.710  -5.979  -0.064  1.00 98.06  ? 95  LEU A O   1 
ATOM 748 C CB  . LEU A 1 95  ? 0.321   -5.042  2.061   1.00 97.40  ? 95  LEU A CB  1 
ATOM 749 C CG  . LEU A 1 95  ? 1.560   -5.295  2.935   1.00 97.46  ? 95  LEU A CG  1 
ATOM 750 C CD1 . LEU A 1 95  ? 2.671   -4.337  2.578   1.00 97.26  ? 95  LEU A CD1 1 
ATOM 751 C CD2 . LEU A 1 95  ? 1.244   -5.210  4.426   1.00 97.73  ? 95  LEU A CD2 1 
ATOM 752 N N   . LYS A 1 96  ? -3.049  -5.320  1.632   1.00 98.91  ? 96  LYS A N   1 
ATOM 753 C CA  . LYS A 1 96  ? -4.191  -4.944  0.809   1.00 99.80  ? 96  LYS A CA  1 
ATOM 754 C C   . LYS A 1 96  ? -4.803  -3.683  1.406   1.00 100.45 ? 96  LYS A C   1 
ATOM 755 O O   . LYS A 1 96  ? -4.790  -3.497  2.623   1.00 100.44 ? 96  LYS A O   1 
ATOM 756 C CB  . LYS A 1 96  ? -5.221  -6.076  0.765   1.00 99.76  ? 96  LYS A CB  1 
ATOM 757 C CG  . LYS A 1 96  ? -4.727  -7.353  0.099   1.00 99.96  ? 96  LYS A CG  1 
ATOM 758 C CD  . LYS A 1 96  ? -5.445  -8.575  0.644   1.00 100.18 ? 96  LYS A CD  1 
ATOM 759 C CE  . LYS A 1 96  ? -4.562  -9.821  0.582   1.00 100.55 ? 96  LYS A CE  1 
ATOM 760 N NZ  . LYS A 1 96  ? -4.305  -10.304 -0.811  1.00 100.96 ? 96  LYS A NZ  1 
ATOM 761 N N   . TYR A 1 97  ? -5.332  -2.817  0.545   1.00 101.43 ? 97  TYR A N   1 
ATOM 762 C CA  . TYR A 1 97  ? -5.860  -1.518  0.972   1.00 102.43 ? 97  TYR A CA  1 
ATOM 763 C C   . TYR A 1 97  ? -7.155  -1.627  1.778   1.00 103.25 ? 97  TYR A C   1 
ATOM 764 O O   . TYR A 1 97  ? -7.883  -2.617  1.662   1.00 103.31 ? 97  TYR A O   1 
ATOM 765 C CB  . TYR A 1 97  ? -6.050  -0.593  -0.238  1.00 102.32 ? 97  TYR A CB  1 
ATOM 766 C CG  . TYR A 1 97  ? -4.751  -0.052  -0.807  1.00 102.36 ? 97  TYR A CG  1 
ATOM 767 C CD1 . TYR A 1 97  ? -3.951  0.820   -0.064  1.00 102.27 ? 97  TYR A CD1 1 
ATOM 768 C CD2 . TYR A 1 97  ? -4.325  -0.403  -2.090  1.00 102.13 ? 97  TYR A CD2 1 
ATOM 769 C CE1 . TYR A 1 97  ? -2.759  1.322   -0.577  1.00 102.00 ? 97  TYR A CE1 1 
ATOM 770 C CE2 . TYR A 1 97  ? -3.131  0.095   -2.611  1.00 101.91 ? 97  TYR A CE2 1 
ATOM 771 C CZ  . TYR A 1 97  ? -2.357  0.956   -1.847  1.00 101.92 ? 97  TYR A CZ  1 
ATOM 772 O OH  . TYR A 1 97  ? -1.177  1.459   -2.342  1.00 102.06 ? 97  TYR A OH  1 
ATOM 773 N N   . ASP A 1 98  ? -7.424  -0.608  2.599   1.00 104.34 ? 98  ASP A N   1 
ATOM 774 C CA  . ASP A 1 98  ? -8.636  -0.549  3.429   1.00 105.33 ? 98  ASP A CA  1 
ATOM 775 C C   . ASP A 1 98  ? -9.759  0.215   2.736   1.00 105.99 ? 98  ASP A C   1 
ATOM 776 O O   . ASP A 1 98  ? -9.544  1.322   2.233   1.00 106.09 ? 98  ASP A O   1 
ATOM 777 C CB  . ASP A 1 98  ? -8.332  0.074   4.796   1.00 105.32 ? 98  ASP A CB  1 
ATOM 778 C CG  . ASP A 1 98  ? -7.488  -0.831  5.678   1.00 105.52 ? 98  ASP A CG  1 
ATOM 779 O OD1 . ASP A 1 98  ? -7.869  -2.008  5.874   1.00 105.64 ? 98  ASP A OD1 1 
ATOM 780 O OD2 . ASP A 1 98  ? -6.444  -0.360  6.183   1.00 105.54 ? 98  ASP A OD2 1 
ATOM 781 N N   . LYS A 1 99  ? -10.953 -0.381  2.732   1.00 106.88 ? 99  LYS A N   1 
ATOM 782 C CA  . LYS A 1 99  ? -12.096 0.126   1.961   1.00 107.75 ? 99  LYS A CA  1 
ATOM 783 C C   . LYS A 1 99  ? -12.869 1.255   2.654   1.00 108.40 ? 99  LYS A C   1 
ATOM 784 O O   . LYS A 1 99  ? -12.932 1.316   3.886   1.00 108.46 ? 99  LYS A O   1 
ATOM 785 C CB  . LYS A 1 99  ? -13.040 -1.020  1.594   1.00 107.65 ? 99  LYS A CB  1 
ATOM 786 N N   . GLN A 1 100 ? -13.443 2.140   1.837   1.00 109.23 ? 100 GLN A N   1 
ATOM 787 C CA  . GLN A 1 100 ? -14.304 3.231   2.305   1.00 109.94 ? 100 GLN A CA  1 
ATOM 788 C C   . GLN A 1 100 ? -15.663 3.172   1.600   1.00 110.46 ? 100 GLN A C   1 
ATOM 789 O O   . GLN A 1 100 ? -15.728 3.029   0.374   1.00 110.53 ? 100 GLN A O   1 
ATOM 790 C CB  . GLN A 1 100 ? -13.631 4.581   2.072   1.00 109.84 ? 100 GLN A CB  1 
ATOM 791 N N   . ILE A 1 101 ? -16.741 3.276   2.379   1.00 111.12 ? 101 ILE A N   1 
ATOM 792 C CA  . ILE A 1 101 ? -18.108 3.207   1.849   1.00 111.79 ? 101 ILE A CA  1 
ATOM 793 C C   . ILE A 1 101 ? -18.574 4.548   1.260   1.00 112.30 ? 101 ILE A C   1 
ATOM 794 O O   . ILE A 1 101 ? -17.833 5.535   1.292   1.00 112.41 ? 101 ILE A O   1 
ATOM 795 C CB  . ILE A 1 101 ? -19.069 2.718   2.930   1.00 111.73 ? 101 ILE A CB  1 
ATOM 796 N N   . ASP A 1 102 ? -19.796 4.578   0.725   1.00 112.91 ? 102 ASP A N   1 
ATOM 797 C CA  . ASP A 1 102 ? -20.338 5.785   0.078   1.00 113.55 ? 102 ASP A CA  1 
ATOM 798 C C   . ASP A 1 102 ? -21.144 6.758   0.975   1.00 113.97 ? 102 ASP A C   1 
ATOM 799 O O   . ASP A 1 102 ? -20.883 7.959   0.936   1.00 114.01 ? 102 ASP A O   1 
ATOM 800 C CB  . ASP A 1 102 ? -21.124 5.422   -1.198  1.00 113.54 ? 102 ASP A CB  1 
ATOM 801 N N   . LEU A 1 103 ? -22.100 6.286   1.785   1.00 114.50 ? 103 LEU A N   1 
ATOM 802 C CA  . LEU A 1 103 ? -22.427 4.872   1.976   1.00 115.00 ? 103 LEU A CA  1 
ATOM 803 C C   . LEU A 1 103 ? -23.455 4.370   0.968   1.00 115.30 ? 103 LEU A C   1 
ATOM 804 O O   . LEU A 1 103 ? -23.279 3.298   0.382   1.00 115.30 ? 103 LEU A O   1 
ATOM 805 C CB  . LEU A 1 103 ? -22.914 4.629   3.404   1.00 115.04 ? 103 LEU A CB  1 
ATOM 806 N N   . SER A 1 104 ? -24.514 5.156   0.767   1.00 115.73 ? 104 SER A N   1 
ATOM 807 C CA  . SER A 1 104 ? -25.634 4.783   -0.104  1.00 116.15 ? 104 SER A CA  1 
ATOM 808 C C   . SER A 1 104 ? -26.074 3.322   0.101   1.00 116.45 ? 104 SER A C   1 
ATOM 809 O O   . SER A 1 104 ? -26.297 2.580   -0.863  1.00 116.53 ? 104 SER A O   1 
ATOM 810 C CB  . SER A 1 104 ? -25.296 5.071   -1.572  1.00 116.12 ? 104 SER A CB  1 
ATOM 811 N N   . THR A 1 105 ? -26.182 2.928   1.373   1.00 116.79 ? 105 THR A N   1 
ATOM 812 C CA  . THR A 1 105 ? -26.595 1.577   1.776   1.00 117.05 ? 105 THR A CA  1 
ATOM 813 C C   . THR A 1 105 ? -27.274 1.597   3.151   1.00 117.21 ? 105 THR A C   1 
ATOM 814 O O   . THR A 1 105 ? -27.030 2.500   3.956   1.00 117.27 ? 105 THR A O   1 
ATOM 815 C CB  . THR A 1 105 ? -25.400 0.632   1.782   1.00 117.06 ? 105 THR A CB  1 
ATOM 816 N N   . VAL A 1 106 ? -28.116 0.597   3.416   1.00 117.40 ? 106 VAL A N   1 
ATOM 817 C CA  . VAL A 1 106 ? -28.938 0.556   4.633   1.00 117.62 ? 106 VAL A CA  1 
ATOM 818 C C   . VAL A 1 106 ? -28.157 0.186   5.910   1.00 117.77 ? 106 VAL A C   1 
ATOM 819 O O   . VAL A 1 106 ? -27.090 0.748   6.179   1.00 117.73 ? 106 VAL A O   1 
ATOM 820 C CB  . VAL A 1 106 ? -30.144 -0.371  4.427   1.00 117.58 ? 106 VAL A CB  1 
ATOM 821 N N   . ASP A 1 107 ? -28.702 -0.748  6.694   1.00 118.00 ? 107 ASP A N   1 
ATOM 822 C CA  . ASP A 1 107 ? -28.080 -1.198  7.944   1.00 118.17 ? 107 ASP A CA  1 
ATOM 823 C C   . ASP A 1 107 ? -26.937 -2.187  7.692   1.00 118.31 ? 107 ASP A C   1 
ATOM 824 O O   . ASP A 1 107 ? -27.171 -3.378  7.454   1.00 118.32 ? 107 ASP A O   1 
ATOM 825 C CB  . ASP A 1 107 ? -29.129 -1.804  8.876   1.00 118.10 ? 107 ASP A CB  1 
ATOM 826 N N   . LEU A 1 108 ? -25.705 -1.679  7.754   1.00 118.43 ? 108 LEU A N   1 
ATOM 827 C CA  . LEU A 1 108 ? -24.497 -2.465  7.468   1.00 118.50 ? 108 LEU A CA  1 
ATOM 828 C C   . LEU A 1 108 ? -24.077 -3.376  8.634   1.00 118.58 ? 108 LEU A C   1 
ATOM 829 O O   . LEU A 1 108 ? -24.911 -3.756  9.465   1.00 118.66 ? 108 LEU A O   1 
ATOM 830 C CB  . LEU A 1 108 ? -23.350 -1.538  7.053   1.00 118.46 ? 108 LEU A CB  1 
ATOM 831 N N   . LYS A 1 109 ? -22.788 -3.723  8.686   1.00 118.58 ? 109 LYS A N   1 
ATOM 832 C CA  . LYS A 1 109 ? -22.251 -4.623  9.714   1.00 118.57 ? 109 LYS A CA  1 
ATOM 833 C C   . LYS A 1 109 ? -22.198 -3.979  11.107  1.00 118.58 ? 109 LYS A C   1 
ATOM 834 O O   . LYS A 1 109 ? -21.626 -2.896  11.282  1.00 118.58 ? 109 LYS A O   1 
ATOM 835 C CB  . LYS A 1 109 ? -20.875 -5.147  9.302   1.00 118.51 ? 109 LYS A CB  1 
ATOM 836 N N   . LYS A 1 110 ? -22.790 -4.670  12.085  1.00 118.57 ? 110 LYS A N   1 
ATOM 837 C CA  . LYS A 1 110 ? -22.942 -4.195  13.471  1.00 118.46 ? 110 LYS A CA  1 
ATOM 838 C C   . LYS A 1 110 ? -21.680 -3.598  14.109  1.00 118.43 ? 110 LYS A C   1 
ATOM 839 O O   . LYS A 1 110 ? -21.770 -2.711  14.961  1.00 118.39 ? 110 LYS A O   1 
ATOM 840 C CB  . LYS A 1 110 ? -23.496 -5.315  14.349  1.00 118.43 ? 110 LYS A CB  1 
ATOM 841 N N   . LEU A 1 111 ? -20.515 -4.091  13.696  1.00 118.36 ? 111 LEU A N   1 
ATOM 842 C CA  . LEU A 1 111 ? -19.238 -3.620  14.226  1.00 118.29 ? 111 LEU A CA  1 
ATOM 843 C C   . LEU A 1 111 ? -18.522 -2.667  13.268  1.00 118.23 ? 111 LEU A C   1 
ATOM 844 O O   . LEU A 1 111 ? -17.551 -2.010  13.649  1.00 118.21 ? 111 LEU A O   1 
ATOM 845 C CB  . LEU A 1 111 ? -18.342 -4.806  14.574  1.00 118.31 ? 111 LEU A CB  1 
ATOM 846 N N   . ARG A 1 112 ? -19.006 -2.595  12.029  1.00 118.17 ? 112 ARG A N   1 
ATOM 847 C CA  . ARG A 1 112 ? -18.398 -1.744  11.002  1.00 118.12 ? 112 ARG A CA  1 
ATOM 848 C C   . ARG A 1 112 ? -18.873 -0.296  11.084  1.00 118.05 ? 112 ARG A C   1 
ATOM 849 O O   . ARG A 1 112 ? -18.172 0.617   10.641  1.00 118.07 ? 112 ARG A O   1 
ATOM 850 C CB  . ARG A 1 112 ? -18.657 -2.311  9.612   1.00 118.20 ? 112 ARG A CB  1 
ATOM 851 N N   . VAL A 1 113 ? -20.063 -0.095  11.651  1.00 117.93 ? 113 VAL A N   1 
ATOM 852 C CA  . VAL A 1 113 ? -20.613 1.241   11.862  1.00 117.84 ? 113 VAL A CA  1 
ATOM 853 C C   . VAL A 1 113 ? -19.697 2.095   12.745  1.00 117.83 ? 113 VAL A C   1 
ATOM 854 O O   . VAL A 1 113 ? -19.683 3.321   12.629  1.00 117.87 ? 113 VAL A O   1 
ATOM 855 C CB  . VAL A 1 113 ? -22.008 1.149   12.466  1.00 117.71 ? 113 VAL A CB  1 
ATOM 856 N N   . LYS A 1 114 ? -18.928 1.432   13.608  1.00 117.85 ? 114 LYS A N   1 
ATOM 857 C CA  . LYS A 1 114 ? -18.010 2.098   14.537  1.00 117.90 ? 114 LYS A CA  1 
ATOM 858 C C   . LYS A 1 114 ? -16.834 2.766   13.835  1.00 117.95 ? 114 LYS A C   1 
ATOM 859 O O   . LYS A 1 114 ? -16.487 3.904   14.158  1.00 117.92 ? 114 LYS A O   1 
ATOM 860 C CB  . LYS A 1 114 ? -17.510 1.109   15.591  1.00 117.91 ? 114 LYS A CB  1 
ATOM 861 N N   . GLU A 1 115 ? -16.228 2.055   12.884  1.00 118.08 ? 115 GLU A N   1 
ATOM 862 C CA  . GLU A 1 115 ? -15.113 2.583   12.090  1.00 118.16 ? 115 GLU A CA  1 
ATOM 863 C C   . GLU A 1 115 ? -15.557 3.718   11.168  1.00 118.20 ? 115 GLU A C   1 
ATOM 864 O O   . GLU A 1 115 ? -14.800 4.664   10.940  1.00 118.20 ? 115 GLU A O   1 
ATOM 865 C CB  . GLU A 1 115 ? -14.450 1.470   11.285  1.00 118.17 ? 115 GLU A CB  1 
ATOM 866 N N   . LEU A 1 116 ? -16.778 3.611   10.643  1.00 118.24 ? 116 LEU A N   1 
ATOM 867 C CA  . LEU A 1 116 ? -17.389 4.663   9.828   1.00 118.28 ? 116 LEU A CA  1 
ATOM 868 C C   . LEU A 1 116 ? -17.501 5.960   10.625  1.00 118.39 ? 116 LEU A C   1 
ATOM 869 O O   . LEU A 1 116 ? -17.240 7.044   10.099  1.00 118.38 ? 116 LEU A O   1 
ATOM 870 C CB  . LEU A 1 116 ? -18.758 4.221   9.325   1.00 118.19 ? 116 LEU A CB  1 
ATOM 871 N N   . LYS A 1 117 ? -17.877 5.832   11.899  1.00 118.57 ? 117 LYS A N   1 
ATOM 872 C CA  . LYS A 1 117 ? -17.953 6.963   12.827  1.00 118.62 ? 117 LYS A CA  1 
ATOM 873 C C   . LYS A 1 117 ? -16.606 7.254   13.495  1.00 118.66 ? 117 LYS A C   1 
ATOM 874 O O   . LYS A 1 117 ? -16.462 8.257   14.199  1.00 118.66 ? 117 LYS A O   1 
ATOM 875 C CB  . LYS A 1 117 ? -19.040 6.724   13.878  1.00 118.59 ? 117 LYS A CB  1 
ATOM 876 N N   . LYS A 1 118 ? -15.628 6.372   13.274  1.00 118.72 ? 118 LYS A N   1 
ATOM 877 C CA  . LYS A 1 118 ? -14.260 6.590   13.747  1.00 118.77 ? 118 LYS A CA  1 
ATOM 878 C C   . LYS A 1 118 ? -13.418 7.325   12.701  1.00 118.82 ? 118 LYS A C   1 
ATOM 879 O O   . LYS A 1 118 ? -12.500 8.075   13.051  1.00 118.87 ? 118 LYS A O   1 
ATOM 880 C CB  . LYS A 1 118 ? -13.603 5.271   14.133  1.00 118.75 ? 118 LYS A CB  1 
ATOM 881 N N   . ILE A 1 119 ? -13.734 7.099   11.423  1.00 118.79 ? 119 ILE A N   1 
ATOM 882 C CA  . ILE A 1 119 ? -13.053 7.760   10.304  1.00 118.69 ? 119 ILE A CA  1 
ATOM 883 C C   . ILE A 1 119 ? -13.455 9.232   10.209  1.00 118.61 ? 119 ILE A C   1 
ATOM 884 O O   . ILE A 1 119 ? -12.614 10.098  9.950   1.00 118.59 ? 119 ILE A O   1 
ATOM 885 C CB  . ILE A 1 119 ? -13.337 7.034   8.991   1.00 118.69 ? 119 ILE A CB  1 
ATOM 886 N N   . LEU A 1 120 ? -14.741 9.502   10.425  1.00 118.48 ? 120 LEU A N   1 
ATOM 887 C CA  . LEU A 1 120 ? -15.242 10.867  10.549  1.00 118.40 ? 120 LEU A CA  1 
ATOM 888 C C   . LEU A 1 120 ? -14.797 11.489  11.878  1.00 118.40 ? 120 LEU A C   1 
ATOM 889 O O   . LEU A 1 120 ? -15.069 12.665  12.138  1.00 118.52 ? 120 LEU A O   1 
ATOM 890 C CB  . LEU A 1 120 ? -16.760 10.889  10.424  1.00 118.36 ? 120 LEU A CB  1 
ATOM 891 N N   . ASP A 1 121 ? -14.111 10.683  12.699  1.00 118.30 ? 121 ASP A N   1 
ATOM 892 C CA  . ASP A 1 121 ? -13.563 11.076  14.013  1.00 118.17 ? 121 ASP A CA  1 
ATOM 893 C C   . ASP A 1 121 ? -14.571 11.725  14.970  1.00 118.04 ? 121 ASP A C   1 
ATOM 894 O O   . ASP A 1 121 ? -14.548 12.939  15.204  1.00 118.07 ? 121 ASP A O   1 
ATOM 895 C CB  . ASP A 1 121 ? -12.299 11.942  13.856  1.00 118.22 ? 121 ASP A CB  1 
ATOM 896 N N   . ASP A 1 122 ? -15.456 10.893  15.513  1.00 117.82 ? 122 ASP A N   1 
ATOM 897 C CA  . ASP A 1 122 ? -16.448 11.324  16.488  1.00 117.64 ? 122 ASP A CA  1 
ATOM 898 C C   . ASP A 1 122 ? -16.791 10.167  17.425  1.00 117.50 ? 122 ASP A C   1 
ATOM 899 O O   . ASP A 1 122 ? -16.793 9.003   17.013  1.00 117.52 ? 122 ASP A O   1 
ATOM 900 C CB  . ASP A 1 122 ? -17.699 11.844  15.784  1.00 117.66 ? 122 ASP A CB  1 
ATOM 901 N N   . TRP A 1 123 ? -17.075 10.494  18.685  1.00 117.26 ? 123 TRP A N   1 
ATOM 902 C CA  . TRP A 1 123 ? -17.398 9.485   19.692  1.00 116.97 ? 123 TRP A CA  1 
ATOM 903 C C   . TRP A 1 123 ? -18.843 9.001   19.572  1.00 116.78 ? 123 TRP A C   1 
ATOM 904 O O   . TRP A 1 123 ? -19.771 9.805   19.448  1.00 116.84 ? 123 TRP A O   1 
ATOM 905 C CB  . TRP A 1 123 ? -17.121 10.023  21.097  1.00 116.95 ? 123 TRP A CB  1 
ATOM 906 N N   . GLY A 1 124 ? -19.015 7.680   19.584  1.00 116.52 ? 124 GLY A N   1 
ATOM 907 C CA  . GLY A 1 124 ? -20.332 7.057   19.687  1.00 116.16 ? 124 GLY A CA  1 
ATOM 908 C C   . GLY A 1 124 ? -20.446 6.477   21.080  1.00 115.96 ? 124 GLY A C   1 
ATOM 909 O O   . GLY A 1 124 ? -20.637 5.274   21.247  1.00 115.96 ? 124 GLY A O   1 
ATOM 910 N N   . GLU A 1 125 ? -20.323 7.352   22.075  1.00 115.78 ? 125 GLU A N   1 
ATOM 911 C CA  . GLU A 1 125 ? -20.162 6.968   23.476  1.00 115.62 ? 125 GLU A CA  1 
ATOM 912 C C   . GLU A 1 125 ? -21.315 6.143   24.049  1.00 115.56 ? 125 GLU A C   1 
ATOM 913 O O   . GLU A 1 125 ? -22.455 6.610   24.133  1.00 115.53 ? 125 GLU A O   1 
ATOM 914 C CB  . GLU A 1 125 ? -19.902 8.202   24.335  1.00 115.56 ? 125 GLU A CB  1 
ATOM 915 N N   . THR A 1 126 ? -20.986 4.908   24.425  1.00 115.52 ? 126 THR A N   1 
ATOM 916 C CA  . THR A 1 126 ? -21.891 3.984   25.118  1.00 115.46 ? 126 THR A CA  1 
ATOM 917 C C   . THR A 1 126 ? -23.135 3.571   24.325  1.00 115.42 ? 126 THR A C   1 
ATOM 918 O O   . THR A 1 126 ? -24.232 3.463   24.881  1.00 115.34 ? 126 THR A O   1 
ATOM 919 C CB  . THR A 1 126 ? -22.277 4.547   26.469  1.00 115.49 ? 126 THR A CB  1 
ATOM 920 N N   . CYS A 1 127 ? -22.946 3.316   23.033  1.00 115.43 ? 127 CYS A N   1 
ATOM 921 C CA  . CYS A 1 127 ? -24.040 2.934   22.137  1.00 115.43 ? 127 CYS A CA  1 
ATOM 922 C C   . CYS A 1 127 ? -24.235 1.415   22.043  1.00 115.45 ? 127 CYS A C   1 
ATOM 923 O O   . CYS A 1 127 ? -23.329 0.642   22.378  1.00 115.38 ? 127 CYS A O   1 
ATOM 924 C CB  . CYS A 1 127 ? -23.798 3.508   20.739  1.00 115.43 ? 127 CYS A CB  1 
ATOM 925 S SG  . CYS A 1 127 ? -23.820 5.318   20.606  1.00 115.26 ? 127 CYS A SG  1 
ATOM 926 N N   . LYS A 1 128 ? -25.425 1.008   21.590  1.00 115.51 ? 128 LYS A N   1 
ATOM 927 C CA  . LYS A 1 128 ? -25.760 -0.396  21.301  1.00 115.51 ? 128 LYS A CA  1 
ATOM 928 C C   . LYS A 1 128 ? -26.793 -0.487  20.165  1.00 115.54 ? 128 LYS A C   1 
ATOM 929 O O   . LYS A 1 128 ? -27.909 -0.984  20.355  1.00 115.52 ? 128 LYS A O   1 
ATOM 930 C CB  . LYS A 1 128 ? -26.267 -1.101  22.559  1.00 115.48 ? 128 LYS A CB  1 
ATOM 931 N N   . GLY A 1 129 ? -26.397 -0.015  18.983  1.00 115.55 ? 129 GLY A N   1 
ATOM 932 C CA  . GLY A 1 129 ? -27.310 0.175   17.851  1.00 115.55 ? 129 GLY A CA  1 
ATOM 933 C C   . GLY A 1 129 ? -27.399 1.656   17.517  1.00 115.56 ? 129 GLY A C   1 
ATOM 934 O O   . GLY A 1 129 ? -28.495 2.222   17.398  1.00 115.52 ? 129 GLY A O   1 
ATOM 935 N N   . CYS A 1 130 ? -26.227 2.272   17.358  1.00 115.51 ? 130 CYS A N   1 
ATOM 936 C CA  . CYS A 1 130 ? -26.089 3.722   17.236  1.00 115.35 ? 130 CYS A CA  1 
ATOM 937 C C   . CYS A 1 130 ? -26.044 4.166   15.775  1.00 115.20 ? 130 CYS A C   1 
ATOM 938 O O   . CYS A 1 130 ? -25.122 4.874   15.353  1.00 115.15 ? 130 CYS A O   1 
ATOM 939 C CB  . CYS A 1 130 ? -24.821 4.178   17.962  1.00 115.43 ? 130 CYS A CB  1 
ATOM 940 S SG  . CYS A 1 130 ? -24.985 5.677   18.967  1.00 115.54 ? 130 CYS A SG  1 
ATOM 941 N N   . ALA A 1 131 ? -27.043 3.738   15.007  1.00 115.04 ? 131 ALA A N   1 
ATOM 942 C CA  . ALA A 1 131 ? -27.225 4.214   13.641  1.00 114.86 ? 131 ALA A CA  1 
ATOM 943 C C   . ALA A 1 131 ? -27.707 5.657   13.687  1.00 114.78 ? 131 ALA A C   1 
ATOM 944 O O   . ALA A 1 131 ? -27.508 6.419   12.741  1.00 114.68 ? 131 ALA A O   1 
ATOM 945 C CB  . ALA A 1 131 ? -28.222 3.338   12.896  1.00 114.81 ? 131 ALA A CB  1 
ATOM 946 N N   . GLU A 1 132 ? -28.331 6.014   14.810  1.00 114.74 ? 132 GLU A N   1 
ATOM 947 C CA  . GLU A 1 132 ? -28.846 7.361   15.050  1.00 114.70 ? 132 GLU A CA  1 
ATOM 948 C C   . GLU A 1 132 ? -27.761 8.427   14.942  1.00 114.67 ? 132 GLU A C   1 
ATOM 949 O O   . GLU A 1 132 ? -28.009 9.504   14.403  1.00 114.67 ? 132 GLU A O   1 
ATOM 950 C CB  . GLU A 1 132 ? -29.537 7.434   16.409  1.00 114.67 ? 132 GLU A CB  1 
ATOM 951 N N   . LYS A 1 133 ? -26.566 8.118   15.448  1.00 114.66 ? 133 LYS A N   1 
ATOM 952 C CA  . LYS A 1 133 ? -25.435 9.045   15.404  1.00 114.71 ? 133 LYS A CA  1 
ATOM 953 C C   . LYS A 1 133 ? -24.921 9.263   13.981  1.00 114.80 ? 133 LYS A C   1 
ATOM 954 O O   . LYS A 1 133 ? -24.710 10.404  13.567  1.00 114.85 ? 133 LYS A O   1 
ATOM 955 C CB  . LYS A 1 133 ? -24.309 8.569   16.315  1.00 114.63 ? 133 LYS A CB  1 
ATOM 956 N N   . SER A 1 134 ? -24.737 8.169   13.240  1.00 114.89 ? 134 SER A N   1 
ATOM 957 C CA  . SER A 1 134 ? -24.189 8.221   11.875  1.00 114.91 ? 134 SER A CA  1 
ATOM 958 C C   . SER A 1 134 ? -25.155 8.822   10.842  1.00 114.90 ? 134 SER A C   1 
ATOM 959 O O   . SER A 1 134 ? -24.727 9.521   9.920   1.00 114.94 ? 134 SER A O   1 
ATOM 960 C CB  . SER A 1 134 ? -23.712 6.837   11.434  1.00 114.85 ? 134 SER A CB  1 
ATOM 961 N N   . ASP A 1 135 ? -26.451 8.545   11.000  1.00 114.87 ? 135 ASP A N   1 
ATOM 962 C CA  . ASP A 1 135 ? -27.486 9.122   10.135  1.00 114.74 ? 135 ASP A CA  1 
ATOM 963 C C   . ASP A 1 135 ? -27.860 10.536  10.586  1.00 114.69 ? 135 ASP A C   1 
ATOM 964 O O   . ASP A 1 135 ? -28.800 11.139  10.060  1.00 114.68 ? 135 ASP A O   1 
ATOM 965 C CB  . ASP A 1 135 ? -28.718 8.221   10.095  1.00 114.71 ? 135 ASP A CB  1 
ATOM 966 N N   . TYR A 1 136 ? -27.119 11.052  11.567  1.00 114.63 ? 136 TYR A N   1 
ATOM 967 C CA  . TYR A 1 136 ? -27.288 12.418  12.056  1.00 114.58 ? 136 TYR A CA  1 
ATOM 968 C C   . TYR A 1 136 ? -25.946 13.156  12.134  1.00 114.52 ? 136 TYR A C   1 
ATOM 969 O O   . TYR A 1 136 ? -25.786 14.094  12.922  1.00 114.53 ? 136 TYR A O   1 
ATOM 970 C CB  . TYR A 1 136 ? -27.992 12.420  13.411  1.00 114.58 ? 136 TYR A CB  1 
ATOM 971 N N   . ILE A 1 137 ? -24.991 12.725  11.312  1.00 114.42 ? 137 ILE A N   1 
ATOM 972 C CA  . ILE A 1 137 ? -23.691 13.387  11.199  1.00 114.32 ? 137 ILE A CA  1 
ATOM 973 C C   . ILE A 1 137 ? -23.149 13.294  9.774   1.00 114.29 ? 137 ILE A C   1 
ATOM 974 O O   . ILE A 1 137 ? -23.912 13.145  8.814   1.00 114.24 ? 137 ILE A O   1 
ATOM 975 C CB  . ILE A 1 137 ? -22.698 12.798  12.194  1.00 114.23 ? 137 ILE A CB  1 
# 
